data_4OYT
#
_entry.id   4OYT
#
_cell.length_a   100.619
_cell.length_b   58.115
_cell.length_c   236.614
_cell.angle_alpha   90.000
_cell.angle_beta   90.000
_cell.angle_gamma   90.000
#
_symmetry.space_group_name_H-M   'C 1 2 1'
#
loop_
_entity.id
_entity.type
_entity.pdbx_description
1 polymer 'Serine hydroxymethyltransferase, putative'
2 non-polymer '(2R)-2-[(E)-[2-methyl-3-oxidanyl-5-(phosphonooxymethyl)pyridin-4-yl]methylideneamino]-3-oxidanyl-propanoic acid'
3 non-polymer 'N-{[4-({[(6R)-2-amino-5-formyl-4-oxo-1,4,5,6,7,8-hexahydropteridin-6-yl]methyl}amino)phenyl]carbonyl}-L-glutamic acid'
4 non-polymer GLYCEROL
5 non-polymer 2-AMINO-2-HYDROXYMETHYL-PROPANE-1,3-DIOL
6 non-polymer TRIFLUOROETHANOL
7 water water
#
_entity_poly.entity_id   1
_entity_poly.type   'polypeptide(L)'
_entity_poly.pdbx_seq_one_letter_code
;MFNNEPLEQIDKELHDILADEEKRQRETINLIASENLTNGAVRECLGNRVSNKYSEGYPKKRYYGGNDFIDKIEELCQKR
ALEAFNVSDEEWGVNVQPLSGSAANVQALYALVGVKGKIMGMHLCSGGHLTHGFFDEKKKVSITSDMFESKLYKCNSQGY
VDLDAVREMALSFKPKVIICGYTSYPRDIDYQQFRQICDEVNAYLFADISHISSFVACNILNNPFLHADVVTTTTHKILR
GPRSALIFFNKKRNPGIEQKINSAVFPSFQGGPHNNKIAAVACQLKEVHSPAFKEYTQQVLLNSKALAKALISKQIDLVT
NGTDNHLIVVDLRKFSITGSKLQETCNAINVSLNKNTIPSDVDCVSPSGVRIGTPAMTTRGAKEKDMEFIADVLARAIKI
TVDLQEQYGKKLVDFKKGLPGNAQLQQLKQEVVTWAGALPFP
;
_entity_poly.pdbx_strand_id   A,B,C
#
loop_
_chem_comp.id
_chem_comp.type
_chem_comp.name
_chem_comp.formula
1W9 non-polymer '(2R)-2-[(E)-[2-methyl-3-oxidanyl-5-(phosphonooxymethyl)pyridin-4-yl]methylideneamino]-3-oxidanyl-propanoic acid' 'C11 H15 N2 O8 P'
ETF non-polymer TRIFLUOROETHANOL 'C2 H3 F3 O'
FON non-polymer 'N-{[4-({[(6R)-2-amino-5-formyl-4-oxo-1,4,5,6,7,8-hexahydropteridin-6-yl]methyl}amino)phenyl]carbonyl}-L-glutamic acid' 'C20 H23 N7 O7'
GOL non-polymer GLYCEROL 'C3 H8 O3'
TRS non-polymer 2-AMINO-2-HYDROXYMETHYL-PROPANE-1,3-DIOL 'C4 H12 N O3 1'
#
# COMPACT_ATOMS: atom_id res chain seq x y z
N MET A 1 -19.01 -0.16 -12.27
CA MET A 1 -19.28 0.38 -13.63
C MET A 1 -18.17 0.04 -14.60
N PHE A 2 -18.35 -1.07 -15.29
CA PHE A 2 -17.44 -1.54 -16.32
C PHE A 2 -18.23 -2.36 -17.34
N ASN A 3 -17.69 -2.48 -18.55
CA ASN A 3 -18.31 -3.32 -19.59
C ASN A 3 -17.71 -4.72 -19.67
N ASN A 4 -18.50 -5.72 -19.29
CA ASN A 4 -18.02 -7.09 -19.25
C ASN A 4 -18.61 -8.02 -20.33
N GLU A 5 -18.97 -7.46 -21.48
CA GLU A 5 -19.35 -8.30 -22.62
C GLU A 5 -18.09 -8.80 -23.35
N PRO A 6 -18.17 -10.03 -23.91
CA PRO A 6 -17.04 -10.65 -24.64
C PRO A 6 -16.41 -9.72 -25.67
N LEU A 7 -15.14 -9.95 -25.96
CA LEU A 7 -14.40 -9.14 -26.93
C LEU A 7 -15.15 -8.99 -28.25
N GLU A 8 -15.78 -10.08 -28.70
CA GLU A 8 -16.58 -10.10 -29.94
C GLU A 8 -17.66 -9.00 -30.03
N GLN A 9 -18.39 -8.73 -28.96
CA GLN A 9 -19.38 -7.65 -29.01
C GLN A 9 -18.80 -6.27 -28.68
N ILE A 10 -18.03 -6.20 -27.59
CA ILE A 10 -17.44 -4.93 -27.12
C ILE A 10 -16.62 -4.19 -28.18
N ASP A 11 -15.83 -4.93 -28.95
CA ASP A 11 -15.00 -4.35 -30.01
C ASP A 11 -14.86 -5.35 -31.14
N LYS A 12 -15.83 -5.33 -32.05
CA LYS A 12 -15.94 -6.33 -33.10
C LYS A 12 -14.88 -6.07 -34.17
N GLU A 13 -14.52 -4.81 -34.37
CA GLU A 13 -13.47 -4.48 -35.32
C GLU A 13 -12.18 -5.25 -35.05
N LEU A 14 -11.66 -5.14 -33.82
CA LEU A 14 -10.42 -5.82 -33.40
C LEU A 14 -10.49 -7.36 -33.42
N HIS A 15 -11.59 -7.93 -32.93
CA HIS A 15 -11.80 -9.39 -32.95
C HIS A 15 -11.63 -9.96 -34.32
N ASP A 16 -12.01 -9.18 -35.34
CA ASP A 16 -11.94 -9.60 -36.75
C ASP A 16 -10.48 -9.78 -37.18
N ILE A 17 -9.67 -8.75 -36.95
CA ILE A 17 -8.25 -8.80 -37.26
C ILE A 17 -7.58 -9.96 -36.53
N LEU A 18 -7.92 -10.12 -35.26
CA LEU A 18 -7.37 -11.18 -34.43
C LEU A 18 -7.72 -12.55 -34.97
N ALA A 19 -8.96 -12.72 -35.42
CA ALA A 19 -9.39 -14.01 -35.99
C ALA A 19 -8.68 -14.26 -37.32
N ASP A 20 -8.44 -13.19 -38.06
CA ASP A 20 -7.67 -13.24 -39.29
C ASP A 20 -6.26 -13.73 -39.03
N GLU A 21 -5.60 -13.10 -38.04
CA GLU A 21 -4.23 -13.40 -37.67
C GLU A 21 -4.10 -14.87 -37.31
N GLU A 22 -5.06 -15.38 -36.55
CA GLU A 22 -5.13 -16.78 -36.14
C GLU A 22 -5.12 -17.76 -37.32
N LYS A 23 -5.87 -17.42 -38.36
CA LYS A 23 -5.94 -18.21 -39.60
C LYS A 23 -4.60 -18.13 -40.38
N ARG A 24 -4.03 -16.94 -40.52
CA ARG A 24 -2.71 -16.81 -41.13
C ARG A 24 -1.71 -17.74 -40.38
N GLN A 25 -1.63 -17.59 -39.06
CA GLN A 25 -0.82 -18.50 -38.23
C GLN A 25 -1.08 -19.99 -38.49
N ARG A 26 -2.34 -20.38 -38.69
CA ARG A 26 -2.63 -21.80 -38.88
C ARG A 26 -2.37 -22.30 -40.30
N GLU A 27 -2.38 -21.38 -41.26
CA GLU A 27 -2.24 -21.74 -42.65
C GLU A 27 -0.87 -21.38 -43.21
N THR A 28 0.13 -21.27 -42.31
CA THR A 28 1.46 -20.83 -42.71
C THR A 28 2.46 -21.90 -42.34
N ILE A 29 3.50 -22.06 -43.15
CA ILE A 29 4.67 -22.81 -42.72
C ILE A 29 5.68 -21.81 -42.12
N ASN A 30 5.78 -21.84 -40.79
CA ASN A 30 6.51 -20.85 -40.00
C ASN A 30 7.92 -21.34 -39.75
N LEU A 31 8.88 -20.76 -40.47
CA LEU A 31 10.29 -21.14 -40.35
C LEU A 31 11.12 -20.04 -39.70
N ILE A 32 10.45 -19.07 -39.09
CA ILE A 32 11.14 -18.02 -38.36
C ILE A 32 11.75 -18.65 -37.10
N ALA A 33 13.05 -18.53 -36.97
CA ALA A 33 13.81 -19.39 -36.05
C ALA A 33 13.50 -19.07 -34.61
N SER A 34 13.03 -17.85 -34.36
CA SER A 34 12.76 -17.38 -33.01
C SER A 34 11.28 -17.44 -32.63
N GLU A 35 10.45 -18.06 -33.46
CA GLU A 35 9.02 -18.12 -33.14
C GLU A 35 8.60 -19.49 -32.64
N ASN A 36 7.50 -19.52 -31.89
CA ASN A 36 6.96 -20.79 -31.43
C ASN A 36 5.45 -20.65 -31.27
N LEU A 37 4.80 -21.64 -30.70
CA LEU A 37 3.37 -21.52 -30.45
C LEU A 37 3.10 -21.95 -29.03
N THR A 38 2.57 -21.02 -28.23
CA THR A 38 2.23 -21.29 -26.84
C THR A 38 0.95 -22.13 -26.77
N ASN A 39 0.85 -22.96 -25.74
CA ASN A 39 -0.36 -23.74 -25.48
C ASN A 39 -1.42 -22.89 -24.79
N GLY A 40 -2.61 -23.45 -24.59
CA GLY A 40 -3.74 -22.73 -24.05
C GLY A 40 -3.53 -22.35 -22.60
N ALA A 41 -2.80 -23.17 -21.86
CA ALA A 41 -2.53 -22.92 -20.44
C ALA A 41 -1.62 -21.72 -20.24
N VAL A 42 -0.59 -21.60 -21.07
CA VAL A 42 0.28 -20.43 -21.03
C VAL A 42 -0.54 -19.17 -21.29
N ARG A 43 -1.42 -19.22 -22.27
CA ARG A 43 -2.26 -18.07 -22.57
C ARG A 43 -3.41 -17.76 -21.56
N GLU A 44 -3.88 -18.77 -20.82
CA GLU A 44 -4.74 -18.52 -19.64
C GLU A 44 -3.97 -17.74 -18.59
N CYS A 45 -2.69 -18.05 -18.40
CA CYS A 45 -1.87 -17.29 -17.45
C CYS A 45 -1.70 -15.84 -17.85
N LEU A 46 -1.49 -15.59 -19.14
CA LEU A 46 -1.31 -14.21 -19.62
C LEU A 46 -2.56 -13.37 -19.45
N GLY A 47 -3.73 -14.00 -19.59
CA GLY A 47 -5.00 -13.31 -19.41
C GLY A 47 -5.59 -13.41 -18.00
N ASN A 48 -4.82 -13.88 -17.03
CA ASN A 48 -5.27 -14.01 -15.64
C ASN A 48 -5.34 -12.67 -14.88
N ARG A 49 -6.28 -12.52 -13.95
CA ARG A 49 -6.40 -11.27 -13.14
C ARG A 49 -5.19 -10.94 -12.25
N VAL A 50 -4.22 -11.83 -12.20
CA VAL A 50 -3.05 -11.57 -11.38
C VAL A 50 -2.27 -10.33 -11.85
N SER A 51 -2.53 -9.86 -13.08
CA SER A 51 -1.84 -8.68 -13.60
C SER A 51 -2.43 -7.35 -13.11
N ASN A 52 -3.54 -7.41 -12.38
CA ASN A 52 -4.03 -6.24 -11.63
C ASN A 52 -3.12 -5.82 -10.47
N LYS A 53 -2.22 -6.69 -10.05
CA LYS A 53 -1.50 -6.51 -8.81
C LYS A 53 -0.20 -5.75 -9.00
N TYR A 54 -0.01 -4.67 -8.26
CA TYR A 54 1.31 -4.03 -8.16
C TYR A 54 2.23 -4.70 -7.15
N SER A 55 3.41 -5.10 -7.60
CA SER A 55 4.34 -5.87 -6.81
C SER A 55 5.77 -5.38 -6.80
N GLU A 56 5.98 -4.06 -6.85
CA GLU A 56 7.37 -3.56 -6.79
C GLU A 56 8.17 -4.21 -5.66
N GLY A 57 9.39 -4.60 -5.98
CA GLY A 57 10.28 -5.23 -5.02
C GLY A 57 10.44 -6.70 -5.33
N TYR A 58 10.93 -7.45 -4.34
CA TYR A 58 11.09 -8.90 -4.49
C TYR A 58 10.27 -9.69 -3.45
N PRO A 59 10.20 -11.03 -3.60
CA PRO A 59 9.46 -11.83 -2.62
C PRO A 59 9.99 -11.67 -1.19
N LYS A 60 9.07 -11.60 -0.22
CA LYS A 60 9.36 -11.28 1.21
C LYS A 60 9.79 -9.82 1.42
N LYS A 61 10.01 -9.09 0.34
CA LYS A 61 10.57 -7.74 0.38
C LYS A 61 9.80 -6.78 -0.54
N ARG A 62 8.47 -6.84 -0.46
CA ARG A 62 7.63 -5.99 -1.29
C ARG A 62 7.45 -4.61 -0.65
N TYR A 63 7.23 -3.59 -1.48
CA TYR A 63 6.88 -2.26 -0.98
C TYR A 63 5.44 -2.22 -0.50
N TYR A 64 4.54 -2.83 -1.25
CA TYR A 64 3.14 -2.90 -0.86
C TYR A 64 2.86 -4.26 -0.26
N GLY A 65 1.73 -4.37 0.45
CA GLY A 65 1.25 -5.64 0.97
C GLY A 65 0.13 -6.22 0.13
N GLY A 66 -0.48 -7.28 0.64
CA GLY A 66 -1.44 -8.08 -0.12
C GLY A 66 -0.71 -8.91 -1.16
N ASN A 67 0.59 -9.08 -0.99
CA ASN A 67 1.45 -9.68 -2.01
C ASN A 67 1.88 -11.10 -1.72
N ASP A 68 1.10 -11.80 -0.89
CA ASP A 68 1.49 -13.11 -0.41
C ASP A 68 1.36 -14.18 -1.48
N PHE A 69 0.26 -14.15 -2.23
CA PHE A 69 0.06 -15.07 -3.34
C PHE A 69 0.97 -14.78 -4.52
N ILE A 70 1.20 -13.49 -4.83
CA ILE A 70 2.21 -13.09 -5.83
C ILE A 70 3.63 -13.50 -5.41
N ASP A 71 3.93 -13.39 -4.12
CA ASP A 71 5.22 -13.90 -3.59
C ASP A 71 5.40 -15.37 -3.89
N LYS A 72 4.34 -16.16 -3.68
CA LYS A 72 4.35 -17.60 -3.89
C LYS A 72 4.62 -17.90 -5.35
N ILE A 73 3.91 -17.19 -6.23
CA ILE A 73 4.02 -17.37 -7.68
C ILE A 73 5.41 -17.09 -8.19
N GLU A 74 6.03 -15.99 -7.73
CA GLU A 74 7.39 -15.64 -8.15
C GLU A 74 8.42 -16.65 -7.66
N GLU A 75 8.23 -17.17 -6.44
CA GLU A 75 9.19 -18.10 -5.82
C GLU A 75 9.12 -19.45 -6.52
N LEU A 76 7.90 -19.90 -6.80
CA LEU A 76 7.68 -21.05 -7.66
C LEU A 76 8.46 -20.88 -8.98
N CYS A 77 8.30 -19.73 -9.62
CA CYS A 77 8.94 -19.46 -10.91
C CYS A 77 10.47 -19.47 -10.85
N GLN A 78 11.06 -18.86 -9.83
CA GLN A 78 12.51 -18.93 -9.67
C GLN A 78 12.99 -20.38 -9.52
N LYS A 79 12.22 -21.16 -8.75
CA LYS A 79 12.57 -22.51 -8.37
C LYS A 79 12.58 -23.39 -9.62
N ARG A 80 11.44 -23.46 -10.34
CA ARG A 80 11.35 -24.17 -11.61
C ARG A 80 12.45 -23.73 -12.59
N ALA A 81 12.85 -22.47 -12.53
CA ALA A 81 13.88 -21.92 -13.43
C ALA A 81 15.24 -22.51 -13.15
N LEU A 82 15.55 -22.65 -11.86
CA LEU A 82 16.80 -23.26 -11.43
C LEU A 82 16.77 -24.78 -11.68
N GLU A 83 15.64 -25.41 -11.38
CA GLU A 83 15.45 -26.82 -11.72
C GLU A 83 15.71 -27.06 -13.22
N ALA A 84 14.85 -26.48 -14.09
CA ALA A 84 14.89 -26.69 -15.54
C ALA A 84 16.30 -26.60 -16.17
N PHE A 85 17.12 -25.68 -15.66
CA PHE A 85 18.46 -25.53 -16.19
C PHE A 85 19.52 -26.26 -15.37
N ASN A 86 19.06 -27.26 -14.61
CA ASN A 86 19.90 -28.14 -13.79
C ASN A 86 20.98 -27.38 -13.03
N VAL A 87 20.58 -26.36 -12.29
CA VAL A 87 21.52 -25.66 -11.43
C VAL A 87 20.97 -25.69 -10.00
N SER A 88 21.84 -25.43 -9.03
CA SER A 88 21.51 -25.61 -7.62
C SER A 88 21.18 -24.29 -6.91
N ASP A 89 20.15 -24.35 -6.06
CA ASP A 89 19.82 -23.29 -5.07
C ASP A 89 20.99 -22.45 -4.60
N GLU A 90 22.15 -23.08 -4.45
CA GLU A 90 23.27 -22.50 -3.72
C GLU A 90 24.33 -21.95 -4.64
N GLU A 91 24.34 -22.38 -5.89
CA GLU A 91 25.38 -21.92 -6.81
C GLU A 91 24.88 -20.79 -7.71
N TRP A 92 23.57 -20.81 -7.99
CA TRP A 92 22.94 -19.94 -9.00
C TRP A 92 21.72 -19.25 -8.48
N GLY A 93 21.64 -17.95 -8.72
CA GLY A 93 20.36 -17.26 -8.54
C GLY A 93 19.67 -16.98 -9.88
N VAL A 94 18.40 -16.58 -9.81
CA VAL A 94 17.68 -16.13 -10.99
C VAL A 94 16.71 -14.97 -10.68
N ASN A 95 16.74 -13.95 -11.54
CA ASN A 95 15.71 -12.93 -11.56
C ASN A 95 14.70 -13.17 -12.74
N VAL A 96 13.43 -13.36 -12.39
CA VAL A 96 12.35 -13.67 -13.36
C VAL A 96 11.51 -12.43 -13.72
N GLN A 97 12.00 -11.25 -13.35
CA GLN A 97 11.26 -10.03 -13.60
C GLN A 97 11.44 -9.34 -14.98
N PRO A 98 12.60 -9.46 -15.66
CA PRO A 98 12.78 -8.73 -16.95
C PRO A 98 11.63 -8.95 -17.93
N LEU A 99 11.28 -7.90 -18.65
CA LEU A 99 10.08 -7.96 -19.46
C LEU A 99 10.34 -8.59 -20.81
N SER A 100 11.58 -8.50 -21.28
CA SER A 100 11.96 -9.07 -22.56
C SER A 100 13.46 -9.36 -22.59
N GLY A 101 13.93 -10.06 -23.62
CA GLY A 101 15.31 -10.47 -23.72
C GLY A 101 16.26 -9.31 -23.79
N SER A 102 15.84 -8.29 -24.54
CA SER A 102 16.59 -7.05 -24.71
C SER A 102 16.71 -6.27 -23.41
N ALA A 103 15.66 -6.30 -22.58
CA ALA A 103 15.70 -5.67 -21.25
C ALA A 103 16.64 -6.45 -20.30
N ALA A 104 16.54 -7.78 -20.29
CA ALA A 104 17.41 -8.62 -19.46
C ALA A 104 18.88 -8.36 -19.76
N ASN A 105 19.24 -8.39 -21.04
CA ASN A 105 20.61 -8.07 -21.42
C ASN A 105 21.08 -6.68 -21.00
N VAL A 106 20.29 -5.63 -21.27
CA VAL A 106 20.67 -4.28 -20.86
C VAL A 106 20.85 -4.22 -19.35
N GLN A 107 19.87 -4.76 -18.63
CA GLN A 107 19.92 -4.79 -17.17
C GLN A 107 21.13 -5.56 -16.65
N ALA A 108 21.33 -6.77 -17.12
CA ALA A 108 22.49 -7.59 -16.69
C ALA A 108 23.83 -6.94 -16.99
N LEU A 109 23.97 -6.34 -18.18
CA LEU A 109 25.23 -5.73 -18.57
C LEU A 109 25.56 -4.54 -17.68
N TYR A 110 24.54 -3.74 -17.39
CA TYR A 110 24.70 -2.60 -16.53
C TYR A 110 25.15 -3.01 -15.11
N ALA A 111 24.46 -4.00 -14.56
CA ALA A 111 24.83 -4.57 -13.28
C ALA A 111 26.30 -4.89 -13.24
N LEU A 112 26.79 -5.56 -14.29
CA LEU A 112 28.21 -5.97 -14.35
C LEU A 112 29.24 -4.85 -14.56
N VAL A 113 28.96 -3.87 -15.40
CA VAL A 113 30.01 -2.92 -15.83
C VAL A 113 29.70 -1.45 -15.61
N GLY A 114 28.42 -1.13 -15.38
CA GLY A 114 27.98 0.25 -15.22
C GLY A 114 28.10 1.11 -16.46
N VAL A 115 27.64 2.35 -16.35
CA VAL A 115 27.73 3.30 -17.43
C VAL A 115 29.19 3.52 -17.81
N LYS A 116 29.43 3.69 -19.12
CA LYS A 116 30.77 3.85 -19.70
C LYS A 116 31.62 2.58 -19.68
N GLY A 117 31.07 1.48 -19.15
CA GLY A 117 31.79 0.21 -19.05
C GLY A 117 32.04 -0.50 -20.38
N LYS A 118 32.96 -1.47 -20.37
CA LYS A 118 33.46 -2.12 -21.60
C LYS A 118 32.87 -3.50 -21.86
N ILE A 119 32.34 -3.71 -23.07
CA ILE A 119 31.78 -5.02 -23.42
C ILE A 119 32.20 -5.47 -24.82
N MET A 120 32.29 -6.78 -25.00
CA MET A 120 32.56 -7.37 -26.31
C MET A 120 31.43 -8.32 -26.66
N GLY A 121 30.90 -8.19 -27.88
CA GLY A 121 29.85 -9.09 -28.34
C GLY A 121 30.06 -9.40 -29.80
N MET A 122 29.30 -10.38 -30.30
CA MET A 122 29.33 -10.70 -31.72
C MET A 122 28.51 -9.70 -32.53
N HIS A 123 29.11 -9.20 -33.61
CA HIS A 123 28.48 -8.32 -34.57
C HIS A 123 27.21 -8.94 -35.06
N LEU A 124 26.23 -8.07 -35.33
CA LEU A 124 24.89 -8.48 -35.75
C LEU A 124 24.94 -9.23 -37.06
N CYS A 125 25.71 -8.72 -38.01
CA CYS A 125 25.87 -9.36 -39.32
C CYS A 125 26.50 -10.75 -39.24
N SER A 126 27.22 -11.05 -38.16
CA SER A 126 27.80 -12.37 -37.93
C SER A 126 26.92 -13.23 -37.06
N GLY A 127 25.86 -12.64 -36.52
CA GLY A 127 24.86 -13.45 -35.79
C GLY A 127 24.58 -13.08 -34.34
N GLY A 128 25.27 -12.06 -33.82
CA GLY A 128 24.97 -11.54 -32.50
C GLY A 128 23.69 -10.68 -32.50
N HIS A 129 23.16 -10.42 -31.30
CA HIS A 129 21.94 -9.63 -31.12
C HIS A 129 22.27 -8.18 -30.95
N LEU A 130 21.28 -7.33 -31.20
CA LEU A 130 21.41 -5.88 -30.99
C LEU A 130 21.99 -5.51 -29.62
N THR A 131 21.47 -6.13 -28.56
CA THR A 131 21.91 -5.82 -27.21
C THR A 131 23.26 -6.46 -26.86
N HIS A 132 24.04 -6.87 -27.87
CA HIS A 132 25.38 -7.35 -27.61
C HIS A 132 26.38 -6.31 -28.01
N GLY A 133 25.93 -5.07 -28.07
CA GLY A 133 26.82 -3.94 -28.25
C GLY A 133 26.80 -3.35 -29.64
N PHE A 134 25.71 -3.57 -30.38
CA PHE A 134 25.69 -3.24 -31.79
C PHE A 134 25.71 -1.75 -32.13
N PHE A 135 26.59 -1.39 -33.07
CA PHE A 135 26.63 -0.07 -33.69
C PHE A 135 27.15 -0.20 -35.11
N ASP A 136 27.05 0.88 -35.88
CA ASP A 136 27.70 0.94 -37.18
C ASP A 136 28.47 2.24 -37.31
N GLU A 137 28.90 2.54 -38.54
CA GLU A 137 29.66 3.75 -38.84
C GLU A 137 28.95 5.01 -38.33
N LYS A 138 27.70 5.18 -38.75
CA LYS A 138 26.92 6.40 -38.54
C LYS A 138 26.29 6.58 -37.16
N LYS A 139 25.96 5.47 -36.49
CA LYS A 139 25.15 5.55 -35.28
C LYS A 139 25.44 4.48 -34.22
N LYS A 140 25.35 4.88 -32.95
CA LYS A 140 25.26 3.91 -31.85
C LYS A 140 23.82 3.40 -31.85
N VAL A 141 23.60 2.28 -32.53
CA VAL A 141 22.27 1.79 -32.88
C VAL A 141 21.54 1.19 -31.67
N SER A 142 22.26 0.44 -30.85
CA SER A 142 21.69 -0.14 -29.67
C SER A 142 22.18 0.67 -28.48
N ILE A 143 21.32 0.82 -27.49
CA ILE A 143 21.75 1.46 -26.25
C ILE A 143 23.02 0.78 -25.73
N THR A 144 23.21 -0.49 -26.07
CA THR A 144 24.31 -1.27 -25.49
C THR A 144 25.66 -0.87 -26.07
N SER A 145 25.64 0.02 -27.05
CA SER A 145 26.85 0.60 -27.61
C SER A 145 27.01 2.09 -27.24
N ASP A 146 25.99 2.67 -26.63
CA ASP A 146 26.03 4.07 -26.23
C ASP A 146 26.10 4.26 -24.71
N MET A 147 25.38 3.42 -23.98
CA MET A 147 25.44 3.44 -22.54
C MET A 147 26.78 2.86 -22.09
N PHE A 148 27.25 1.86 -22.84
CA PHE A 148 28.52 1.16 -22.61
C PHE A 148 29.45 1.42 -23.79
N GLU A 149 30.72 1.10 -23.60
CA GLU A 149 31.71 1.16 -24.68
C GLU A 149 31.93 -0.25 -25.19
N SER A 150 31.67 -0.49 -26.47
CA SER A 150 31.70 -1.86 -27.00
C SER A 150 32.57 -2.07 -28.23
N LYS A 151 33.05 -3.30 -28.39
CA LYS A 151 33.75 -3.73 -29.60
C LYS A 151 33.11 -5.01 -30.09
N LEU A 152 33.11 -5.21 -31.40
CA LEU A 152 32.36 -6.32 -32.00
C LEU A 152 33.27 -7.32 -32.73
N TYR A 153 33.27 -8.56 -32.29
CA TYR A 153 34.04 -9.59 -32.99
C TYR A 153 33.21 -10.28 -34.05
N LYS A 154 33.87 -10.74 -35.12
CA LYS A 154 33.19 -11.34 -36.26
C LYS A 154 33.35 -12.84 -36.31
N CYS A 155 32.52 -13.51 -37.12
CA CYS A 155 32.75 -14.91 -37.47
C CYS A 155 33.78 -14.94 -38.61
N ASN A 156 34.45 -16.07 -38.83
CA ASN A 156 35.32 -16.18 -40.00
C ASN A 156 34.52 -16.36 -41.31
N SER A 157 35.21 -16.22 -42.44
CA SER A 157 34.58 -16.33 -43.78
C SER A 157 33.90 -17.67 -44.02
N GLN A 158 34.04 -18.57 -43.06
CA GLN A 158 33.42 -19.89 -43.12
C GLN A 158 32.16 -19.95 -42.25
N GLY A 159 31.90 -18.87 -41.51
CA GLY A 159 30.73 -18.77 -40.64
C GLY A 159 30.87 -19.27 -39.22
N TYR A 160 32.10 -19.42 -38.73
CA TYR A 160 32.38 -19.89 -37.35
C TYR A 160 32.94 -18.77 -36.52
N VAL A 161 32.68 -18.75 -35.21
CA VAL A 161 33.31 -17.76 -34.31
C VAL A 161 34.80 -17.96 -34.34
N ASP A 162 35.52 -16.89 -34.64
CA ASP A 162 36.98 -16.90 -34.76
C ASP A 162 37.59 -16.68 -33.38
N LEU A 163 37.77 -17.76 -32.63
CA LEU A 163 38.31 -17.63 -31.27
C LEU A 163 39.64 -16.87 -31.19
N ASP A 164 40.46 -16.98 -32.23
CA ASP A 164 41.71 -16.22 -32.33
C ASP A 164 41.46 -14.72 -32.43
N ALA A 165 40.48 -14.33 -33.25
CA ALA A 165 40.07 -12.93 -33.31
C ALA A 165 39.55 -12.46 -31.96
N VAL A 166 38.71 -13.27 -31.33
CA VAL A 166 38.16 -12.98 -30.00
C VAL A 166 39.27 -12.70 -28.96
N ARG A 167 40.29 -13.55 -28.91
CA ARG A 167 41.36 -13.41 -27.93
C ARG A 167 42.22 -12.19 -28.20
N GLU A 168 42.56 -12.00 -29.48
CA GLU A 168 43.36 -10.87 -29.95
C GLU A 168 42.71 -9.53 -29.62
N MET A 169 41.39 -9.45 -29.80
CA MET A 169 40.63 -8.25 -29.46
C MET A 169 40.52 -8.07 -27.95
N ALA A 170 40.11 -9.11 -27.25
CA ALA A 170 39.97 -9.04 -25.80
C ALA A 170 41.24 -8.53 -25.10
N LEU A 171 42.41 -8.79 -25.71
CA LEU A 171 43.70 -8.37 -25.15
C LEU A 171 44.05 -6.92 -25.50
N SER A 172 43.64 -6.47 -26.67
CA SER A 172 43.90 -5.09 -27.07
C SER A 172 42.87 -4.11 -26.49
N PHE A 173 41.66 -4.62 -26.22
CA PHE A 173 40.54 -3.78 -25.78
C PHE A 173 40.23 -3.86 -24.28
N LYS A 174 40.65 -4.95 -23.64
CA LYS A 174 40.58 -5.12 -22.18
C LYS A 174 39.17 -4.92 -21.61
N PRO A 175 38.18 -5.69 -22.10
CA PRO A 175 36.80 -5.49 -21.67
C PRO A 175 36.51 -6.14 -20.32
N LYS A 176 35.32 -5.89 -19.77
CA LYS A 176 34.93 -6.46 -18.49
C LYS A 176 33.84 -7.52 -18.67
N VAL A 177 33.16 -7.51 -19.81
CA VAL A 177 32.19 -8.57 -20.15
C VAL A 177 32.47 -8.99 -21.57
N ILE A 178 32.42 -10.30 -21.81
CA ILE A 178 32.42 -10.84 -23.17
C ILE A 178 31.16 -11.68 -23.31
N ILE A 179 30.31 -11.30 -24.26
CA ILE A 179 29.03 -11.95 -24.49
C ILE A 179 29.19 -13.02 -25.54
N CYS A 180 28.62 -14.19 -25.30
CA CYS A 180 28.50 -15.18 -26.37
C CYS A 180 27.12 -15.79 -26.28
N GLY A 181 26.75 -16.55 -27.31
CA GLY A 181 25.35 -17.01 -27.44
C GLY A 181 24.65 -16.00 -28.33
N TYR A 182 23.96 -16.48 -29.36
CA TYR A 182 23.71 -15.63 -30.51
C TYR A 182 22.30 -15.70 -31.05
N THR A 183 22.02 -14.81 -32.00
CA THR A 183 20.72 -14.69 -32.63
C THR A 183 20.63 -15.56 -33.88
N SER A 184 21.70 -15.58 -34.66
CA SER A 184 21.70 -16.37 -35.86
C SER A 184 22.98 -17.12 -36.02
N TYR A 185 23.09 -18.23 -35.33
CA TYR A 185 24.29 -19.01 -35.33
C TYR A 185 23.87 -20.49 -35.31
N PRO A 186 24.23 -21.22 -36.37
CA PRO A 186 23.82 -22.62 -36.60
C PRO A 186 24.67 -23.69 -35.89
N ARG A 187 25.70 -23.27 -35.18
CA ARG A 187 26.59 -24.23 -34.51
C ARG A 187 26.63 -24.04 -33.00
N ASP A 188 26.94 -25.12 -32.28
CA ASP A 188 27.15 -25.05 -30.83
C ASP A 188 28.35 -24.16 -30.54
N ILE A 189 28.53 -23.80 -29.27
CA ILE A 189 29.52 -22.83 -28.83
C ILE A 189 30.56 -23.49 -27.92
N ASP A 190 31.80 -23.03 -28.02
CA ASP A 190 32.87 -23.49 -27.12
C ASP A 190 33.03 -22.51 -25.96
N TYR A 191 32.16 -22.65 -24.96
CA TYR A 191 32.16 -21.76 -23.81
C TYR A 191 33.46 -21.88 -23.05
N GLN A 192 33.92 -23.12 -22.89
CA GLN A 192 35.20 -23.43 -22.25
C GLN A 192 36.30 -22.49 -22.74
N GLN A 193 36.42 -22.32 -24.06
CA GLN A 193 37.46 -21.43 -24.58
C GLN A 193 37.09 -19.95 -24.42
N PHE A 194 35.80 -19.65 -24.25
CA PHE A 194 35.37 -18.29 -23.89
C PHE A 194 35.73 -17.95 -22.43
N ARG A 195 35.46 -18.91 -21.53
CA ARG A 195 35.87 -18.86 -20.12
C ARG A 195 37.37 -18.66 -19.97
N GLN A 196 38.14 -19.39 -20.78
CA GLN A 196 39.59 -19.27 -20.83
C GLN A 196 40.06 -17.88 -21.25
N ILE A 197 39.42 -17.33 -22.28
CA ILE A 197 39.77 -15.99 -22.77
C ILE A 197 39.40 -14.93 -21.74
N CYS A 198 38.28 -15.13 -21.07
CA CYS A 198 37.77 -14.14 -20.13
C CYS A 198 38.71 -14.03 -18.93
N ASP A 199 39.25 -15.17 -18.50
CA ASP A 199 40.24 -15.21 -17.42
C ASP A 199 41.54 -14.44 -17.72
N GLU A 200 42.08 -14.60 -18.92
CA GLU A 200 43.32 -13.90 -19.32
C GLU A 200 43.26 -12.37 -19.24
N VAL A 201 42.05 -11.83 -19.08
CA VAL A 201 41.86 -10.37 -19.07
C VAL A 201 41.00 -9.91 -17.89
N ASN A 202 40.66 -10.84 -17.00
CA ASN A 202 39.78 -10.58 -15.85
C ASN A 202 38.41 -10.01 -16.28
N ALA A 203 37.73 -10.76 -17.16
CA ALA A 203 36.41 -10.33 -17.64
C ALA A 203 35.32 -11.33 -17.29
N TYR A 204 34.10 -10.81 -17.15
CA TYR A 204 32.90 -11.62 -16.93
C TYR A 204 32.50 -12.40 -18.19
N LEU A 205 32.04 -13.65 -18.01
CA LEU A 205 31.49 -14.42 -19.15
C LEU A 205 29.96 -14.40 -19.13
N PHE A 206 29.39 -13.85 -20.21
CA PHE A 206 27.96 -13.64 -20.34
C PHE A 206 27.48 -14.48 -21.52
N ALA A 207 26.59 -15.41 -21.24
CA ALA A 207 26.04 -16.27 -22.27
C ALA A 207 24.55 -16.04 -22.51
N ASP A 208 24.19 -15.55 -23.69
CA ASP A 208 22.77 -15.34 -24.07
C ASP A 208 22.34 -16.54 -24.89
N ILE A 209 21.56 -17.42 -24.28
CA ILE A 209 21.17 -18.68 -24.88
C ILE A 209 19.69 -18.70 -25.30
N SER A 210 19.12 -17.52 -25.52
CA SER A 210 17.73 -17.37 -25.94
C SER A 210 17.31 -18.27 -27.12
N HIS A 211 18.21 -18.47 -28.08
CA HIS A 211 17.89 -19.33 -29.23
C HIS A 211 18.04 -20.80 -29.00
N ILE A 212 18.86 -21.16 -28.01
CA ILE A 212 19.15 -22.56 -27.80
C ILE A 212 18.71 -23.06 -26.41
N SER A 213 18.01 -22.20 -25.68
CA SER A 213 17.75 -22.45 -24.25
C SER A 213 17.33 -23.89 -23.98
N SER A 214 16.39 -24.40 -24.77
CA SER A 214 15.92 -25.78 -24.64
C SER A 214 17.03 -26.82 -24.81
N PHE A 215 18.03 -26.56 -25.64
CA PHE A 215 19.14 -27.49 -25.82
C PHE A 215 20.06 -27.50 -24.60
N VAL A 216 20.12 -26.39 -23.90
CA VAL A 216 20.93 -26.31 -22.70
C VAL A 216 20.22 -27.05 -21.57
N ALA A 217 18.91 -26.84 -21.45
CA ALA A 217 18.13 -27.47 -20.40
C ALA A 217 18.15 -28.97 -20.52
N CYS A 218 17.91 -29.47 -21.74
CA CYS A 218 17.71 -30.90 -22.00
C CYS A 218 18.98 -31.73 -22.13
N ASN A 219 20.13 -31.09 -21.94
CA ASN A 219 21.45 -31.72 -22.06
C ASN A 219 21.80 -32.25 -23.47
N ILE A 220 21.27 -31.55 -24.49
CA ILE A 220 21.54 -31.83 -25.89
C ILE A 220 22.79 -31.11 -26.37
N LEU A 221 22.99 -29.87 -25.90
CA LEU A 221 24.17 -29.09 -26.32
C LEU A 221 25.13 -28.74 -25.16
N ASN A 222 26.23 -28.07 -25.47
CA ASN A 222 27.17 -27.63 -24.44
C ASN A 222 26.45 -26.81 -23.36
N ASN A 223 26.80 -27.07 -22.10
CA ASN A 223 26.18 -26.41 -20.96
C ASN A 223 26.98 -25.20 -20.53
N PRO A 224 26.44 -23.98 -20.77
CA PRO A 224 27.17 -22.76 -20.45
C PRO A 224 27.23 -22.46 -18.95
N PHE A 225 26.31 -23.04 -18.19
CA PHE A 225 26.30 -22.85 -16.75
C PHE A 225 27.59 -23.30 -16.06
N LEU A 226 28.34 -24.19 -16.73
CA LEU A 226 29.59 -24.72 -16.23
C LEU A 226 30.68 -23.68 -16.22
N HIS A 227 30.55 -22.65 -17.03
CA HIS A 227 31.63 -21.69 -17.23
C HIS A 227 31.22 -20.26 -17.04
N ALA A 228 29.95 -19.94 -17.29
CA ALA A 228 29.53 -18.54 -17.32
C ALA A 228 29.23 -17.91 -15.95
N ASP A 229 29.50 -16.61 -15.88
CA ASP A 229 29.09 -15.83 -14.74
C ASP A 229 27.59 -15.52 -14.81
N VAL A 230 27.13 -15.09 -16.00
CA VAL A 230 25.73 -14.75 -16.24
C VAL A 230 25.20 -15.49 -17.45
N VAL A 231 24.04 -16.09 -17.30
CA VAL A 231 23.34 -16.61 -18.45
C VAL A 231 22.01 -15.90 -18.57
N THR A 232 21.72 -15.33 -19.74
CA THR A 232 20.34 -14.82 -20.05
C THR A 232 19.64 -15.70 -21.08
N THR A 233 18.32 -15.77 -20.96
CA THR A 233 17.49 -16.38 -21.97
C THR A 233 16.11 -15.70 -22.03
N THR A 234 15.55 -15.61 -23.23
CA THR A 234 14.15 -15.25 -23.41
C THR A 234 13.38 -16.50 -23.07
N THR A 235 12.10 -16.38 -22.80
CA THR A 235 11.31 -17.55 -22.42
C THR A 235 10.43 -18.02 -23.59
N HIS A 236 10.44 -17.26 -24.70
CA HIS A 236 9.41 -17.39 -25.76
C HIS A 236 9.86 -17.97 -27.06
N LYS A 237 11.10 -18.37 -27.16
CA LYS A 237 11.52 -18.92 -28.45
C LYS A 237 11.41 -20.43 -28.37
N ILE A 238 12.52 -21.11 -28.60
CA ILE A 238 12.55 -22.58 -28.48
C ILE A 238 11.99 -23.07 -27.15
N LEU A 239 12.13 -22.27 -26.08
CA LEU A 239 11.58 -22.61 -24.77
C LEU A 239 10.06 -22.70 -24.74
N ARG A 240 9.42 -21.98 -25.65
CA ARG A 240 7.98 -22.14 -25.90
C ARG A 240 7.13 -21.50 -24.79
N GLY A 241 7.67 -20.47 -24.15
CA GLY A 241 6.94 -19.75 -23.11
C GLY A 241 6.31 -18.45 -23.60
N PRO A 242 5.95 -17.57 -22.65
CA PRO A 242 5.41 -16.27 -23.01
C PRO A 242 6.57 -15.37 -23.37
N ARG A 243 6.27 -14.12 -23.67
CA ARG A 243 7.33 -13.19 -23.99
C ARG A 243 7.85 -12.57 -22.70
N SER A 244 9.05 -12.97 -22.34
CA SER A 244 9.67 -12.54 -21.10
C SER A 244 11.10 -13.01 -21.13
N ALA A 245 11.82 -12.78 -20.04
CA ALA A 245 13.19 -13.26 -19.99
C ALA A 245 13.66 -13.61 -18.58
N LEU A 246 14.83 -14.26 -18.50
CA LEU A 246 15.43 -14.72 -17.25
C LEU A 246 16.88 -14.30 -17.21
N ILE A 247 17.35 -13.84 -16.05
CA ILE A 247 18.77 -13.61 -15.80
C ILE A 247 19.24 -14.61 -14.73
N PHE A 248 20.20 -15.44 -15.11
CA PHE A 248 20.85 -16.33 -14.17
C PHE A 248 22.20 -15.75 -13.83
N PHE A 249 22.59 -15.89 -12.56
CA PHE A 249 23.89 -15.42 -12.12
C PHE A 249 24.57 -16.45 -11.21
N ASN A 250 25.88 -16.57 -11.36
CA ASN A 250 26.67 -17.53 -10.57
C ASN A 250 27.20 -16.88 -9.28
N LYS A 251 26.47 -17.06 -8.17
CA LYS A 251 26.88 -16.44 -6.89
C LYS A 251 28.17 -17.07 -6.34
N LYS A 252 28.20 -18.39 -6.30
CA LYS A 252 29.37 -19.20 -5.94
C LYS A 252 30.68 -18.78 -6.61
N ARG A 253 30.60 -17.92 -7.62
CA ARG A 253 31.79 -17.47 -8.36
C ARG A 253 31.96 -15.96 -8.23
N ASN A 254 30.85 -15.26 -7.97
CA ASN A 254 30.86 -13.81 -7.79
C ASN A 254 29.93 -13.39 -6.66
N PRO A 255 30.34 -13.64 -5.39
CA PRO A 255 29.48 -13.18 -4.30
C PRO A 255 29.23 -11.68 -4.41
N GLY A 256 28.02 -11.27 -4.03
CA GLY A 256 27.60 -9.87 -4.17
C GLY A 256 26.99 -9.52 -5.53
N ILE A 257 26.87 -10.51 -6.41
CA ILE A 257 26.28 -10.32 -7.73
C ILE A 257 24.76 -10.47 -7.67
N GLU A 258 24.28 -11.26 -6.71
CA GLU A 258 22.84 -11.41 -6.53
C GLU A 258 22.18 -10.04 -6.34
N GLN A 259 22.81 -9.21 -5.52
CA GLN A 259 22.30 -7.88 -5.22
C GLN A 259 22.47 -6.96 -6.43
N LYS A 260 23.66 -6.98 -7.03
CA LYS A 260 23.96 -6.13 -8.17
C LYS A 260 22.99 -6.37 -9.36
N ILE A 261 22.67 -7.64 -9.65
CA ILE A 261 21.67 -8.00 -10.66
C ILE A 261 20.25 -7.65 -10.26
N ASN A 262 19.86 -8.02 -9.03
CA ASN A 262 18.48 -7.81 -8.57
C ASN A 262 18.05 -6.34 -8.51
N SER A 263 19.01 -5.46 -8.29
CA SER A 263 18.70 -4.06 -8.14
C SER A 263 18.85 -3.32 -9.47
N ALA A 264 19.57 -3.93 -10.42
CA ALA A 264 19.63 -3.47 -11.80
C ALA A 264 18.25 -3.60 -12.45
N VAL A 265 17.57 -4.70 -12.17
CA VAL A 265 16.25 -4.95 -12.70
C VAL A 265 15.22 -3.99 -12.09
N PHE A 266 15.05 -4.07 -10.78
CA PHE A 266 14.30 -3.09 -10.02
C PHE A 266 15.17 -2.68 -8.84
N PRO A 267 15.36 -1.39 -8.61
CA PRO A 267 14.70 -0.24 -9.20
C PRO A 267 15.52 0.57 -10.22
N SER A 268 16.69 0.09 -10.61
CA SER A 268 17.40 0.80 -11.66
C SER A 268 16.56 0.99 -12.95
N PHE A 269 15.92 -0.08 -13.45
CA PHE A 269 15.37 -0.10 -14.81
C PHE A 269 13.87 -0.29 -14.88
N GLN A 270 13.35 -1.32 -14.23
CA GLN A 270 11.93 -1.61 -14.28
C GLN A 270 11.18 -1.08 -13.07
N GLY A 271 9.86 -1.01 -13.19
CA GLY A 271 9.00 -0.69 -12.07
C GLY A 271 8.31 -1.95 -11.62
N GLY A 272 6.98 -1.92 -11.56
CA GLY A 272 6.22 -3.09 -11.13
C GLY A 272 6.36 -4.22 -12.13
N PRO A 273 6.58 -5.46 -11.63
CA PRO A 273 6.70 -6.62 -12.51
C PRO A 273 5.36 -6.98 -13.12
N HIS A 274 5.40 -7.67 -14.27
CA HIS A 274 4.19 -8.15 -14.93
C HIS A 274 3.90 -9.56 -14.48
N ASN A 275 2.97 -9.66 -13.54
CA ASN A 275 2.68 -10.92 -12.84
C ASN A 275 2.04 -12.02 -13.67
N ASN A 276 1.28 -11.64 -14.68
CA ASN A 276 0.78 -12.61 -15.63
C ASN A 276 1.93 -13.27 -16.41
N LYS A 277 2.97 -12.49 -16.69
CA LYS A 277 4.15 -13.02 -17.37
C LYS A 277 4.82 -14.07 -16.48
N ILE A 278 5.21 -13.65 -15.28
CA ILE A 278 5.80 -14.55 -14.29
C ILE A 278 4.95 -15.84 -14.11
N ALA A 279 3.63 -15.70 -13.95
CA ALA A 279 2.80 -16.88 -13.87
C ALA A 279 2.97 -17.77 -15.10
N ALA A 280 2.96 -17.17 -16.30
CA ALA A 280 3.05 -17.97 -17.53
C ALA A 280 4.38 -18.71 -17.63
N VAL A 281 5.43 -18.03 -17.21
CA VAL A 281 6.74 -18.63 -17.21
C VAL A 281 6.69 -19.85 -16.28
N ALA A 282 6.22 -19.66 -15.04
CA ALA A 282 6.03 -20.77 -14.12
C ALA A 282 5.37 -21.95 -14.84
N CYS A 283 4.21 -21.70 -15.42
CA CYS A 283 3.48 -22.72 -16.19
C CYS A 283 4.32 -23.43 -17.26
N GLN A 284 5.16 -22.68 -17.95
CA GLN A 284 5.96 -23.29 -19.01
C GLN A 284 7.19 -23.98 -18.45
N LEU A 285 7.75 -23.44 -17.39
CA LEU A 285 8.95 -24.02 -16.78
C LEU A 285 8.72 -25.42 -16.24
N LYS A 286 7.52 -25.67 -15.70
CA LYS A 286 7.13 -27.00 -15.27
C LYS A 286 7.28 -27.91 -16.47
N GLU A 287 6.61 -27.56 -17.57
CA GLU A 287 6.62 -28.34 -18.80
C GLU A 287 8.04 -28.61 -19.30
N VAL A 288 8.93 -27.64 -19.16
CA VAL A 288 10.28 -27.80 -19.65
C VAL A 288 10.98 -28.96 -18.93
N HIS A 289 10.66 -29.16 -17.65
CA HIS A 289 11.32 -30.21 -16.86
C HIS A 289 10.83 -31.61 -17.12
N SER A 290 9.67 -31.71 -17.76
CA SER A 290 9.10 -33.01 -18.14
C SER A 290 9.98 -33.68 -19.20
N PRO A 291 10.06 -35.04 -19.20
CA PRO A 291 10.91 -35.67 -20.22
C PRO A 291 10.24 -35.66 -21.61
N ALA A 292 8.91 -35.45 -21.66
CA ALA A 292 8.16 -35.21 -22.89
C ALA A 292 8.61 -33.94 -23.64
N PHE A 293 9.13 -32.96 -22.90
CA PHE A 293 9.59 -31.75 -23.52
C PHE A 293 10.98 -31.98 -24.07
N LYS A 294 11.76 -32.81 -23.38
CA LYS A 294 13.06 -33.25 -23.88
C LYS A 294 12.82 -33.96 -25.20
N GLU A 295 11.79 -34.80 -25.24
CA GLU A 295 11.39 -35.44 -26.49
C GLU A 295 11.15 -34.38 -27.58
N TYR A 296 10.39 -33.33 -27.26
CA TYR A 296 10.06 -32.31 -28.25
C TYR A 296 11.32 -31.64 -28.78
N THR A 297 12.19 -31.24 -27.85
CA THR A 297 13.45 -30.61 -28.19
C THR A 297 14.28 -31.48 -29.11
N GLN A 298 14.19 -32.80 -28.91
CA GLN A 298 14.94 -33.75 -29.71
C GLN A 298 14.37 -33.79 -31.09
N GLN A 299 13.06 -33.64 -31.20
CA GLN A 299 12.42 -33.64 -32.50
C GLN A 299 12.86 -32.40 -33.28
N VAL A 300 13.07 -31.31 -32.55
CA VAL A 300 13.50 -30.05 -33.13
C VAL A 300 14.86 -30.22 -33.81
N LEU A 301 15.77 -30.92 -33.15
CA LEU A 301 17.11 -31.16 -33.71
C LEU A 301 17.04 -32.16 -34.86
N LEU A 302 16.27 -33.22 -34.68
CA LEU A 302 16.12 -34.23 -35.73
C LEU A 302 15.58 -33.59 -37.00
N ASN A 303 14.54 -32.77 -36.87
CA ASN A 303 13.95 -32.09 -38.03
C ASN A 303 14.92 -31.16 -38.70
N SER A 304 15.58 -30.36 -37.88
CA SER A 304 16.63 -29.45 -38.32
C SER A 304 17.69 -30.18 -39.14
N LYS A 305 18.22 -31.28 -38.60
CA LYS A 305 19.16 -32.15 -39.31
C LYS A 305 18.58 -32.62 -40.66
N ALA A 306 17.38 -33.19 -40.62
CA ALA A 306 16.75 -33.72 -41.82
C ALA A 306 16.54 -32.63 -42.87
N LEU A 307 16.24 -31.42 -42.42
CA LEU A 307 15.99 -30.31 -43.33
C LEU A 307 17.27 -29.83 -43.99
N ALA A 308 18.34 -29.81 -43.19
CA ALA A 308 19.69 -29.48 -43.65
C ALA A 308 20.15 -30.47 -44.74
N LYS A 309 19.98 -31.75 -44.45
CA LYS A 309 20.38 -32.81 -45.34
C LYS A 309 19.54 -32.74 -46.63
N ALA A 310 18.24 -32.47 -46.49
CA ALA A 310 17.34 -32.43 -47.66
C ALA A 310 17.71 -31.25 -48.56
N LEU A 311 18.06 -30.14 -47.93
CA LEU A 311 18.40 -28.93 -48.66
C LEU A 311 19.67 -29.17 -49.48
N ILE A 312 20.66 -29.78 -48.83
CA ILE A 312 21.93 -30.16 -49.46
C ILE A 312 21.72 -31.15 -50.59
N SER A 313 20.85 -32.13 -50.38
CA SER A 313 20.49 -33.10 -51.41
C SER A 313 19.94 -32.47 -52.68
N LYS A 314 19.36 -31.27 -52.57
CA LYS A 314 18.85 -30.52 -53.73
C LYS A 314 19.83 -29.44 -54.13
N GLN A 315 21.08 -29.59 -53.71
CA GLN A 315 22.21 -28.71 -54.07
C GLN A 315 22.07 -27.26 -53.62
N ILE A 316 21.43 -27.06 -52.48
CA ILE A 316 21.40 -25.78 -51.80
C ILE A 316 22.53 -25.74 -50.73
N ASP A 317 23.35 -24.69 -50.79
CA ASP A 317 24.47 -24.47 -49.85
C ASP A 317 24.01 -23.92 -48.48
N LEU A 318 24.62 -24.39 -47.38
CA LEU A 318 24.29 -23.87 -46.06
C LEU A 318 25.54 -23.31 -45.38
N VAL A 319 25.42 -22.17 -44.69
CA VAL A 319 26.58 -21.62 -43.99
C VAL A 319 27.01 -22.58 -42.88
N THR A 320 28.32 -22.80 -42.80
CA THR A 320 28.96 -23.88 -42.02
C THR A 320 28.62 -25.30 -42.53
N ASN A 321 27.92 -25.39 -43.66
CA ASN A 321 27.54 -26.68 -44.29
C ASN A 321 26.65 -27.61 -43.47
N GLY A 322 25.96 -27.05 -42.49
CA GLY A 322 25.06 -27.83 -41.65
C GLY A 322 24.62 -27.06 -40.42
N THR A 323 24.00 -27.79 -39.51
CA THR A 323 23.53 -27.21 -38.28
C THR A 323 23.86 -28.14 -37.09
N ASP A 324 24.15 -27.55 -35.92
CA ASP A 324 24.20 -28.35 -34.70
C ASP A 324 22.93 -28.17 -33.92
N ASN A 325 22.15 -27.15 -34.27
CA ASN A 325 20.99 -26.79 -33.49
C ASN A 325 19.71 -26.80 -34.30
N HIS A 326 18.86 -25.80 -34.02
CA HIS A 326 17.50 -25.71 -34.52
C HIS A 326 17.40 -24.87 -35.77
N LEU A 327 18.51 -24.31 -36.22
CA LEU A 327 18.46 -23.31 -37.27
C LEU A 327 19.52 -23.48 -38.37
N ILE A 328 19.12 -23.12 -39.58
CA ILE A 328 19.95 -23.28 -40.75
C ILE A 328 20.07 -21.88 -41.31
N VAL A 329 21.24 -21.53 -41.83
CA VAL A 329 21.35 -20.31 -42.64
C VAL A 329 21.73 -20.74 -44.04
N VAL A 330 20.85 -20.43 -45.00
CA VAL A 330 21.07 -20.72 -46.41
C VAL A 330 21.92 -19.64 -47.06
N ASP A 331 22.95 -20.08 -47.79
CA ASP A 331 23.82 -19.21 -48.58
C ASP A 331 23.32 -19.22 -50.04
N LEU A 332 22.81 -18.09 -50.51
CA LEU A 332 22.13 -18.08 -51.80
C LEU A 332 22.95 -17.64 -53.01
N ARG A 333 24.25 -17.38 -52.82
CA ARG A 333 25.12 -16.84 -53.90
C ARG A 333 25.04 -17.60 -55.23
N LYS A 334 25.08 -18.93 -55.19
CA LYS A 334 25.08 -19.73 -56.44
C LYS A 334 23.85 -19.51 -57.32
N PHE A 335 22.83 -18.84 -56.79
CA PHE A 335 21.62 -18.57 -57.56
C PHE A 335 21.52 -17.08 -57.92
N SER A 336 22.49 -16.29 -57.45
CA SER A 336 22.51 -14.86 -57.73
C SER A 336 21.21 -14.14 -57.33
N ILE A 337 20.60 -14.59 -56.24
CA ILE A 337 19.45 -13.89 -55.65
C ILE A 337 19.76 -13.51 -54.20
N THR A 338 19.05 -12.51 -53.67
CA THR A 338 19.26 -12.09 -52.30
C THR A 338 18.25 -12.77 -51.39
N GLY A 339 18.53 -12.71 -50.08
CA GLY A 339 17.57 -13.17 -49.07
C GLY A 339 16.35 -12.27 -49.04
N SER A 340 16.57 -10.97 -49.24
CA SER A 340 15.48 -10.00 -49.34
C SER A 340 14.44 -10.44 -50.38
N LYS A 341 14.89 -10.79 -51.57
CA LYS A 341 13.99 -11.32 -52.60
C LYS A 341 13.30 -12.64 -52.19
N LEU A 342 14.06 -13.58 -51.61
CA LEU A 342 13.48 -14.87 -51.26
C LEU A 342 12.41 -14.75 -50.15
N GLN A 343 12.66 -13.86 -49.20
CA GLN A 343 11.70 -13.51 -48.15
C GLN A 343 10.39 -13.09 -48.81
N GLU A 344 10.47 -12.16 -49.75
CA GLU A 344 9.29 -11.69 -50.47
C GLU A 344 8.55 -12.85 -51.17
N THR A 345 9.32 -13.72 -51.83
CA THR A 345 8.74 -14.86 -52.53
C THR A 345 8.01 -15.85 -51.60
N CYS A 346 8.61 -16.08 -50.44
CA CYS A 346 8.05 -16.98 -49.43
C CYS A 346 6.83 -16.36 -48.73
N ASN A 347 6.83 -15.04 -48.52
CA ASN A 347 5.64 -14.38 -48.01
C ASN A 347 4.44 -14.71 -48.90
N ALA A 348 4.62 -14.56 -50.21
CA ALA A 348 3.58 -14.88 -51.21
C ALA A 348 3.00 -16.29 -51.06
N ILE A 349 3.79 -17.23 -50.53
CA ILE A 349 3.31 -18.60 -50.43
C ILE A 349 2.99 -19.08 -49.03
N ASN A 350 2.82 -18.14 -48.09
CA ASN A 350 2.58 -18.46 -46.70
C ASN A 350 3.75 -19.24 -46.03
N VAL A 351 4.98 -18.86 -46.38
CA VAL A 351 6.17 -19.39 -45.73
C VAL A 351 6.90 -18.23 -45.04
N SER A 352 6.98 -18.29 -43.72
CA SER A 352 7.70 -17.26 -42.99
C SER A 352 9.16 -17.65 -42.79
N LEU A 353 10.04 -16.82 -43.34
CA LEU A 353 11.45 -16.91 -43.06
C LEU A 353 11.98 -15.48 -43.13
N ASN A 354 13.22 -15.26 -42.72
CA ASN A 354 13.77 -13.90 -42.73
C ASN A 354 15.14 -13.87 -43.39
N LYS A 355 15.43 -12.78 -44.09
CA LYS A 355 16.73 -12.56 -44.70
C LYS A 355 17.83 -12.55 -43.64
N ASN A 356 19.00 -13.05 -44.01
CA ASN A 356 20.15 -13.16 -43.11
C ASN A 356 21.46 -12.87 -43.85
N THR A 357 22.40 -12.20 -43.19
CA THR A 357 23.73 -11.97 -43.75
C THR A 357 24.62 -13.20 -43.69
N ILE A 358 25.46 -13.37 -44.71
CA ILE A 358 26.44 -14.45 -44.74
C ILE A 358 27.84 -13.82 -44.64
N PRO A 359 28.89 -14.61 -44.31
CA PRO A 359 30.15 -13.89 -43.97
C PRO A 359 30.67 -12.93 -45.06
N SER A 360 30.47 -13.30 -46.33
CA SER A 360 30.90 -12.49 -47.48
C SER A 360 30.06 -11.23 -47.68
N ASP A 361 28.96 -11.09 -46.95
CA ASP A 361 28.10 -9.91 -47.08
C ASP A 361 28.69 -8.71 -46.37
N VAL A 362 28.60 -7.55 -47.01
CA VAL A 362 29.25 -6.35 -46.46
C VAL A 362 28.29 -5.34 -45.82
N ASP A 363 27.03 -5.76 -45.60
CA ASP A 363 26.02 -4.93 -44.91
C ASP A 363 24.68 -5.64 -44.72
N CYS A 364 23.97 -5.25 -43.67
CA CYS A 364 22.64 -5.76 -43.34
C CYS A 364 21.61 -5.64 -44.49
N VAL A 365 21.73 -4.63 -45.34
CA VAL A 365 20.74 -4.35 -46.40
C VAL A 365 21.02 -5.17 -47.65
N SER A 366 20.02 -5.92 -48.10
CA SER A 366 20.13 -6.85 -49.25
C SER A 366 21.10 -8.05 -49.04
N PRO A 367 20.91 -8.82 -47.96
CA PRO A 367 21.86 -9.90 -47.63
C PRO A 367 21.77 -11.10 -48.58
N SER A 368 22.70 -12.04 -48.45
CA SER A 368 22.77 -13.15 -49.39
C SER A 368 22.25 -14.49 -48.83
N GLY A 369 21.62 -14.44 -47.66
CA GLY A 369 21.02 -15.65 -47.11
C GLY A 369 19.64 -15.49 -46.50
N VAL A 370 19.12 -16.60 -46.02
CA VAL A 370 17.90 -16.63 -45.25
C VAL A 370 18.12 -17.55 -44.05
N ARG A 371 17.45 -17.26 -42.95
CA ARG A 371 17.50 -18.12 -41.80
C ARG A 371 16.20 -18.87 -41.67
N ILE A 372 16.29 -20.16 -41.47
CA ILE A 372 15.12 -20.97 -41.20
C ILE A 372 15.36 -21.73 -39.91
N GLY A 373 14.27 -22.04 -39.22
CA GLY A 373 14.36 -22.77 -37.96
C GLY A 373 13.16 -23.68 -37.79
N THR A 374 13.33 -24.71 -36.99
CA THR A 374 12.35 -25.80 -36.88
C THR A 374 11.43 -25.91 -35.64
N PRO A 375 11.63 -25.08 -34.58
CA PRO A 375 10.81 -25.26 -33.38
C PRO A 375 9.31 -25.07 -33.57
N ALA A 376 8.90 -24.09 -34.37
CA ALA A 376 7.47 -23.84 -34.57
C ALA A 376 6.79 -24.97 -35.37
N MET A 377 7.37 -25.35 -36.50
CA MET A 377 6.83 -26.50 -37.23
C MET A 377 6.86 -27.80 -36.40
N THR A 378 7.89 -27.99 -35.58
CA THR A 378 7.91 -29.14 -34.70
C THR A 378 6.75 -29.11 -33.72
N THR A 379 6.49 -27.93 -33.15
CA THR A 379 5.36 -27.77 -32.27
C THR A 379 4.10 -28.27 -32.97
N ARG A 380 3.92 -27.91 -34.24
CA ARG A 380 2.73 -28.29 -34.99
C ARG A 380 2.67 -29.76 -35.41
N GLY A 381 3.74 -30.52 -35.13
CA GLY A 381 3.72 -31.96 -35.33
C GLY A 381 4.44 -32.53 -36.54
N ALA A 382 5.21 -31.72 -37.27
CA ALA A 382 5.98 -32.21 -38.40
C ALA A 382 7.15 -33.10 -37.96
N LYS A 383 7.34 -34.21 -38.68
CA LYS A 383 8.38 -35.18 -38.37
C LYS A 383 9.50 -35.10 -39.40
N GLU A 384 10.49 -35.99 -39.28
CA GLU A 384 11.63 -35.97 -40.18
C GLU A 384 11.20 -36.04 -41.65
N LYS A 385 10.24 -36.91 -41.94
CA LYS A 385 9.72 -37.14 -43.31
C LYS A 385 9.09 -35.90 -43.95
N ASP A 386 8.62 -34.97 -43.11
CA ASP A 386 7.99 -33.75 -43.60
C ASP A 386 8.97 -32.71 -44.01
N MET A 387 10.24 -32.91 -43.64
CA MET A 387 11.29 -31.93 -43.97
C MET A 387 11.58 -31.96 -45.45
N GLU A 388 11.40 -33.13 -46.07
CA GLU A 388 11.55 -33.25 -47.54
C GLU A 388 10.66 -32.23 -48.26
N PHE A 389 9.38 -32.21 -47.86
CA PHE A 389 8.35 -31.29 -48.35
C PHE A 389 8.72 -29.83 -48.13
N ILE A 390 9.16 -29.47 -46.92
CA ILE A 390 9.61 -28.09 -46.63
C ILE A 390 10.75 -27.72 -47.55
N ALA A 391 11.71 -28.63 -47.65
CA ALA A 391 12.88 -28.43 -48.50
C ALA A 391 12.44 -28.28 -49.96
N ASP A 392 11.49 -29.11 -50.39
CA ASP A 392 10.97 -29.02 -51.75
C ASP A 392 10.27 -27.69 -51.98
N VAL A 393 9.45 -27.25 -51.03
CA VAL A 393 8.80 -25.94 -51.14
C VAL A 393 9.82 -24.81 -51.26
N LEU A 394 10.95 -24.89 -50.55
CA LEU A 394 11.94 -23.79 -50.57
C LEU A 394 12.75 -23.78 -51.86
N ALA A 395 13.07 -24.98 -52.35
CA ALA A 395 13.75 -25.13 -53.64
C ALA A 395 12.86 -24.57 -54.76
N ARG A 396 11.58 -24.96 -54.77
CA ARG A 396 10.62 -24.42 -55.74
C ARG A 396 10.55 -22.88 -55.65
N ALA A 397 10.53 -22.34 -54.42
CA ALA A 397 10.55 -20.89 -54.20
C ALA A 397 11.84 -20.23 -54.65
N ILE A 398 12.96 -20.93 -54.50
CA ILE A 398 14.23 -20.35 -54.93
C ILE A 398 14.23 -20.19 -56.45
N LYS A 399 13.75 -21.23 -57.13
CA LYS A 399 13.65 -21.25 -58.59
C LYS A 399 12.74 -20.14 -59.16
N ILE A 400 11.54 -20.01 -58.60
CA ILE A 400 10.63 -18.94 -59.01
C ILE A 400 11.26 -17.57 -58.82
N THR A 401 12.05 -17.43 -57.77
CA THR A 401 12.72 -16.18 -57.47
C THR A 401 13.75 -15.86 -58.57
N VAL A 402 14.48 -16.88 -59.02
CA VAL A 402 15.43 -16.75 -60.14
C VAL A 402 14.68 -16.27 -61.40
N ASP A 403 13.56 -16.92 -61.70
CA ASP A 403 12.73 -16.58 -62.88
C ASP A 403 12.23 -15.13 -62.87
N LEU A 404 11.60 -14.75 -61.76
CA LEU A 404 11.11 -13.40 -61.56
C LEU A 404 12.20 -12.35 -61.60
N GLN A 405 13.39 -12.69 -61.11
CA GLN A 405 14.48 -11.75 -61.20
C GLN A 405 14.85 -11.54 -62.67
N GLU A 406 14.90 -12.64 -63.43
CA GLU A 406 15.22 -12.58 -64.86
C GLU A 406 14.19 -11.76 -65.64
N GLN A 407 12.91 -11.92 -65.30
CA GLN A 407 11.81 -11.22 -65.97
C GLN A 407 11.67 -9.73 -65.60
N TYR A 408 12.08 -9.36 -64.39
CA TYR A 408 11.85 -7.99 -63.87
C TYR A 408 13.10 -7.22 -63.37
N GLY A 409 14.26 -7.88 -63.33
CA GLY A 409 15.50 -7.21 -62.89
C GLY A 409 15.83 -7.36 -61.41
N LYS A 410 16.93 -6.73 -61.00
CA LYS A 410 17.52 -6.93 -59.67
C LYS A 410 17.08 -5.91 -58.61
N LYS A 411 16.39 -4.85 -59.02
CA LYS A 411 15.82 -3.89 -58.08
C LYS A 411 14.65 -4.54 -57.35
N LEU A 412 14.64 -4.42 -56.02
CA LEU A 412 13.66 -5.11 -55.20
C LEU A 412 12.22 -4.65 -55.48
N VAL A 413 12.05 -3.34 -55.66
CA VAL A 413 10.74 -2.76 -55.98
C VAL A 413 10.18 -3.33 -57.28
N ASP A 414 11.02 -3.43 -58.31
CA ASP A 414 10.67 -4.11 -59.56
C ASP A 414 10.25 -5.57 -59.30
N PHE A 415 11.14 -6.34 -58.67
CA PHE A 415 10.92 -7.75 -58.35
C PHE A 415 9.51 -8.04 -57.81
N LYS A 416 9.12 -7.33 -56.74
CA LYS A 416 7.82 -7.56 -56.07
C LYS A 416 6.62 -7.51 -57.01
N LYS A 417 6.70 -6.66 -58.04
CA LYS A 417 5.65 -6.54 -59.07
C LYS A 417 5.33 -7.89 -59.73
N GLY A 418 6.32 -8.78 -59.74
CA GLY A 418 6.14 -10.12 -60.30
C GLY A 418 5.27 -11.06 -59.48
N LEU A 419 5.15 -10.77 -58.19
CA LEU A 419 4.61 -11.71 -57.20
C LEU A 419 3.09 -11.93 -57.29
N PRO A 420 2.29 -10.84 -57.31
CA PRO A 420 0.84 -11.04 -57.30
C PRO A 420 0.34 -11.65 -58.61
N GLY A 421 -0.55 -12.64 -58.49
CA GLY A 421 -1.13 -13.33 -59.64
C GLY A 421 -0.13 -14.07 -60.51
N ASN A 422 0.75 -14.83 -59.88
CA ASN A 422 1.70 -15.69 -60.56
C ASN A 422 1.22 -17.12 -60.37
N ALA A 423 0.88 -17.77 -61.48
CA ALA A 423 0.30 -19.12 -61.49
C ALA A 423 1.02 -20.09 -60.56
N GLN A 424 2.35 -20.03 -60.59
CA GLN A 424 3.18 -20.94 -59.79
C GLN A 424 3.10 -20.64 -58.29
N LEU A 425 3.20 -19.37 -57.91
CA LEU A 425 3.06 -19.00 -56.52
C LEU A 425 1.69 -19.35 -55.94
N GLN A 426 0.65 -19.21 -56.75
CA GLN A 426 -0.74 -19.51 -56.32
C GLN A 426 -0.97 -21.00 -56.14
N GLN A 427 -0.27 -21.79 -56.96
CA GLN A 427 -0.35 -23.25 -56.88
C GLN A 427 0.40 -23.68 -55.64
N LEU A 428 1.55 -23.06 -55.42
CA LEU A 428 2.40 -23.42 -54.31
C LEU A 428 1.76 -23.01 -52.99
N LYS A 429 1.31 -21.74 -52.89
CA LYS A 429 0.56 -21.27 -51.71
C LYS A 429 -0.53 -22.27 -51.29
N GLN A 430 -1.33 -22.68 -52.26
CA GLN A 430 -2.42 -23.62 -52.04
C GLN A 430 -1.93 -24.97 -51.53
N GLU A 431 -0.75 -25.40 -51.97
CA GLU A 431 -0.17 -26.63 -51.42
C GLU A 431 0.24 -26.39 -49.98
N VAL A 432 0.90 -25.27 -49.72
CA VAL A 432 1.28 -24.87 -48.36
C VAL A 432 0.07 -24.80 -47.44
N VAL A 433 -0.95 -24.03 -47.85
CA VAL A 433 -2.16 -23.82 -47.05
C VAL A 433 -2.87 -25.16 -46.75
N THR A 434 -2.92 -26.05 -47.74
CA THR A 434 -3.59 -27.34 -47.57
C THR A 434 -2.86 -28.16 -46.54
N TRP A 435 -1.52 -28.21 -46.62
CA TRP A 435 -0.76 -29.03 -45.68
C TRP A 435 -0.65 -28.38 -44.32
N ALA A 436 -0.41 -27.08 -44.28
CA ALA A 436 -0.26 -26.34 -43.00
C ALA A 436 -1.56 -26.20 -42.22
N GLY A 437 -2.61 -25.78 -42.93
CA GLY A 437 -3.91 -25.51 -42.33
C GLY A 437 -4.47 -26.67 -41.53
N ALA A 438 -3.98 -27.87 -41.81
CA ALA A 438 -4.50 -29.11 -41.24
C ALA A 438 -3.57 -29.73 -40.20
N LEU A 439 -2.43 -29.10 -39.97
CA LEU A 439 -1.53 -29.56 -38.90
C LEU A 439 -2.07 -29.18 -37.52
N PRO A 440 -1.77 -29.99 -36.48
CA PRO A 440 -2.13 -29.65 -35.12
C PRO A 440 -1.80 -28.18 -34.81
N PHE A 441 -2.63 -27.55 -33.97
CA PHE A 441 -2.55 -26.12 -33.74
C PHE A 441 -2.98 -25.81 -32.30
N PRO A 442 -2.02 -25.42 -31.45
CA PRO A 442 -2.39 -25.09 -30.08
C PRO A 442 -2.97 -23.68 -29.98
N MET B 1 2.53 -31.60 -31.38
CA MET B 1 3.44 -32.15 -30.33
C MET B 1 3.47 -31.21 -29.12
N PHE B 2 2.30 -31.00 -28.53
CA PHE B 2 2.14 -30.09 -27.40
C PHE B 2 1.09 -30.61 -26.44
N ASN B 3 1.23 -30.23 -25.16
CA ASN B 3 0.17 -30.52 -24.19
C ASN B 3 -0.91 -29.44 -24.15
N ASN B 4 -2.13 -29.81 -24.52
CA ASN B 4 -3.23 -28.85 -24.57
C ASN B 4 -4.27 -28.99 -23.43
N GLU B 5 -3.85 -29.59 -22.31
CA GLU B 5 -4.67 -29.67 -21.10
C GLU B 5 -4.93 -28.25 -20.56
N PRO B 6 -6.14 -27.99 -20.02
CA PRO B 6 -6.43 -26.69 -19.36
C PRO B 6 -5.51 -26.46 -18.16
N LEU B 7 -5.29 -25.19 -17.81
CA LEU B 7 -4.37 -24.82 -16.71
C LEU B 7 -4.62 -25.62 -15.43
N GLU B 8 -5.89 -25.83 -15.10
CA GLU B 8 -6.31 -26.64 -13.94
C GLU B 8 -5.67 -28.03 -13.95
N GLN B 9 -5.79 -28.74 -15.07
CA GLN B 9 -5.26 -30.08 -15.18
C GLN B 9 -3.73 -30.08 -15.30
N ILE B 10 -3.19 -29.22 -16.17
CA ILE B 10 -1.75 -29.20 -16.47
C ILE B 10 -0.87 -28.76 -15.32
N ASP B 11 -1.36 -27.85 -14.48
CA ASP B 11 -0.52 -27.27 -13.42
C ASP B 11 -1.35 -26.85 -12.21
N LYS B 12 -1.99 -27.83 -11.56
CA LYS B 12 -2.90 -27.58 -10.44
C LYS B 12 -2.28 -26.72 -9.33
N GLU B 13 -0.99 -26.94 -9.05
CA GLU B 13 -0.29 -26.13 -8.05
C GLU B 13 -0.49 -24.62 -8.28
N LEU B 14 -0.33 -24.18 -9.52
CA LEU B 14 -0.38 -22.77 -9.87
C LEU B 14 -1.82 -22.28 -10.04
N HIS B 15 -2.69 -23.10 -10.61
CA HIS B 15 -4.11 -22.77 -10.69
C HIS B 15 -4.70 -22.45 -9.33
N ASP B 16 -4.12 -23.04 -8.27
CA ASP B 16 -4.59 -22.84 -6.92
C ASP B 16 -4.22 -21.46 -6.39
N ILE B 17 -2.92 -21.16 -6.43
CA ILE B 17 -2.42 -19.86 -6.00
C ILE B 17 -3.17 -18.75 -6.73
N LEU B 18 -3.28 -18.86 -8.04
CA LEU B 18 -4.04 -17.90 -8.84
C LEU B 18 -5.48 -17.75 -8.36
N ALA B 19 -6.15 -18.88 -8.12
CA ALA B 19 -7.55 -18.90 -7.67
C ALA B 19 -7.68 -18.21 -6.32
N ASP B 20 -6.67 -18.44 -5.48
CA ASP B 20 -6.53 -17.74 -4.22
C ASP B 20 -6.37 -16.23 -4.40
N GLU B 21 -5.50 -15.83 -5.34
CA GLU B 21 -5.26 -14.42 -5.64
C GLU B 21 -6.57 -13.73 -6.04
N GLU B 22 -7.32 -14.37 -6.93
CA GLU B 22 -8.63 -13.89 -7.37
C GLU B 22 -9.60 -13.60 -6.21
N LYS B 23 -9.71 -14.52 -5.27
CA LYS B 23 -10.52 -14.32 -4.06
C LYS B 23 -10.00 -13.15 -3.19
N ARG B 24 -8.70 -13.06 -2.98
CA ARG B 24 -8.13 -11.92 -2.25
C ARG B 24 -8.54 -10.59 -2.93
N GLN B 25 -8.33 -10.48 -4.25
CA GLN B 25 -8.80 -9.30 -5.00
C GLN B 25 -10.31 -9.04 -4.84
N ARG B 26 -11.09 -10.12 -4.83
CA ARG B 26 -12.54 -10.04 -4.69
C ARG B 26 -12.95 -9.57 -3.30
N GLU B 27 -12.12 -9.83 -2.29
CA GLU B 27 -12.53 -9.61 -0.91
C GLU B 27 -11.73 -8.52 -0.21
N THR B 28 -11.15 -7.62 -0.99
CA THR B 28 -10.30 -6.56 -0.46
C THR B 28 -10.93 -5.22 -0.78
N ILE B 29 -10.82 -4.27 0.15
CA ILE B 29 -11.03 -2.87 -0.21
C ILE B 29 -9.67 -2.32 -0.66
N ASN B 30 -9.51 -2.30 -1.98
CA ASN B 30 -8.29 -1.89 -2.65
C ASN B 30 -8.22 -0.38 -2.81
N LEU B 31 -7.35 0.27 -2.03
CA LEU B 31 -7.11 1.70 -2.19
C LEU B 31 -5.75 2.06 -2.81
N ILE B 32 -5.06 1.09 -3.42
CA ILE B 32 -3.79 1.39 -4.12
C ILE B 32 -4.09 2.36 -5.25
N ALA B 33 -3.51 3.55 -5.20
CA ALA B 33 -3.91 4.60 -6.15
C ALA B 33 -3.54 4.27 -7.60
N SER B 34 -2.68 3.28 -7.78
CA SER B 34 -2.19 2.95 -9.11
C SER B 34 -2.73 1.63 -9.61
N GLU B 35 -3.70 1.05 -8.91
CA GLU B 35 -4.32 -0.19 -9.35
C GLU B 35 -5.73 0.00 -9.92
N ASN B 36 -6.13 -0.94 -10.76
CA ASN B 36 -7.47 -0.97 -11.30
C ASN B 36 -7.85 -2.41 -11.56
N LEU B 37 -8.98 -2.63 -12.20
CA LEU B 37 -9.39 -4.00 -12.56
C LEU B 37 -9.70 -4.06 -14.04
N THR B 38 -8.96 -4.87 -14.78
CA THR B 38 -9.21 -5.08 -16.21
C THR B 38 -10.46 -5.91 -16.43
N ASN B 39 -11.24 -5.56 -17.47
CA ASN B 39 -12.42 -6.34 -17.91
C ASN B 39 -12.06 -7.61 -18.71
N GLY B 40 -13.04 -8.47 -19.00
CA GLY B 40 -12.80 -9.73 -19.70
C GLY B 40 -12.23 -9.55 -21.10
N ALA B 41 -12.61 -8.47 -21.77
CA ALA B 41 -12.21 -8.20 -23.16
C ALA B 41 -10.71 -7.93 -23.27
N VAL B 42 -10.21 -7.10 -22.37
CA VAL B 42 -8.79 -6.82 -22.26
C VAL B 42 -7.99 -8.08 -22.00
N ARG B 43 -8.50 -8.92 -21.11
CA ARG B 43 -7.78 -10.12 -20.75
C ARG B 43 -7.84 -11.22 -21.82
N GLU B 44 -8.87 -11.20 -22.67
CA GLU B 44 -8.90 -12.01 -23.90
C GLU B 44 -7.77 -11.61 -24.82
N CYS B 45 -7.54 -10.31 -24.96
CA CYS B 45 -6.45 -9.78 -25.79
C CYS B 45 -5.07 -10.15 -25.26
N LEU B 46 -4.84 -9.97 -23.95
CA LEU B 46 -3.58 -10.40 -23.33
C LEU B 46 -3.28 -11.89 -23.49
N GLY B 47 -4.33 -12.72 -23.51
CA GLY B 47 -4.19 -14.15 -23.73
C GLY B 47 -4.40 -14.62 -25.18
N ASN B 48 -4.28 -13.71 -26.14
CA ASN B 48 -4.49 -14.02 -27.59
C ASN B 48 -3.22 -14.56 -28.28
N ARG B 49 -3.38 -15.49 -29.23
CA ARG B 49 -2.24 -16.03 -30.03
C ARG B 49 -1.45 -14.99 -30.83
N VAL B 50 -1.89 -13.75 -30.81
CA VAL B 50 -1.18 -12.71 -31.53
C VAL B 50 0.22 -12.46 -30.95
N SER B 51 0.48 -12.97 -29.74
CA SER B 51 1.80 -12.82 -29.14
C SER B 51 2.82 -13.84 -29.64
N ASN B 52 2.42 -14.78 -30.50
CA ASN B 52 3.37 -15.69 -31.16
C ASN B 52 4.22 -14.98 -32.22
N LYS B 53 3.85 -13.75 -32.55
CA LYS B 53 4.38 -13.11 -33.73
C LYS B 53 5.49 -12.14 -33.40
N TYR B 54 6.62 -12.29 -34.07
CA TYR B 54 7.70 -11.30 -34.00
C TYR B 54 7.47 -10.17 -34.99
N SER B 55 7.50 -8.95 -34.49
CA SER B 55 7.11 -7.79 -35.28
C SER B 55 8.08 -6.63 -35.16
N GLU B 56 9.34 -6.94 -34.87
CA GLU B 56 10.33 -5.87 -34.75
C GLU B 56 10.30 -4.88 -35.91
N GLY B 57 10.26 -3.61 -35.54
CA GLY B 57 10.17 -2.51 -36.50
C GLY B 57 8.86 -1.79 -36.28
N TYR B 58 8.45 -1.03 -37.28
CA TYR B 58 7.16 -0.34 -37.24
C TYR B 58 6.21 -0.76 -38.37
N PRO B 59 4.90 -0.40 -38.27
CA PRO B 59 3.97 -0.81 -39.33
C PRO B 59 4.39 -0.33 -40.71
N LYS B 60 4.24 -1.19 -41.71
CA LYS B 60 4.68 -0.95 -43.10
C LYS B 60 6.20 -0.88 -43.25
N LYS B 61 6.92 -1.07 -42.13
CA LYS B 61 8.38 -1.05 -42.13
C LYS B 61 8.96 -2.18 -41.28
N ARG B 62 8.29 -3.34 -41.27
CA ARG B 62 8.72 -4.49 -40.48
C ARG B 62 9.95 -5.16 -41.08
N TYR B 63 10.81 -5.71 -40.21
CA TYR B 63 11.95 -6.54 -40.67
C TYR B 63 11.49 -7.85 -41.30
N TYR B 64 10.50 -8.50 -40.68
CA TYR B 64 9.93 -9.74 -41.21
C TYR B 64 8.61 -9.47 -41.89
N GLY B 65 8.12 -10.45 -42.65
CA GLY B 65 6.81 -10.36 -43.28
C GLY B 65 5.77 -11.26 -42.63
N GLY B 66 4.56 -11.25 -43.15
CA GLY B 66 3.43 -11.91 -42.50
C GLY B 66 2.86 -11.03 -41.40
N ASN B 67 3.26 -9.77 -41.40
CA ASN B 67 2.92 -8.82 -40.35
C ASN B 67 1.79 -7.85 -40.74
N ASP B 68 0.97 -8.25 -41.70
CA ASP B 68 -0.06 -7.38 -42.19
C ASP B 68 -1.22 -7.24 -41.20
N PHE B 69 -1.61 -8.34 -40.57
CA PHE B 69 -2.66 -8.28 -39.56
C PHE B 69 -2.15 -7.59 -38.30
N ILE B 70 -0.85 -7.73 -38.03
CA ILE B 70 -0.16 -7.00 -36.94
C ILE B 70 -0.11 -5.49 -37.21
N ASP B 71 0.25 -5.14 -38.44
CA ASP B 71 0.31 -3.72 -38.83
C ASP B 71 -1.03 -3.03 -38.56
N LYS B 72 -2.12 -3.73 -38.85
CA LYS B 72 -3.47 -3.17 -38.71
C LYS B 72 -3.83 -3.01 -37.24
N ILE B 73 -3.39 -3.95 -36.40
CA ILE B 73 -3.60 -3.81 -34.97
C ILE B 73 -2.80 -2.65 -34.42
N GLU B 74 -1.52 -2.57 -34.75
CA GLU B 74 -0.69 -1.47 -34.26
C GLU B 74 -1.24 -0.13 -34.71
N GLU B 75 -1.79 -0.08 -35.93
CA GLU B 75 -2.31 1.18 -36.51
C GLU B 75 -3.61 1.62 -35.85
N LEU B 76 -4.51 0.66 -35.64
CA LEU B 76 -5.75 0.90 -34.89
C LEU B 76 -5.45 1.48 -33.49
N CYS B 77 -4.43 0.93 -32.83
CA CYS B 77 -4.03 1.37 -31.49
C CYS B 77 -3.39 2.79 -31.45
N GLN B 78 -2.52 3.10 -32.40
CA GLN B 78 -1.99 4.48 -32.49
C GLN B 78 -3.12 5.48 -32.76
N LYS B 79 -4.07 5.07 -33.60
CA LYS B 79 -5.21 5.89 -33.96
C LYS B 79 -6.11 6.09 -32.76
N ARG B 80 -6.62 5.01 -32.19
CA ARG B 80 -7.49 5.08 -31.01
C ARG B 80 -6.82 5.84 -29.86
N ALA B 81 -5.49 5.81 -29.80
CA ALA B 81 -4.73 6.55 -28.77
C ALA B 81 -4.80 8.04 -28.98
N LEU B 82 -4.66 8.46 -30.23
CA LEU B 82 -4.64 9.88 -30.60
C LEU B 82 -6.02 10.52 -30.45
N GLU B 83 -7.09 9.83 -30.84
CA GLU B 83 -8.42 10.37 -30.55
C GLU B 83 -8.78 10.34 -29.06
N ALA B 84 -8.34 9.30 -28.35
CA ALA B 84 -8.60 9.18 -26.91
C ALA B 84 -8.13 10.43 -26.16
N PHE B 85 -6.93 10.87 -26.48
CA PHE B 85 -6.40 12.06 -25.86
C PHE B 85 -6.65 13.31 -26.69
N ASN B 86 -7.66 13.24 -27.53
CA ASN B 86 -8.20 14.40 -28.27
C ASN B 86 -7.12 15.29 -28.92
N VAL B 87 -6.21 14.62 -29.65
CA VAL B 87 -5.18 15.29 -30.43
C VAL B 87 -5.26 14.87 -31.89
N SER B 88 -4.79 15.76 -32.77
CA SER B 88 -4.81 15.52 -34.22
C SER B 88 -3.55 14.81 -34.63
N ASP B 89 -3.70 13.75 -35.44
CA ASP B 89 -2.57 12.95 -35.92
C ASP B 89 -1.62 13.70 -36.88
N GLU B 90 -1.80 15.01 -36.95
CA GLU B 90 -0.97 15.88 -37.77
C GLU B 90 -0.05 16.71 -36.90
N GLU B 91 -0.40 16.82 -35.62
CA GLU B 91 0.40 17.59 -34.68
C GLU B 91 1.13 16.67 -33.69
N TRP B 92 0.48 15.56 -33.36
CA TRP B 92 1.01 14.62 -32.37
C TRP B 92 1.24 13.28 -32.98
N GLY B 93 2.33 12.64 -32.60
CA GLY B 93 2.46 11.21 -32.88
C GLY B 93 2.54 10.39 -31.60
N VAL B 94 2.40 9.08 -31.72
CA VAL B 94 2.49 8.20 -30.57
C VAL B 94 3.17 6.87 -30.89
N ASN B 95 4.05 6.45 -29.98
CA ASN B 95 4.59 5.08 -29.96
C ASN B 95 3.84 4.13 -28.97
N VAL B 96 3.36 2.99 -29.46
CA VAL B 96 2.55 2.06 -28.65
C VAL B 96 3.30 0.77 -28.22
N GLN B 97 4.62 0.80 -28.34
CA GLN B 97 5.41 -0.40 -28.11
C GLN B 97 6.06 -0.53 -26.72
N PRO B 98 6.41 0.59 -26.03
CA PRO B 98 7.04 0.51 -24.69
C PRO B 98 6.36 -0.51 -23.78
N LEU B 99 7.16 -1.35 -23.11
CA LEU B 99 6.59 -2.48 -22.41
C LEU B 99 5.98 -2.11 -21.06
N SER B 100 6.47 -1.03 -20.45
CA SER B 100 5.95 -0.55 -19.19
C SER B 100 6.17 0.95 -19.07
N GLY B 101 5.61 1.56 -18.03
CA GLY B 101 5.78 2.99 -17.79
C GLY B 101 7.21 3.40 -17.61
N SER B 102 7.96 2.61 -16.84
CA SER B 102 9.39 2.86 -16.60
C SER B 102 10.25 2.76 -17.89
N ALA B 103 9.99 1.77 -18.74
CA ALA B 103 10.66 1.68 -20.04
C ALA B 103 10.38 2.91 -20.95
N ALA B 104 9.10 3.29 -21.10
CA ALA B 104 8.69 4.49 -21.84
C ALA B 104 9.44 5.75 -21.40
N ASN B 105 9.48 6.00 -20.09
CA ASN B 105 10.18 7.17 -19.59
C ASN B 105 11.68 7.20 -19.91
N VAL B 106 12.39 6.10 -19.65
CA VAL B 106 13.81 5.96 -19.97
C VAL B 106 14.08 6.17 -21.46
N GLN B 107 13.30 5.46 -22.28
CA GLN B 107 13.35 5.57 -23.72
C GLN B 107 13.15 7.01 -24.20
N ALA B 108 12.06 7.65 -23.79
CA ALA B 108 11.76 9.03 -24.18
C ALA B 108 12.83 10.01 -23.70
N LEU B 109 13.32 9.83 -22.49
CA LEU B 109 14.38 10.71 -21.98
C LEU B 109 15.66 10.57 -22.81
N TYR B 110 16.04 9.32 -23.10
CA TYR B 110 17.21 9.08 -23.94
C TYR B 110 17.07 9.74 -25.32
N ALA B 111 15.93 9.53 -25.94
CA ALA B 111 15.57 10.15 -27.20
C ALA B 111 15.83 11.64 -27.19
N LEU B 112 15.36 12.32 -26.15
CA LEU B 112 15.45 13.79 -26.06
C LEU B 112 16.84 14.31 -25.69
N VAL B 113 17.56 13.59 -24.83
CA VAL B 113 18.80 14.11 -24.26
C VAL B 113 20.05 13.28 -24.51
N GLY B 114 19.92 11.97 -24.68
CA GLY B 114 21.06 11.06 -24.77
C GLY B 114 21.86 10.87 -23.47
N VAL B 115 22.78 9.91 -23.47
CA VAL B 115 23.63 9.62 -22.32
C VAL B 115 24.33 10.91 -21.90
N LYS B 116 24.57 11.06 -20.59
CA LYS B 116 25.14 12.29 -20.01
C LYS B 116 24.20 13.51 -20.12
N GLY B 117 23.07 13.38 -20.82
CA GLY B 117 22.09 14.46 -20.94
C GLY B 117 21.49 14.89 -19.60
N LYS B 118 21.14 16.17 -19.47
CA LYS B 118 20.66 16.75 -18.20
C LYS B 118 19.13 16.77 -18.09
N ILE B 119 18.62 16.31 -16.94
CA ILE B 119 17.15 16.28 -16.71
C ILE B 119 16.75 16.75 -15.30
N MET B 120 15.55 17.31 -15.19
CA MET B 120 14.99 17.66 -13.89
C MET B 120 13.71 16.88 -13.65
N GLY B 121 13.50 16.47 -12.40
CA GLY B 121 12.27 15.76 -12.03
C GLY B 121 11.93 16.02 -10.59
N MET B 122 10.67 15.74 -10.21
CA MET B 122 10.26 15.80 -8.80
C MET B 122 10.85 14.64 -7.99
N HIS B 123 11.45 14.96 -6.85
CA HIS B 123 11.92 13.97 -5.89
C HIS B 123 10.87 12.95 -5.60
N LEU B 124 11.32 11.72 -5.37
CA LEU B 124 10.43 10.62 -5.03
C LEU B 124 9.63 10.89 -3.76
N CYS B 125 10.32 11.36 -2.74
CA CYS B 125 9.70 11.72 -1.44
C CYS B 125 8.60 12.78 -1.59
N SER B 126 8.75 13.70 -2.55
CA SER B 126 7.75 14.74 -2.82
C SER B 126 6.70 14.29 -3.84
N GLY B 127 6.85 13.09 -4.40
CA GLY B 127 5.79 12.54 -5.25
C GLY B 127 6.18 12.18 -6.68
N GLY B 128 7.47 12.36 -7.03
CA GLY B 128 7.98 11.94 -8.33
C GLY B 128 8.18 10.43 -8.42
N HIS B 129 8.25 9.91 -9.64
CA HIS B 129 8.53 8.50 -9.89
C HIS B 129 9.99 8.29 -9.96
N LEU B 130 10.40 7.03 -9.81
CA LEU B 130 11.79 6.63 -9.88
C LEU B 130 12.47 7.08 -11.17
N THR B 131 11.78 6.87 -12.30
CA THR B 131 12.31 7.19 -13.62
C THR B 131 12.35 8.68 -13.90
N HIS B 132 12.18 9.50 -12.87
CA HIS B 132 12.25 10.94 -13.03
C HIS B 132 13.57 11.46 -12.54
N GLY B 133 14.55 10.57 -12.44
CA GLY B 133 15.91 10.97 -12.13
C GLY B 133 16.32 10.71 -10.70
N PHE B 134 15.64 9.77 -10.05
CA PHE B 134 15.83 9.59 -8.61
C PHE B 134 17.18 9.01 -8.17
N PHE B 135 17.73 9.60 -7.09
CA PHE B 135 18.93 9.10 -6.43
C PHE B 135 18.98 9.62 -5.00
N ASP B 136 19.73 8.93 -4.14
CA ASP B 136 20.03 9.48 -2.82
C ASP B 136 21.54 9.68 -2.67
N GLU B 137 21.95 10.12 -1.48
CA GLU B 137 23.34 10.50 -1.23
C GLU B 137 24.35 9.40 -1.60
N LYS B 138 24.00 8.15 -1.33
CA LYS B 138 24.93 7.04 -1.50
C LYS B 138 24.65 6.10 -2.69
N LYS B 139 23.75 6.48 -3.59
CA LYS B 139 23.44 5.61 -4.73
C LYS B 139 22.60 6.27 -5.82
N LYS B 140 23.06 6.11 -7.06
CA LYS B 140 22.24 6.36 -8.25
C LYS B 140 21.22 5.22 -8.31
N VAL B 141 20.02 5.48 -7.80
CA VAL B 141 19.02 4.42 -7.57
C VAL B 141 18.28 4.01 -8.86
N SER B 142 17.94 5.00 -9.68
CA SER B 142 17.33 4.76 -10.96
C SER B 142 18.38 4.96 -12.05
N ILE B 143 18.30 4.14 -13.09
CA ILE B 143 19.11 4.38 -14.28
C ILE B 143 18.99 5.84 -14.72
N THR B 144 17.82 6.43 -14.50
CA THR B 144 17.61 7.81 -14.97
C THR B 144 18.49 8.82 -14.22
N SER B 145 19.10 8.40 -13.12
CA SER B 145 20.07 9.28 -12.45
C SER B 145 21.50 8.92 -12.80
N ASP B 146 21.69 7.78 -13.47
CA ASP B 146 23.01 7.30 -13.79
C ASP B 146 23.41 7.54 -15.25
N MET B 147 22.54 7.21 -16.19
CA MET B 147 22.88 7.42 -17.57
C MET B 147 22.59 8.86 -17.97
N PHE B 148 21.82 9.54 -17.12
CA PHE B 148 21.58 10.98 -17.22
C PHE B 148 22.15 11.67 -15.99
N GLU B 149 22.37 12.97 -16.10
CA GLU B 149 22.72 13.77 -14.96
C GLU B 149 21.43 14.44 -14.51
N SER B 150 20.97 14.10 -13.31
CA SER B 150 19.65 14.58 -12.90
C SER B 150 19.66 15.55 -11.73
N LYS B 151 18.64 16.40 -11.65
CA LYS B 151 18.44 17.20 -10.46
C LYS B 151 16.99 17.16 -10.02
N LEU B 152 16.78 17.05 -8.72
CA LEU B 152 15.44 16.81 -8.16
C LEU B 152 14.90 18.03 -7.39
N TYR B 153 13.75 18.54 -7.85
CA TYR B 153 13.04 19.57 -7.08
C TYR B 153 12.11 18.97 -6.03
N LYS B 154 11.66 19.80 -5.10
CA LYS B 154 10.82 19.35 -3.99
C LYS B 154 9.47 20.03 -4.04
N CYS B 155 8.53 19.54 -3.23
CA CYS B 155 7.29 20.26 -2.96
C CYS B 155 7.57 21.20 -1.79
N ASN B 156 6.73 22.23 -1.61
CA ASN B 156 6.85 23.11 -0.45
C ASN B 156 6.22 22.43 0.77
N SER B 157 6.42 22.97 1.97
CA SER B 157 5.95 22.28 3.18
C SER B 157 4.42 22.16 3.33
N GLN B 158 3.67 22.77 2.42
CA GLN B 158 2.22 22.58 2.32
C GLN B 158 1.91 21.42 1.35
N GLY B 159 2.95 20.84 0.75
CA GLY B 159 2.78 19.71 -0.17
C GLY B 159 2.45 20.03 -1.62
N TYR B 160 2.74 21.26 -2.04
CA TYR B 160 2.50 21.75 -3.41
C TYR B 160 3.84 21.89 -4.16
N VAL B 161 3.78 21.78 -5.50
CA VAL B 161 4.96 22.00 -6.34
C VAL B 161 5.40 23.46 -6.21
N ASP B 162 6.57 23.66 -5.61
CA ASP B 162 7.16 24.98 -5.41
C ASP B 162 7.73 25.46 -6.75
N LEU B 163 6.89 26.07 -7.58
CA LEU B 163 7.30 26.46 -8.93
C LEU B 163 8.50 27.41 -8.97
N ASP B 164 8.58 28.29 -7.97
CA ASP B 164 9.69 29.23 -7.86
C ASP B 164 11.03 28.54 -7.62
N ALA B 165 11.04 27.47 -6.83
CA ALA B 165 12.26 26.68 -6.65
C ALA B 165 12.58 25.91 -7.92
N VAL B 166 11.56 25.42 -8.61
CA VAL B 166 11.75 24.79 -9.91
C VAL B 166 12.57 25.73 -10.81
N ARG B 167 12.27 27.04 -10.74
CA ARG B 167 12.95 28.02 -11.58
C ARG B 167 14.34 28.36 -11.05
N GLU B 168 14.46 28.47 -9.73
CA GLU B 168 15.73 28.74 -9.06
C GLU B 168 16.78 27.70 -9.46
N MET B 169 16.29 26.50 -9.74
CA MET B 169 17.12 25.35 -10.05
C MET B 169 17.31 25.18 -11.55
N ALA B 170 16.25 25.38 -12.33
CA ALA B 170 16.32 25.28 -13.80
C ALA B 170 17.25 26.31 -14.49
N LEU B 171 17.43 27.48 -13.87
CA LEU B 171 18.36 28.49 -14.37
C LEU B 171 19.78 28.18 -13.91
N SER B 172 19.91 27.63 -12.71
CA SER B 172 21.18 27.23 -12.16
C SER B 172 21.74 26.00 -12.88
N PHE B 173 20.87 25.06 -13.22
CA PHE B 173 21.26 23.73 -13.70
C PHE B 173 21.21 23.64 -15.24
N LYS B 174 20.29 24.39 -15.84
CA LYS B 174 20.20 24.55 -17.30
C LYS B 174 19.84 23.27 -18.08
N PRO B 175 18.92 22.44 -17.52
CA PRO B 175 18.62 21.10 -18.04
C PRO B 175 18.04 21.11 -19.44
N LYS B 176 18.02 19.95 -20.09
CA LYS B 176 17.40 19.82 -21.42
C LYS B 176 15.99 19.22 -21.37
N VAL B 177 15.65 18.61 -20.23
CA VAL B 177 14.28 18.13 -20.01
C VAL B 177 13.85 18.48 -18.59
N ILE B 178 12.64 19.01 -18.43
CA ILE B 178 12.04 19.13 -17.10
C ILE B 178 10.80 18.25 -17.07
N ILE B 179 10.73 17.36 -16.07
CA ILE B 179 9.62 16.43 -15.95
C ILE B 179 8.63 16.88 -14.89
N CYS B 180 7.35 16.81 -15.23
CA CYS B 180 6.30 17.00 -14.24
C CYS B 180 5.26 15.98 -14.56
N GLY B 181 4.30 15.81 -13.64
CA GLY B 181 3.37 14.68 -13.71
C GLY B 181 3.99 13.64 -12.79
N TYR B 182 3.17 13.03 -11.92
CA TYR B 182 3.72 12.47 -10.71
C TYR B 182 3.09 11.16 -10.24
N THR B 183 3.74 10.54 -9.25
CA THR B 183 3.33 9.26 -8.75
C THR B 183 2.34 9.46 -7.60
N SER B 184 2.68 10.39 -6.70
CA SER B 184 1.81 10.63 -5.55
C SER B 184 1.66 12.10 -5.33
N TYR B 185 0.80 12.70 -6.14
CA TYR B 185 0.51 14.12 -6.11
C TYR B 185 -1.00 14.26 -6.16
N PRO B 186 -1.59 14.81 -5.07
CA PRO B 186 -3.05 14.99 -4.89
C PRO B 186 -3.68 16.21 -5.62
N ARG B 187 -2.87 17.02 -6.29
CA ARG B 187 -3.42 18.20 -6.97
C ARG B 187 -3.17 18.21 -8.49
N ASP B 188 -3.98 18.96 -9.23
CA ASP B 188 -3.74 19.18 -10.67
C ASP B 188 -2.43 19.95 -10.87
N ILE B 189 -1.95 20.02 -12.11
CA ILE B 189 -0.65 20.65 -12.40
C ILE B 189 -0.77 21.95 -13.21
N ASP B 190 0.14 22.89 -12.95
CA ASP B 190 0.27 24.09 -13.78
C ASP B 190 1.26 23.86 -14.94
N TYR B 191 0.81 23.18 -15.99
CA TYR B 191 1.70 22.87 -17.12
C TYR B 191 2.13 24.14 -17.82
N GLN B 192 1.19 25.08 -17.97
CA GLN B 192 1.49 26.37 -18.57
C GLN B 192 2.70 27.01 -17.91
N GLN B 193 2.77 26.97 -16.58
CA GLN B 193 3.88 27.58 -15.89
C GLN B 193 5.14 26.72 -15.94
N PHE B 194 4.99 25.42 -16.22
CA PHE B 194 6.15 24.59 -16.53
C PHE B 194 6.69 24.92 -17.93
N ARG B 195 5.77 25.11 -18.87
CA ARG B 195 6.07 25.55 -20.25
C ARG B 195 6.84 26.87 -20.35
N GLN B 196 6.62 27.79 -19.40
CA GLN B 196 7.31 29.07 -19.37
C GLN B 196 8.71 28.95 -18.74
N ILE B 197 8.88 28.05 -17.79
CA ILE B 197 10.22 27.83 -17.22
C ILE B 197 11.09 27.12 -18.26
N CYS B 198 10.48 26.22 -19.02
CA CYS B 198 11.22 25.46 -20.00
C CYS B 198 11.80 26.43 -21.05
N ASP B 199 10.92 27.16 -21.74
CA ASP B 199 11.31 28.19 -22.71
C ASP B 199 12.46 29.10 -22.26
N GLU B 200 12.37 29.57 -21.03
CA GLU B 200 13.37 30.48 -20.44
C GLU B 200 14.77 29.89 -20.39
N VAL B 201 14.90 28.58 -20.64
CA VAL B 201 16.21 27.91 -20.52
C VAL B 201 16.47 26.99 -21.71
N ASN B 202 15.54 27.04 -22.67
CA ASN B 202 15.56 26.14 -23.83
C ASN B 202 15.60 24.65 -23.43
N ALA B 203 14.53 24.20 -22.78
CA ALA B 203 14.38 22.80 -22.39
C ALA B 203 13.07 22.20 -22.89
N TYR B 204 13.04 20.89 -23.06
CA TYR B 204 11.80 20.20 -23.39
C TYR B 204 10.88 20.11 -22.15
N LEU B 205 9.56 20.11 -22.38
CA LEU B 205 8.61 19.85 -21.28
C LEU B 205 8.13 18.42 -21.32
N PHE B 206 8.41 17.69 -20.24
CA PHE B 206 8.06 16.28 -20.17
C PHE B 206 6.94 16.10 -19.15
N ALA B 207 5.81 15.62 -19.61
CA ALA B 207 4.66 15.40 -18.75
C ALA B 207 4.34 13.91 -18.61
N ASP B 208 4.43 13.39 -17.40
CA ASP B 208 4.08 11.99 -17.13
C ASP B 208 2.76 11.94 -16.40
N ILE B 209 1.69 11.56 -17.11
CA ILE B 209 0.32 11.66 -16.62
C ILE B 209 -0.27 10.29 -16.29
N SER B 210 0.60 9.31 -16.07
CA SER B 210 0.20 7.95 -15.79
C SER B 210 -0.88 7.82 -14.70
N HIS B 211 -0.84 8.65 -13.66
CA HIS B 211 -1.84 8.54 -12.59
C HIS B 211 -3.12 9.21 -12.92
N ILE B 212 -3.05 10.21 -13.81
CA ILE B 212 -4.21 11.04 -14.06
C ILE B 212 -4.73 10.93 -15.51
N SER B 213 -4.23 9.94 -16.24
CA SER B 213 -4.44 9.83 -17.71
C SER B 213 -5.88 10.04 -18.14
N SER B 214 -6.81 9.37 -17.46
CA SER B 214 -8.23 9.49 -17.73
C SER B 214 -8.77 10.92 -17.54
N PHE B 215 -8.22 11.64 -16.57
CA PHE B 215 -8.67 13.03 -16.33
C PHE B 215 -8.30 13.91 -17.50
N VAL B 216 -7.19 13.58 -18.16
CA VAL B 216 -6.73 14.33 -19.31
C VAL B 216 -7.62 14.02 -20.50
N ALA B 217 -7.83 12.73 -20.78
CA ALA B 217 -8.66 12.31 -21.91
C ALA B 217 -10.10 12.84 -21.85
N CYS B 218 -10.62 13.12 -20.66
CA CYS B 218 -12.05 13.43 -20.49
C CYS B 218 -12.28 14.92 -20.19
N ASN B 219 -11.24 15.72 -20.36
CA ASN B 219 -11.24 17.16 -20.05
C ASN B 219 -11.87 17.50 -18.69
N ILE B 220 -11.35 16.86 -17.64
CA ILE B 220 -11.74 17.08 -16.28
C ILE B 220 -10.61 17.82 -15.56
N LEU B 221 -9.37 17.53 -15.97
CA LEU B 221 -8.21 18.24 -15.46
C LEU B 221 -7.48 18.98 -16.59
N ASN B 222 -6.47 19.75 -16.25
CA ASN B 222 -5.69 20.46 -17.25
C ASN B 222 -5.12 19.52 -18.31
N ASN B 223 -5.22 19.96 -19.57
CA ASN B 223 -4.63 19.26 -20.69
C ASN B 223 -3.15 19.61 -20.84
N PRO B 224 -2.26 18.61 -20.63
CA PRO B 224 -0.86 18.89 -20.84
C PRO B 224 -0.52 18.86 -22.34
N PHE B 225 -1.42 18.32 -23.15
CA PHE B 225 -1.16 18.26 -24.59
C PHE B 225 -1.09 19.64 -25.26
N LEU B 226 -1.42 20.70 -24.52
CA LEU B 226 -1.40 22.06 -25.02
C LEU B 226 -0.02 22.72 -24.82
N HIS B 227 0.79 22.16 -23.93
CA HIS B 227 2.07 22.79 -23.60
C HIS B 227 3.28 21.88 -23.74
N ALA B 228 3.06 20.57 -23.68
CA ALA B 228 4.19 19.64 -23.59
C ALA B 228 4.73 19.20 -24.95
N ASP B 229 6.04 18.96 -24.97
CA ASP B 229 6.69 18.27 -26.08
C ASP B 229 6.38 16.78 -26.06
N VAL B 230 6.63 16.13 -24.92
CA VAL B 230 6.39 14.71 -24.76
C VAL B 230 5.42 14.47 -23.61
N VAL B 231 4.43 13.63 -23.84
CA VAL B 231 3.59 13.15 -22.75
C VAL B 231 3.69 11.63 -22.73
N THR B 232 4.05 11.06 -21.57
CA THR B 232 3.94 9.59 -21.38
C THR B 232 2.82 9.22 -20.43
N THR B 233 2.29 8.02 -20.62
CA THR B 233 1.34 7.44 -19.68
C THR B 233 1.40 5.92 -19.72
N THR B 234 1.30 5.30 -18.55
CA THR B 234 1.03 3.87 -18.47
C THR B 234 -0.39 3.69 -18.95
N THR B 235 -0.75 2.47 -19.31
CA THR B 235 -2.09 2.21 -19.80
C THR B 235 -2.92 1.49 -18.75
N HIS B 236 -2.28 1.11 -17.63
CA HIS B 236 -2.88 0.23 -16.61
C HIS B 236 -3.43 0.81 -15.35
N LYS B 237 -3.36 2.12 -15.17
CA LYS B 237 -3.84 2.64 -13.90
C LYS B 237 -5.25 3.14 -14.04
N ILE B 238 -5.46 4.42 -13.76
CA ILE B 238 -6.78 5.04 -13.93
C ILE B 238 -7.34 4.82 -15.34
N LEU B 239 -6.46 4.68 -16.34
CA LEU B 239 -6.90 4.32 -17.69
C LEU B 239 -7.55 2.95 -17.80
N ARG B 240 -7.23 2.06 -16.87
CA ARG B 240 -7.84 0.74 -16.79
C ARG B 240 -7.52 -0.17 -17.98
N GLY B 241 -6.31 -0.06 -18.51
CA GLY B 241 -5.86 -0.94 -19.59
C GLY B 241 -4.93 -2.05 -19.10
N PRO B 242 -4.18 -2.66 -20.03
CA PRO B 242 -3.23 -3.66 -19.63
C PRO B 242 -1.99 -2.98 -19.14
N ARG B 243 -0.98 -3.75 -18.80
CA ARG B 243 0.25 -3.17 -18.31
C ARG B 243 1.11 -2.91 -19.53
N SER B 244 1.27 -1.62 -19.83
CA SER B 244 1.89 -1.15 -21.05
C SER B 244 2.01 0.35 -20.94
N ALA B 245 2.64 0.97 -21.93
CA ALA B 245 2.85 2.41 -21.90
C ALA B 245 2.74 3.10 -23.27
N LEU B 246 2.52 4.41 -23.25
CA LEU B 246 2.38 5.23 -24.44
C LEU B 246 3.33 6.40 -24.36
N ILE B 247 3.99 6.69 -25.48
CA ILE B 247 4.76 7.94 -25.63
C ILE B 247 4.08 8.75 -26.74
N PHE B 248 3.69 9.96 -26.38
CA PHE B 248 3.17 10.95 -27.30
C PHE B 248 4.27 11.99 -27.51
N PHE B 249 4.35 12.54 -28.72
CA PHE B 249 5.37 13.56 -29.03
C PHE B 249 4.79 14.65 -29.95
N ASN B 250 5.02 15.91 -29.59
CA ASN B 250 4.52 17.06 -30.37
C ASN B 250 5.40 17.30 -31.62
N LYS B 251 4.93 16.87 -32.79
CA LYS B 251 5.78 17.03 -33.98
C LYS B 251 5.80 18.45 -34.52
N LYS B 252 4.67 19.15 -34.46
CA LYS B 252 4.62 20.58 -34.82
C LYS B 252 5.62 21.44 -34.05
N ARG B 253 5.89 21.10 -32.80
CA ARG B 253 6.84 21.87 -31.99
C ARG B 253 8.27 21.41 -32.22
N ASN B 254 8.45 20.15 -32.56
CA ASN B 254 9.78 19.58 -32.82
C ASN B 254 9.72 18.50 -33.88
N PRO B 255 9.74 18.89 -35.17
CA PRO B 255 9.82 17.86 -36.22
C PRO B 255 11.16 17.11 -36.15
N GLY B 256 11.15 15.84 -36.55
CA GLY B 256 12.32 14.98 -36.38
C GLY B 256 12.48 14.39 -34.97
N ILE B 257 11.52 14.69 -34.10
CA ILE B 257 11.42 14.06 -32.79
C ILE B 257 10.80 12.67 -32.97
N GLU B 258 9.96 12.52 -33.98
CA GLU B 258 9.31 11.26 -34.29
C GLU B 258 10.32 10.13 -34.53
N GLN B 259 11.33 10.42 -35.36
CA GLN B 259 12.37 9.45 -35.62
C GLN B 259 13.13 9.16 -34.31
N LYS B 260 13.45 10.22 -33.57
CA LYS B 260 14.16 10.10 -32.29
C LYS B 260 13.46 9.19 -31.24
N ILE B 261 12.15 9.35 -31.10
CA ILE B 261 11.34 8.55 -30.20
C ILE B 261 11.18 7.12 -30.72
N ASN B 262 10.84 6.99 -32.00
CA ASN B 262 10.58 5.69 -32.59
C ASN B 262 11.80 4.78 -32.59
N SER B 263 12.98 5.40 -32.64
CA SER B 263 14.20 4.64 -32.74
C SER B 263 14.83 4.40 -31.37
N ALA B 264 14.52 5.27 -30.40
CA ALA B 264 14.92 5.05 -29.02
C ALA B 264 14.20 3.82 -28.45
N VAL B 265 12.92 3.66 -28.82
CA VAL B 265 12.13 2.51 -28.42
C VAL B 265 12.71 1.25 -29.07
N PHE B 266 12.67 1.20 -30.39
CA PHE B 266 13.34 0.18 -31.18
C PHE B 266 14.17 0.86 -32.26
N PRO B 267 15.46 0.49 -32.40
CA PRO B 267 16.21 -0.62 -31.82
C PRO B 267 17.16 -0.24 -30.68
N SER B 268 17.07 0.99 -30.19
CA SER B 268 17.89 1.34 -29.06
C SER B 268 17.64 0.48 -27.81
N PHE B 269 16.37 0.29 -27.42
CA PHE B 269 16.04 -0.34 -26.13
C PHE B 269 15.34 -1.68 -26.22
N GLN B 270 14.25 -1.75 -26.97
CA GLN B 270 13.45 -2.96 -27.09
C GLN B 270 13.78 -3.77 -28.35
N GLY B 271 13.34 -5.02 -28.36
CA GLY B 271 13.29 -5.81 -29.57
C GLY B 271 11.85 -5.91 -30.02
N GLY B 272 11.37 -7.12 -30.23
CA GLY B 272 10.02 -7.31 -30.78
C GLY B 272 8.98 -6.78 -29.83
N PRO B 273 7.93 -6.12 -30.36
CA PRO B 273 6.87 -5.62 -29.48
C PRO B 273 6.07 -6.78 -28.92
N HIS B 274 5.38 -6.55 -27.83
CA HIS B 274 4.43 -7.54 -27.31
C HIS B 274 3.06 -7.24 -27.88
N ASN B 275 2.66 -8.02 -28.87
CA ASN B 275 1.47 -7.70 -29.68
C ASN B 275 0.15 -7.93 -28.97
N ASN B 276 0.15 -8.85 -28.02
CA ASN B 276 -1.02 -9.05 -27.15
C ASN B 276 -1.27 -7.81 -26.29
N LYS B 277 -0.20 -7.15 -25.86
CA LYS B 277 -0.30 -5.90 -25.11
C LYS B 277 -0.93 -4.83 -25.99
N ILE B 278 -0.38 -4.64 -27.18
CA ILE B 278 -0.90 -3.68 -28.14
C ILE B 278 -2.40 -3.97 -28.46
N ALA B 279 -2.73 -5.23 -28.71
CA ALA B 279 -4.12 -5.61 -28.91
C ALA B 279 -4.98 -5.20 -27.71
N ALA B 280 -4.49 -5.47 -26.50
CA ALA B 280 -5.23 -5.14 -25.29
C ALA B 280 -5.45 -3.64 -25.14
N VAL B 281 -4.44 -2.87 -25.46
CA VAL B 281 -4.52 -1.42 -25.44
C VAL B 281 -5.57 -0.92 -26.43
N ALA B 282 -5.48 -1.34 -27.70
CA ALA B 282 -6.50 -0.95 -28.71
C ALA B 282 -7.88 -1.11 -28.13
N CYS B 283 -8.09 -2.25 -27.46
CA CYS B 283 -9.38 -2.62 -26.87
C CYS B 283 -9.84 -1.66 -25.79
N GLN B 284 -8.92 -1.29 -24.90
CA GLN B 284 -9.29 -0.38 -23.83
C GLN B 284 -9.45 1.06 -24.32
N LEU B 285 -8.61 1.47 -25.26
CA LEU B 285 -8.67 2.83 -25.80
C LEU B 285 -9.99 3.15 -26.52
N LYS B 286 -10.61 2.13 -27.12
CA LYS B 286 -11.94 2.28 -27.67
C LYS B 286 -12.78 2.75 -26.50
N GLU B 287 -12.94 1.86 -25.51
CA GLU B 287 -13.68 2.14 -24.29
C GLU B 287 -13.36 3.52 -23.68
N VAL B 288 -12.10 3.92 -23.69
CA VAL B 288 -11.73 5.24 -23.16
C VAL B 288 -12.50 6.37 -23.84
N HIS B 289 -12.68 6.29 -25.14
CA HIS B 289 -13.34 7.37 -25.91
C HIS B 289 -14.83 7.46 -25.71
N SER B 290 -15.46 6.33 -25.32
CA SER B 290 -16.90 6.20 -25.11
C SER B 290 -17.39 7.05 -23.94
N PRO B 291 -18.65 7.55 -24.00
CA PRO B 291 -19.06 8.50 -22.96
C PRO B 291 -19.31 7.82 -21.59
N ALA B 292 -19.61 6.52 -21.61
CA ALA B 292 -19.69 5.69 -20.40
C ALA B 292 -18.39 5.66 -19.58
N PHE B 293 -17.27 6.04 -20.19
CA PHE B 293 -15.99 6.02 -19.52
C PHE B 293 -15.70 7.36 -18.90
N LYS B 294 -16.13 8.42 -19.58
CA LYS B 294 -16.10 9.77 -19.01
C LYS B 294 -16.96 9.75 -17.73
N GLU B 295 -18.12 9.10 -17.81
CA GLU B 295 -18.93 8.82 -16.64
C GLU B 295 -18.07 8.19 -15.53
N TYR B 296 -17.40 7.08 -15.84
CA TYR B 296 -16.58 6.38 -14.85
C TYR B 296 -15.56 7.30 -14.20
N THR B 297 -14.79 8.00 -15.03
CA THR B 297 -13.79 8.94 -14.54
C THR B 297 -14.41 9.99 -13.63
N GLN B 298 -15.61 10.44 -13.97
CA GLN B 298 -16.30 11.46 -13.18
C GLN B 298 -16.61 10.89 -11.80
N GLN B 299 -17.00 9.62 -11.78
CA GLN B 299 -17.32 8.96 -10.52
C GLN B 299 -16.07 8.83 -9.64
N VAL B 300 -14.90 8.66 -10.27
CA VAL B 300 -13.63 8.52 -9.59
C VAL B 300 -13.34 9.79 -8.79
N LEU B 301 -13.58 10.93 -9.44
CA LEU B 301 -13.40 12.22 -8.78
C LEU B 301 -14.45 12.43 -7.68
N LEU B 302 -15.72 12.19 -7.98
CA LEU B 302 -16.80 12.32 -6.99
C LEU B 302 -16.46 11.49 -5.75
N ASN B 303 -16.07 10.23 -5.94
CA ASN B 303 -15.70 9.35 -4.83
C ASN B 303 -14.51 9.83 -4.01
N SER B 304 -13.49 10.33 -4.72
CA SER B 304 -12.31 10.94 -4.14
C SER B 304 -12.62 12.20 -3.30
N LYS B 305 -13.47 13.09 -3.84
CA LYS B 305 -13.93 14.25 -3.09
C LYS B 305 -14.71 13.78 -1.85
N ALA B 306 -15.64 12.86 -2.06
CA ALA B 306 -16.49 12.39 -0.97
C ALA B 306 -15.66 11.75 0.15
N LEU B 307 -14.59 11.04 -0.24
CA LEU B 307 -13.73 10.35 0.70
C LEU B 307 -12.89 11.33 1.50
N ALA B 308 -12.29 12.28 0.80
CA ALA B 308 -11.55 13.38 1.42
C ALA B 308 -12.39 14.16 2.44
N LYS B 309 -13.59 14.57 2.01
CA LYS B 309 -14.54 15.25 2.90
C LYS B 309 -14.89 14.42 4.15
N ALA B 310 -15.23 13.14 3.94
CA ALA B 310 -15.60 12.24 5.04
C ALA B 310 -14.43 12.01 6.02
N LEU B 311 -13.22 12.01 5.51
CA LEU B 311 -12.04 11.79 6.32
C LEU B 311 -11.76 13.03 7.18
N ILE B 312 -11.98 14.21 6.59
CA ILE B 312 -11.80 15.48 7.30
C ILE B 312 -12.84 15.62 8.40
N SER B 313 -14.09 15.27 8.09
CA SER B 313 -15.18 15.28 9.09
C SER B 313 -14.93 14.40 10.32
N LYS B 314 -14.03 13.41 10.22
CA LYS B 314 -13.59 12.61 11.35
C LYS B 314 -12.20 13.03 11.82
N GLN B 315 -11.84 14.30 11.53
CA GLN B 315 -10.64 14.96 12.08
C GLN B 315 -9.28 14.36 11.64
N ILE B 316 -9.25 13.81 10.44
CA ILE B 316 -8.03 13.31 9.83
C ILE B 316 -7.50 14.35 8.83
N ASP B 317 -6.19 14.62 8.94
CA ASP B 317 -5.48 15.55 8.06
C ASP B 317 -5.06 14.95 6.71
N LEU B 318 -5.21 15.72 5.65
CA LEU B 318 -4.75 15.32 4.32
C LEU B 318 -3.69 16.29 3.80
N VAL B 319 -2.65 15.79 3.13
CA VAL B 319 -1.64 16.71 2.59
C VAL B 319 -2.29 17.55 1.50
N THR B 320 -2.07 18.87 1.61
CA THR B 320 -2.72 19.91 0.79
C THR B 320 -4.18 20.16 1.21
N ASN B 321 -4.66 19.39 2.20
CA ASN B 321 -6.03 19.49 2.75
C ASN B 321 -7.20 19.15 1.81
N GLY B 322 -6.94 18.33 0.82
CA GLY B 322 -7.97 17.88 -0.12
C GLY B 322 -7.35 17.27 -1.36
N THR B 323 -8.15 17.14 -2.41
CA THR B 323 -7.69 16.54 -3.66
C THR B 323 -8.40 17.15 -4.88
N ASP B 324 -7.69 17.20 -6.01
CA ASP B 324 -8.34 17.55 -7.30
C ASP B 324 -8.52 16.32 -8.17
N ASN B 325 -7.85 15.22 -7.81
CA ASN B 325 -7.82 14.04 -8.66
C ASN B 325 -8.30 12.83 -7.90
N HIS B 326 -7.64 11.71 -8.15
CA HIS B 326 -8.13 10.41 -7.72
C HIS B 326 -7.50 9.99 -6.41
N LEU B 327 -6.55 10.77 -5.92
CA LEU B 327 -5.80 10.34 -4.75
C LEU B 327 -5.71 11.34 -3.59
N ILE B 328 -5.62 10.76 -2.40
CA ILE B 328 -5.55 11.51 -1.16
C ILE B 328 -4.26 11.04 -0.51
N VAL B 329 -3.54 11.94 0.15
CA VAL B 329 -2.45 11.50 1.00
C VAL B 329 -2.78 11.92 2.42
N VAL B 330 -2.87 10.93 3.31
CA VAL B 330 -3.26 11.17 4.69
C VAL B 330 -2.00 11.47 5.49
N ASP B 331 -2.07 12.57 6.25
CA ASP B 331 -1.00 13.02 7.15
C ASP B 331 -1.26 12.48 8.58
N LEU B 332 -0.45 11.54 9.03
CA LEU B 332 -0.75 10.88 10.30
C LEU B 332 -0.08 11.45 11.56
N ARG B 333 0.78 12.47 11.42
CA ARG B 333 1.49 13.07 12.58
C ARG B 333 0.68 13.18 13.87
N LYS B 334 -0.52 13.79 13.81
CA LYS B 334 -1.34 14.06 15.02
C LYS B 334 -1.70 12.81 15.84
N PHE B 335 -1.52 11.63 15.23
CA PHE B 335 -1.83 10.37 15.87
C PHE B 335 -0.55 9.67 16.33
N SER B 336 0.60 10.27 16.05
CA SER B 336 1.89 9.73 16.46
C SER B 336 2.18 8.30 15.95
N ILE B 337 1.65 7.98 14.78
CA ILE B 337 1.94 6.71 14.10
C ILE B 337 2.63 6.93 12.75
N THR B 338 3.23 5.89 12.19
CA THR B 338 3.79 5.97 10.85
C THR B 338 2.82 5.42 9.82
N GLY B 339 3.09 5.70 8.54
CA GLY B 339 2.36 5.07 7.45
C GLY B 339 2.68 3.60 7.36
N SER B 340 3.94 3.26 7.67
CA SER B 340 4.39 1.88 7.75
C SER B 340 3.47 1.03 8.64
N LYS B 341 3.16 1.53 9.83
CA LYS B 341 2.26 0.80 10.74
C LYS B 341 0.84 0.65 10.18
N LEU B 342 0.26 1.73 9.65
CA LEU B 342 -1.12 1.72 9.13
C LEU B 342 -1.27 0.80 7.92
N GLN B 343 -0.22 0.74 7.10
CA GLN B 343 -0.17 -0.21 5.98
C GLN B 343 -0.33 -1.64 6.49
N GLU B 344 0.46 -1.99 7.51
CA GLU B 344 0.37 -3.30 8.17
C GLU B 344 -1.01 -3.56 8.81
N THR B 345 -1.55 -2.56 9.51
CA THR B 345 -2.88 -2.67 10.11
C THR B 345 -3.99 -2.91 9.07
N CYS B 346 -3.90 -2.22 7.94
CA CYS B 346 -4.90 -2.35 6.86
C CYS B 346 -4.77 -3.66 6.09
N ASN B 347 -3.53 -4.14 5.92
CA ASN B 347 -3.29 -5.49 5.41
C ASN B 347 -4.09 -6.54 6.21
N ALA B 348 -3.94 -6.54 7.52
CA ALA B 348 -4.68 -7.46 8.41
C ALA B 348 -6.21 -7.37 8.18
N ILE B 349 -6.63 -6.28 7.56
CA ILE B 349 -8.03 -5.90 7.48
C ILE B 349 -8.60 -6.02 6.06
N ASN B 350 -7.81 -6.62 5.17
CA ASN B 350 -8.09 -6.65 3.74
C ASN B 350 -8.28 -5.26 3.09
N VAL B 351 -7.50 -4.27 3.56
CA VAL B 351 -7.49 -2.95 2.97
C VAL B 351 -6.11 -2.68 2.38
N SER B 352 -6.02 -2.54 1.07
CA SER B 352 -4.75 -2.23 0.42
C SER B 352 -4.53 -0.74 0.29
N LEU B 353 -3.47 -0.26 0.94
CA LEU B 353 -3.00 1.11 0.77
C LEU B 353 -1.49 1.00 0.92
N ASN B 354 -0.77 2.09 0.68
CA ASN B 354 0.67 2.08 0.90
C ASN B 354 1.10 3.34 1.61
N LYS B 355 2.23 3.23 2.30
CA LYS B 355 2.80 4.34 3.03
C LYS B 355 3.30 5.39 2.05
N ASN B 356 3.31 6.64 2.51
CA ASN B 356 3.70 7.76 1.68
C ASN B 356 4.49 8.79 2.49
N THR B 357 5.50 9.38 1.87
CA THR B 357 6.20 10.48 2.50
C THR B 357 5.29 11.73 2.56
N ILE B 358 5.51 12.55 3.58
CA ILE B 358 4.86 13.86 3.69
C ILE B 358 5.98 14.91 3.76
N PRO B 359 5.68 16.19 3.46
CA PRO B 359 6.82 17.12 3.31
C PRO B 359 7.81 17.14 4.48
N SER B 360 7.30 17.04 5.72
CA SER B 360 8.15 17.08 6.91
C SER B 360 8.96 15.80 7.16
N ASP B 361 8.74 14.74 6.38
CA ASP B 361 9.51 13.50 6.50
C ASP B 361 10.87 13.68 5.85
N VAL B 362 11.93 13.40 6.60
CA VAL B 362 13.30 13.50 6.06
C VAL B 362 13.87 12.12 5.72
N ASP B 363 12.99 11.20 5.30
CA ASP B 363 13.36 9.80 5.04
C ASP B 363 12.20 8.97 4.51
N CYS B 364 12.50 8.05 3.59
CA CYS B 364 11.50 7.12 3.03
C CYS B 364 11.19 5.89 3.90
N VAL B 365 12.04 5.63 4.89
CA VAL B 365 11.78 4.56 5.85
C VAL B 365 10.99 5.18 6.99
N SER B 366 9.86 4.54 7.32
CA SER B 366 8.96 5.02 8.37
C SER B 366 8.38 6.42 8.04
N PRO B 367 7.66 6.54 6.89
CA PRO B 367 7.06 7.83 6.56
C PRO B 367 5.80 8.12 7.37
N SER B 368 5.33 9.36 7.33
CA SER B 368 4.22 9.78 8.19
C SER B 368 2.88 9.94 7.48
N GLY B 369 2.74 9.30 6.33
CA GLY B 369 1.48 9.34 5.61
C GLY B 369 1.21 8.07 4.87
N VAL B 370 0.01 7.96 4.31
CA VAL B 370 -0.36 6.87 3.43
C VAL B 370 -1.05 7.41 2.18
N ARG B 371 -0.95 6.69 1.07
CA ARG B 371 -1.62 7.11 -0.13
C ARG B 371 -2.85 6.25 -0.39
N ILE B 372 -3.94 6.89 -0.76
CA ILE B 372 -5.14 6.16 -1.13
C ILE B 372 -5.70 6.72 -2.44
N GLY B 373 -6.41 5.88 -3.20
CA GLY B 373 -7.04 6.34 -4.43
C GLY B 373 -8.34 5.62 -4.68
N THR B 374 -9.19 6.20 -5.53
CA THR B 374 -10.51 5.62 -5.83
C THR B 374 -10.75 4.86 -7.15
N PRO B 375 -9.74 4.77 -8.05
CA PRO B 375 -10.07 4.12 -9.34
C PRO B 375 -10.56 2.69 -9.24
N ALA B 376 -9.92 1.89 -8.39
CA ALA B 376 -10.27 0.47 -8.28
C ALA B 376 -11.65 0.27 -7.67
N MET B 377 -11.90 0.95 -6.55
CA MET B 377 -13.20 0.84 -5.89
C MET B 377 -14.35 1.40 -6.71
N THR B 378 -14.08 2.46 -7.48
CA THR B 378 -15.08 2.97 -8.40
C THR B 378 -15.46 1.91 -9.45
N THR B 379 -14.44 1.23 -10.00
CA THR B 379 -14.67 0.14 -10.95
C THR B 379 -15.59 -0.91 -10.36
N ARG B 380 -15.41 -1.19 -9.08
CA ARG B 380 -16.25 -2.15 -8.37
C ARG B 380 -17.68 -1.67 -8.08
N GLY B 381 -17.96 -0.41 -8.38
CA GLY B 381 -19.31 0.11 -8.27
C GLY B 381 -19.63 0.98 -7.05
N ALA B 382 -18.61 1.34 -6.26
CA ALA B 382 -18.83 2.18 -5.09
C ALA B 382 -19.20 3.61 -5.47
N LYS B 383 -20.27 4.10 -4.86
CA LYS B 383 -20.78 5.44 -5.14
C LYS B 383 -20.38 6.36 -4.00
N GLU B 384 -20.76 7.63 -4.06
CA GLU B 384 -20.26 8.61 -3.08
C GLU B 384 -20.60 8.27 -1.64
N LYS B 385 -21.78 7.67 -1.43
CA LYS B 385 -22.26 7.26 -0.10
C LYS B 385 -21.40 6.18 0.58
N ASP B 386 -20.73 5.37 -0.24
CA ASP B 386 -19.89 4.28 0.26
C ASP B 386 -18.57 4.79 0.77
N MET B 387 -18.25 6.04 0.47
CA MET B 387 -16.99 6.59 0.94
C MET B 387 -17.03 6.78 2.44
N GLU B 388 -18.23 7.06 2.98
CA GLU B 388 -18.45 7.16 4.42
C GLU B 388 -17.88 5.94 5.16
N PHE B 389 -18.28 4.76 4.67
CA PHE B 389 -17.87 3.46 5.19
C PHE B 389 -16.36 3.25 5.09
N ILE B 390 -15.78 3.63 3.96
CA ILE B 390 -14.34 3.46 3.76
C ILE B 390 -13.58 4.39 4.70
N ALA B 391 -14.02 5.63 4.79
CA ALA B 391 -13.54 6.56 5.80
C ALA B 391 -13.72 6.00 7.25
N ASP B 392 -14.93 5.50 7.55
CA ASP B 392 -15.21 4.78 8.81
C ASP B 392 -14.17 3.68 9.04
N VAL B 393 -13.98 2.79 8.05
CA VAL B 393 -13.02 1.70 8.18
C VAL B 393 -11.58 2.17 8.39
N LEU B 394 -11.20 3.28 7.75
CA LEU B 394 -9.83 3.81 7.89
C LEU B 394 -9.54 4.40 9.26
N ALA B 395 -10.46 5.25 9.75
CA ALA B 395 -10.39 5.83 11.11
C ALA B 395 -10.36 4.73 12.20
N ARG B 396 -11.25 3.75 12.05
CA ARG B 396 -11.25 2.59 12.93
C ARG B 396 -9.84 1.94 12.92
N ALA B 397 -9.25 1.74 11.76
CA ALA B 397 -7.89 1.18 11.65
C ALA B 397 -6.84 2.10 12.25
N ILE B 398 -7.03 3.40 12.10
CA ILE B 398 -6.10 4.37 12.69
C ILE B 398 -6.08 4.26 14.21
N LYS B 399 -7.28 4.24 14.80
CA LYS B 399 -7.41 4.05 16.25
C LYS B 399 -6.77 2.74 16.75
N ILE B 400 -7.06 1.63 16.07
CA ILE B 400 -6.46 0.34 16.46
C ILE B 400 -4.94 0.37 16.38
N THR B 401 -4.43 1.06 15.37
CA THR B 401 -3.01 1.22 15.20
C THR B 401 -2.44 2.01 16.38
N VAL B 402 -3.18 3.03 16.84
CA VAL B 402 -2.73 3.83 17.99
C VAL B 402 -2.69 2.96 19.25
N ASP B 403 -3.75 2.16 19.41
CA ASP B 403 -3.92 1.24 20.55
C ASP B 403 -2.78 0.22 20.65
N LEU B 404 -2.55 -0.49 19.55
CA LEU B 404 -1.50 -1.51 19.45
C LEU B 404 -0.09 -0.95 19.61
N GLN B 405 0.13 0.28 19.16
CA GLN B 405 1.42 0.90 19.35
C GLN B 405 1.62 1.20 20.83
N GLU B 406 0.53 1.57 21.52
CA GLU B 406 0.59 1.81 22.97
C GLU B 406 0.86 0.53 23.75
N GLN B 407 0.35 -0.60 23.26
CA GLN B 407 0.52 -1.90 23.92
C GLN B 407 1.83 -2.64 23.62
N TYR B 408 2.37 -2.49 22.42
CA TYR B 408 3.61 -3.17 22.02
C TYR B 408 4.82 -2.29 21.72
N GLY B 409 4.61 -0.97 21.65
CA GLY B 409 5.74 -0.05 21.38
C GLY B 409 5.87 0.47 19.96
N LYS B 410 6.88 1.32 19.73
CA LYS B 410 7.04 2.09 18.49
C LYS B 410 8.01 1.44 17.51
N LYS B 411 8.53 0.27 17.88
CA LYS B 411 9.41 -0.47 17.01
C LYS B 411 8.55 -1.30 16.08
N LEU B 412 8.78 -1.08 14.79
CA LEU B 412 8.13 -1.80 13.69
C LEU B 412 8.02 -3.31 13.91
N VAL B 413 9.13 -3.93 14.31
CA VAL B 413 9.20 -5.36 14.62
C VAL B 413 8.17 -5.75 15.70
N ASP B 414 8.27 -5.08 16.85
CA ASP B 414 7.38 -5.28 17.99
C ASP B 414 5.92 -5.06 17.60
N PHE B 415 5.66 -3.89 17.00
CA PHE B 415 4.32 -3.51 16.60
C PHE B 415 3.61 -4.65 15.87
N LYS B 416 4.19 -5.10 14.74
CA LYS B 416 3.58 -6.16 13.92
C LYS B 416 3.11 -7.37 14.74
N LYS B 417 3.84 -7.67 15.83
CA LYS B 417 3.52 -8.79 16.72
C LYS B 417 2.09 -8.76 17.26
N GLY B 418 1.55 -7.55 17.46
CA GLY B 418 0.20 -7.36 17.98
C GLY B 418 -0.94 -7.73 17.03
N LEU B 419 -0.63 -7.83 15.73
CA LEU B 419 -1.66 -7.92 14.69
C LEU B 419 -2.46 -9.24 14.64
N PRO B 420 -1.77 -10.39 14.76
CA PRO B 420 -2.56 -11.63 14.69
C PRO B 420 -3.32 -11.86 16.00
N GLY B 421 -4.53 -12.38 15.88
CA GLY B 421 -5.39 -12.63 17.04
C GLY B 421 -5.94 -11.41 17.75
N ASN B 422 -6.10 -10.30 17.03
CA ASN B 422 -6.76 -9.11 17.58
C ASN B 422 -8.25 -9.10 17.21
N ALA B 423 -9.09 -9.23 18.24
CA ALA B 423 -10.55 -9.33 18.11
C ALA B 423 -11.20 -8.25 17.23
N GLN B 424 -10.73 -7.01 17.39
CA GLN B 424 -11.29 -5.87 16.65
C GLN B 424 -10.96 -5.94 15.15
N LEU B 425 -9.70 -6.27 14.83
CA LEU B 425 -9.28 -6.46 13.45
C LEU B 425 -10.03 -7.60 12.77
N GLN B 426 -10.32 -8.68 13.53
CA GLN B 426 -11.03 -9.84 12.96
C GLN B 426 -12.48 -9.49 12.68
N GLN B 427 -13.08 -8.71 13.58
CA GLN B 427 -14.43 -8.19 13.39
C GLN B 427 -14.43 -7.23 12.21
N LEU B 428 -13.40 -6.40 12.11
CA LEU B 428 -13.31 -5.39 11.06
C LEU B 428 -13.02 -6.01 9.69
N LYS B 429 -12.03 -6.90 9.61
CA LYS B 429 -11.83 -7.72 8.40
C LYS B 429 -13.14 -8.34 7.86
N GLN B 430 -13.95 -8.93 8.74
CA GLN B 430 -15.21 -9.57 8.33
C GLN B 430 -16.23 -8.58 7.78
N GLU B 431 -16.24 -7.37 8.32
CA GLU B 431 -17.09 -6.32 7.77
C GLU B 431 -16.57 -6.02 6.38
N VAL B 432 -15.28 -5.74 6.30
CA VAL B 432 -14.61 -5.45 5.04
C VAL B 432 -14.89 -6.54 4.00
N VAL B 433 -14.54 -7.78 4.35
CA VAL B 433 -14.70 -8.95 3.47
C VAL B 433 -16.15 -9.10 2.99
N THR B 434 -17.10 -8.83 3.88
CA THR B 434 -18.51 -9.05 3.57
C THR B 434 -19.01 -7.98 2.63
N TRP B 435 -18.55 -6.75 2.81
CA TRP B 435 -18.94 -5.68 1.89
C TRP B 435 -18.23 -5.79 0.56
N ALA B 436 -16.91 -6.00 0.59
CA ALA B 436 -16.09 -6.14 -0.63
C ALA B 436 -16.52 -7.31 -1.51
N GLY B 437 -16.54 -8.50 -0.91
CA GLY B 437 -16.83 -9.75 -1.61
C GLY B 437 -18.08 -9.79 -2.48
N ALA B 438 -18.94 -8.78 -2.34
CA ALA B 438 -20.25 -8.76 -3.00
C ALA B 438 -20.38 -7.65 -4.01
N LEU B 439 -19.36 -6.80 -4.08
CA LEU B 439 -19.32 -5.76 -5.11
C LEU B 439 -19.04 -6.35 -6.48
N PRO B 440 -19.66 -5.78 -7.54
CA PRO B 440 -19.37 -6.08 -8.92
C PRO B 440 -17.88 -6.31 -9.16
N PHE B 441 -17.56 -7.36 -9.93
CA PHE B 441 -16.17 -7.81 -10.06
C PHE B 441 -15.91 -8.30 -11.48
N PRO B 442 -15.12 -7.53 -12.27
CA PRO B 442 -14.74 -8.01 -13.59
C PRO B 442 -13.58 -9.03 -13.48
N MET C 1 -22.49 20.55 82.16
CA MET C 1 -23.01 19.15 82.18
C MET C 1 -22.82 18.50 80.82
N PHE C 2 -21.70 17.79 80.67
CA PHE C 2 -21.46 16.99 79.49
C PHE C 2 -20.62 15.76 79.82
N ASN C 3 -20.65 14.76 78.94
CA ASN C 3 -19.79 13.58 79.09
C ASN C 3 -18.49 13.62 78.27
N ASN C 4 -17.35 13.67 78.94
CA ASN C 4 -16.09 13.84 78.26
C ASN C 4 -15.30 12.55 78.06
N GLU C 5 -15.91 11.41 78.39
CA GLU C 5 -15.21 10.13 78.29
C GLU C 5 -15.05 9.68 76.83
N PRO C 6 -13.83 9.22 76.45
CA PRO C 6 -13.46 8.76 75.10
C PRO C 6 -14.50 7.86 74.44
N LEU C 7 -14.55 7.88 73.11
CA LEU C 7 -15.54 7.12 72.35
C LEU C 7 -15.59 5.65 72.77
N GLU C 8 -14.40 5.07 72.99
CA GLU C 8 -14.24 3.70 73.48
C GLU C 8 -15.07 3.43 74.75
N GLN C 9 -15.08 4.39 75.68
CA GLN C 9 -15.89 4.26 76.88
C GLN C 9 -17.37 4.63 76.67
N ILE C 10 -17.63 5.86 76.23
CA ILE C 10 -19.01 6.35 76.09
C ILE C 10 -19.88 5.41 75.28
N ASP C 11 -19.36 4.89 74.18
CA ASP C 11 -20.13 4.01 73.32
C ASP C 11 -19.22 2.93 72.73
N LYS C 12 -18.96 1.88 73.53
CA LYS C 12 -18.11 0.78 73.11
C LYS C 12 -18.68 0.07 71.88
N GLU C 13 -20.00 -0.05 71.83
CA GLU C 13 -20.65 -0.72 70.70
C GLU C 13 -20.22 -0.11 69.36
N LEU C 14 -20.38 1.21 69.24
CA LEU C 14 -20.06 1.90 67.99
C LEU C 14 -18.56 1.84 67.69
N HIS C 15 -17.73 2.05 68.70
CA HIS C 15 -16.27 1.98 68.56
C HIS C 15 -15.79 0.70 67.93
N ASP C 16 -16.48 -0.40 68.23
CA ASP C 16 -16.14 -1.74 67.73
C ASP C 16 -16.30 -1.78 66.22
N ILE C 17 -17.50 -1.45 65.76
CA ILE C 17 -17.79 -1.41 64.33
C ILE C 17 -16.77 -0.55 63.58
N LEU C 18 -16.48 0.63 64.14
CA LEU C 18 -15.54 1.55 63.51
C LEU C 18 -14.15 0.96 63.38
N ALA C 19 -13.73 0.19 64.39
CA ALA C 19 -12.41 -0.46 64.37
C ALA C 19 -12.40 -1.58 63.34
N ASP C 20 -13.55 -2.24 63.22
CA ASP C 20 -13.78 -3.24 62.18
C ASP C 20 -13.59 -2.66 60.79
N GLU C 21 -14.28 -1.55 60.49
CA GLU C 21 -14.17 -0.85 59.19
C GLU C 21 -12.73 -0.50 58.88
N GLU C 22 -12.04 0.04 59.88
CA GLU C 22 -10.65 0.41 59.79
C GLU C 22 -9.77 -0.74 59.29
N LYS C 23 -9.95 -1.92 59.88
CA LYS C 23 -9.20 -3.11 59.46
C LYS C 23 -9.66 -3.63 58.07
N ARG C 24 -10.95 -3.55 57.76
CA ARG C 24 -11.42 -3.89 56.41
C ARG C 24 -10.71 -2.98 55.36
N GLN C 25 -10.73 -1.66 55.59
CA GLN C 25 -9.99 -0.73 54.73
C GLN C 25 -8.50 -1.06 54.63
N ARG C 26 -7.92 -1.42 55.77
CA ARG C 26 -6.52 -1.83 55.84
C ARG C 26 -6.23 -3.07 55.00
N GLU C 27 -7.20 -4.00 54.98
CA GLU C 27 -6.99 -5.33 54.41
C GLU C 27 -7.70 -5.52 53.07
N THR C 28 -8.01 -4.42 52.38
CA THR C 28 -8.70 -4.50 51.09
C THR C 28 -7.80 -3.96 49.99
N ILE C 29 -7.85 -4.58 48.82
CA ILE C 29 -7.38 -3.90 47.62
C ILE C 29 -8.56 -3.08 47.08
N ASN C 30 -8.49 -1.77 47.32
CA ASN C 30 -9.54 -0.83 46.97
C ASN C 30 -9.35 -0.22 45.58
N LEU C 31 -10.19 -0.67 44.63
CA LEU C 31 -10.17 -0.19 43.25
C LEU C 31 -11.39 0.68 42.88
N ILE C 32 -12.18 1.09 43.88
CA ILE C 32 -13.25 2.08 43.65
C ILE C 32 -12.61 3.36 43.13
N ALA C 33 -12.98 3.75 41.91
CA ALA C 33 -12.28 4.84 41.22
C ALA C 33 -12.46 6.17 41.94
N SER C 34 -13.53 6.25 42.74
CA SER C 34 -13.91 7.48 43.41
C SER C 34 -13.55 7.54 44.89
N GLU C 35 -12.77 6.59 45.37
CA GLU C 35 -12.37 6.62 46.77
C GLU C 35 -10.90 6.95 46.92
N ASN C 36 -10.53 7.32 48.15
CA ASN C 36 -9.16 7.58 48.50
C ASN C 36 -9.00 7.42 50.00
N LEU C 37 -7.83 7.76 50.53
CA LEU C 37 -7.64 7.75 51.97
C LEU C 37 -7.17 9.11 52.37
N THR C 38 -7.91 9.74 53.28
CA THR C 38 -7.53 11.04 53.82
C THR C 38 -6.47 10.86 54.90
N ASN C 39 -5.52 11.78 54.98
CA ASN C 39 -4.47 11.75 56.02
C ASN C 39 -4.98 12.19 57.41
N GLY C 40 -4.11 12.13 58.41
CA GLY C 40 -4.50 12.41 59.78
C GLY C 40 -4.81 13.87 60.04
N ALA C 41 -4.22 14.77 59.23
CA ALA C 41 -4.43 16.21 59.41
C ALA C 41 -5.77 16.68 58.84
N VAL C 42 -6.18 16.09 57.73
CA VAL C 42 -7.51 16.33 57.18
C VAL C 42 -8.54 15.87 58.21
N ARG C 43 -8.28 14.73 58.81
CA ARG C 43 -9.20 14.18 59.80
C ARG C 43 -9.24 14.94 61.14
N GLU C 44 -8.15 15.63 61.49
CA GLU C 44 -8.12 16.50 62.69
C GLU C 44 -8.97 17.76 62.48
N CYS C 45 -8.92 18.32 61.27
CA CYS C 45 -9.80 19.42 60.85
C CYS C 45 -11.27 19.03 60.92
N LEU C 46 -11.63 17.88 60.37
CA LEU C 46 -13.01 17.39 60.43
C LEU C 46 -13.53 17.18 61.86
N GLY C 47 -12.62 16.82 62.77
CA GLY C 47 -12.98 16.59 64.17
C GLY C 47 -12.78 17.79 65.07
N ASN C 48 -12.63 18.97 64.47
CA ASN C 48 -12.30 20.22 65.18
C ASN C 48 -13.54 21.00 65.66
N ARG C 49 -13.43 21.66 66.81
CA ARG C 49 -14.56 22.43 67.41
C ARG C 49 -15.04 23.63 66.56
N VAL C 50 -14.36 23.89 65.46
CA VAL C 50 -14.76 24.94 64.56
C VAL C 50 -16.19 24.71 63.98
N SER C 51 -16.68 23.46 64.03
CA SER C 51 -18.02 23.15 63.53
C SER C 51 -19.13 23.52 64.52
N ASN C 52 -18.74 23.92 65.73
CA ASN C 52 -19.66 24.54 66.67
C ASN C 52 -20.27 25.86 66.15
N LYS C 53 -19.65 26.48 65.16
CA LYS C 53 -19.94 27.86 64.81
C LYS C 53 -20.93 28.00 63.66
N TYR C 54 -21.99 28.76 63.88
CA TYR C 54 -22.90 29.13 62.79
C TYR C 54 -22.35 30.35 62.09
N SER C 55 -22.18 30.24 60.80
CA SER C 55 -21.65 31.34 60.02
C SER C 55 -22.39 31.50 58.70
N GLU C 56 -23.72 31.50 58.74
CA GLU C 56 -24.51 31.76 57.53
C GLU C 56 -24.08 33.06 56.89
N GLY C 57 -24.00 33.05 55.57
CA GLY C 57 -23.63 34.23 54.81
C GLY C 57 -22.29 34.01 54.17
N TYR C 58 -21.53 35.09 54.06
CA TYR C 58 -20.17 35.03 53.49
C TYR C 58 -19.11 35.77 54.32
N PRO C 59 -17.81 35.57 54.01
CA PRO C 59 -16.76 36.34 54.70
C PRO C 59 -16.98 37.85 54.56
N LYS C 60 -16.82 38.57 55.67
CA LYS C 60 -17.12 40.01 55.78
C LYS C 60 -18.58 40.36 55.45
N LYS C 61 -19.45 39.35 55.50
CA LYS C 61 -20.87 39.48 55.13
C LYS C 61 -21.74 38.48 55.89
N ARG C 62 -21.36 38.21 57.14
CA ARG C 62 -22.07 37.22 57.96
C ARG C 62 -23.35 37.79 58.58
N TYR C 63 -24.33 36.93 58.81
CA TYR C 63 -25.52 37.35 59.57
C TYR C 63 -25.23 37.47 61.05
N TYR C 64 -24.49 36.51 61.60
CA TYR C 64 -24.06 36.57 63.00
C TYR C 64 -22.65 37.11 63.10
N GLY C 65 -22.26 37.52 64.31
CA GLY C 65 -20.88 37.94 64.59
C GLY C 65 -20.06 36.85 65.26
N GLY C 66 -18.90 37.25 65.78
CA GLY C 66 -17.90 36.31 66.26
C GLY C 66 -17.35 35.44 65.14
N ASN C 67 -17.55 35.83 63.88
CA ASN C 67 -17.16 35.01 62.73
C ASN C 67 -15.84 35.43 62.08
N ASP C 68 -14.98 36.11 62.84
CA ASP C 68 -13.72 36.63 62.31
C ASP C 68 -12.73 35.52 61.98
N PHE C 69 -12.55 34.58 62.89
CA PHE C 69 -11.63 33.47 62.66
C PHE C 69 -12.15 32.49 61.61
N ILE C 70 -13.47 32.35 61.53
CA ILE C 70 -14.11 31.55 60.48
C ILE C 70 -13.94 32.20 59.12
N ASP C 71 -14.02 33.54 59.10
CA ASP C 71 -13.84 34.34 57.88
C ASP C 71 -12.48 34.11 57.27
N LYS C 72 -11.46 34.03 58.12
CA LYS C 72 -10.08 33.87 57.67
C LYS C 72 -9.93 32.49 57.07
N ILE C 73 -10.53 31.49 57.72
CA ILE C 73 -10.52 30.11 57.23
C ILE C 73 -11.21 29.98 55.88
N GLU C 74 -12.41 30.54 55.75
CA GLU C 74 -13.12 30.46 54.47
C GLU C 74 -12.30 31.14 53.39
N GLU C 75 -11.59 32.19 53.77
CA GLU C 75 -10.81 32.99 52.81
C GLU C 75 -9.52 32.29 52.39
N LEU C 76 -8.80 31.76 53.38
CA LEU C 76 -7.62 30.95 53.16
C LEU C 76 -7.92 29.73 52.29
N CYS C 77 -9.18 29.31 52.27
CA CYS C 77 -9.60 28.14 51.51
C CYS C 77 -10.00 28.47 50.05
N GLN C 78 -10.63 29.62 49.84
CA GLN C 78 -10.91 30.12 48.49
C GLN C 78 -9.64 30.53 47.74
N LYS C 79 -8.65 31.02 48.50
CA LYS C 79 -7.36 31.44 47.97
C LYS C 79 -6.59 30.20 47.51
N ARG C 80 -6.42 29.25 48.42
CA ARG C 80 -5.70 28.01 48.16
C ARG C 80 -6.35 27.17 47.07
N ALA C 81 -7.66 27.33 46.90
CA ALA C 81 -8.40 26.64 45.84
C ALA C 81 -8.04 27.21 44.50
N LEU C 82 -8.12 28.53 44.41
CA LEU C 82 -7.86 29.26 43.17
C LEU C 82 -6.42 29.13 42.68
N GLU C 83 -5.44 29.16 43.59
CA GLU C 83 -4.07 28.88 43.18
C GLU C 83 -3.87 27.42 42.77
N ALA C 84 -4.50 26.49 43.50
CA ALA C 84 -4.34 25.05 43.23
C ALA C 84 -4.79 24.66 41.83
N PHE C 85 -5.79 25.36 41.32
CA PHE C 85 -6.24 25.16 39.97
C PHE C 85 -5.72 26.21 39.00
N ASN C 86 -4.63 26.88 39.39
CA ASN C 86 -3.90 27.79 38.50
C ASN C 86 -4.79 28.76 37.75
N VAL C 87 -5.68 29.40 38.49
CA VAL C 87 -6.51 30.44 37.92
C VAL C 87 -6.30 31.71 38.74
N SER C 88 -6.56 32.85 38.11
CA SER C 88 -6.29 34.14 38.73
C SER C 88 -7.45 34.66 39.56
N ASP C 89 -7.10 35.06 40.77
CA ASP C 89 -7.89 35.86 41.72
C ASP C 89 -8.97 36.77 41.11
N GLU C 90 -8.72 37.18 39.87
CA GLU C 90 -9.43 38.29 39.22
C GLU C 90 -10.26 37.84 38.05
N GLU C 91 -10.07 36.59 37.62
CA GLU C 91 -10.85 36.03 36.53
C GLU C 91 -11.85 34.99 37.07
N TRP C 92 -11.49 34.35 38.16
CA TRP C 92 -12.25 33.23 38.72
C TRP C 92 -12.62 33.46 40.16
N GLY C 93 -13.81 33.04 40.54
CA GLY C 93 -14.16 32.93 41.96
C GLY C 93 -14.50 31.49 42.37
N VAL C 94 -14.55 31.26 43.69
CA VAL C 94 -14.99 29.99 44.25
C VAL C 94 -15.91 30.10 45.45
N ASN C 95 -17.01 29.36 45.39
CA ASN C 95 -17.75 29.04 46.59
C ASN C 95 -17.27 27.68 47.25
N VAL C 96 -16.79 27.76 48.49
CA VAL C 96 -16.27 26.59 49.19
C VAL C 96 -17.29 25.99 50.18
N GLN C 97 -18.57 26.33 49.99
CA GLN C 97 -19.62 25.92 50.92
C GLN C 97 -20.42 24.66 50.57
N PRO C 98 -20.68 24.36 49.27
CA PRO C 98 -21.47 23.15 48.92
C PRO C 98 -21.12 21.94 49.76
N LEU C 99 -22.13 21.24 50.28
CA LEU C 99 -21.83 20.12 51.19
C LEU C 99 -21.27 18.90 50.47
N SER C 100 -21.60 18.73 49.19
CA SER C 100 -21.11 17.61 48.41
C SER C 100 -21.23 17.90 46.93
N GLY C 101 -20.63 17.02 46.13
CA GLY C 101 -20.68 17.18 44.69
C GLY C 101 -22.08 17.36 44.16
N SER C 102 -23.00 16.51 44.64
CA SER C 102 -24.39 16.54 44.20
C SER C 102 -25.09 17.86 44.50
N ALA C 103 -24.87 18.43 45.69
CA ALA C 103 -25.41 19.77 46.00
C ALA C 103 -24.75 20.86 45.12
N ALA C 104 -23.41 20.85 45.04
CA ALA C 104 -22.67 21.74 44.14
C ALA C 104 -23.30 21.75 42.76
N ASN C 105 -23.50 20.58 42.16
CA ASN C 105 -24.10 20.55 40.83
C ASN C 105 -25.52 21.13 40.77
N VAL C 106 -26.40 20.72 41.68
CA VAL C 106 -27.78 21.22 41.69
C VAL C 106 -27.82 22.74 41.88
N GLN C 107 -27.00 23.23 42.80
CA GLN C 107 -26.89 24.66 43.08
C GLN C 107 -26.40 25.46 41.87
N ALA C 108 -25.25 25.06 41.32
CA ALA C 108 -24.69 25.74 40.15
C ALA C 108 -25.62 25.69 38.93
N LEU C 109 -26.30 24.56 38.72
CA LEU C 109 -27.23 24.49 37.60
C LEU C 109 -28.39 25.44 37.81
N TYR C 110 -28.86 25.54 39.05
CA TYR C 110 -29.96 26.44 39.37
C TYR C 110 -29.61 27.90 39.09
N ALA C 111 -28.48 28.34 39.62
CA ALA C 111 -27.90 29.64 39.40
C ALA C 111 -27.94 30.06 37.92
N LEU C 112 -27.51 29.19 37.02
CA LEU C 112 -27.39 29.52 35.60
C LEU C 112 -28.71 29.52 34.84
N VAL C 113 -29.58 28.55 35.13
CA VAL C 113 -30.74 28.30 34.27
C VAL C 113 -32.10 28.41 34.97
N GLY C 114 -32.13 28.32 36.30
CA GLY C 114 -33.38 28.36 37.06
C GLY C 114 -34.36 27.20 36.87
N VAL C 115 -35.42 27.19 37.69
CA VAL C 115 -36.49 26.19 37.58
C VAL C 115 -37.09 26.23 36.17
N LYS C 116 -37.40 25.05 35.65
CA LYS C 116 -37.84 24.88 34.26
C LYS C 116 -36.70 25.11 33.24
N GLY C 117 -35.48 25.31 33.73
CA GLY C 117 -34.31 25.50 32.85
C GLY C 117 -33.94 24.28 32.01
N LYS C 118 -33.20 24.52 30.92
CA LYS C 118 -32.85 23.45 29.98
C LYS C 118 -31.37 23.09 30.08
N ILE C 119 -31.10 21.80 30.26
CA ILE C 119 -29.70 21.33 30.42
C ILE C 119 -29.38 20.07 29.62
N MET C 120 -28.11 19.91 29.23
CA MET C 120 -27.64 18.69 28.59
C MET C 120 -26.52 18.07 29.41
N GLY C 121 -26.49 16.74 29.48
CA GLY C 121 -25.44 16.05 30.20
C GLY C 121 -25.28 14.67 29.63
N MET C 122 -24.22 13.96 30.02
CA MET C 122 -24.05 12.58 29.59
C MET C 122 -24.99 11.64 30.37
N HIS C 123 -25.58 10.70 29.64
CA HIS C 123 -26.41 9.67 30.23
C HIS C 123 -25.59 8.92 31.23
N LEU C 124 -26.27 8.38 32.23
CA LEU C 124 -25.62 7.67 33.32
C LEU C 124 -24.92 6.41 32.80
N CYS C 125 -25.63 5.67 31.94
CA CYS C 125 -25.12 4.43 31.36
C CYS C 125 -23.90 4.68 30.48
N SER C 126 -23.73 5.90 29.98
CA SER C 126 -22.56 6.28 29.19
C SER C 126 -21.44 6.88 30.03
N GLY C 127 -21.68 7.12 31.32
CA GLY C 127 -20.63 7.63 32.18
C GLY C 127 -20.94 8.95 32.88
N GLY C 128 -22.10 9.52 32.59
CA GLY C 128 -22.55 10.73 33.26
C GLY C 128 -22.92 10.51 34.72
N HIS C 129 -22.97 11.60 35.49
CA HIS C 129 -23.44 11.56 36.87
C HIS C 129 -24.90 11.80 36.98
N LEU C 130 -25.49 11.21 38.03
CA LEU C 130 -26.90 11.47 38.41
C LEU C 130 -27.29 12.94 38.29
N THR C 131 -26.47 13.84 38.83
CA THR C 131 -26.79 15.25 38.82
C THR C 131 -26.54 15.95 37.47
N HIS C 132 -26.41 15.16 36.39
CA HIS C 132 -26.27 15.70 35.03
C HIS C 132 -27.55 15.56 34.24
N GLY C 133 -28.65 15.47 34.95
CA GLY C 133 -29.97 15.42 34.34
C GLY C 133 -30.54 14.04 34.18
N PHE C 134 -30.18 13.11 35.05
CA PHE C 134 -30.56 11.72 34.82
C PHE C 134 -32.06 11.39 35.03
N PHE C 135 -32.62 10.68 34.06
CA PHE C 135 -33.98 10.14 34.15
C PHE C 135 -34.10 8.90 33.28
N ASP C 136 -35.26 8.27 33.31
CA ASP C 136 -35.52 7.09 32.50
C ASP C 136 -36.98 7.02 32.08
N GLU C 137 -37.32 5.98 31.34
CA GLU C 137 -38.69 5.73 30.88
C GLU C 137 -39.75 6.17 31.91
N LYS C 138 -39.60 5.69 33.14
CA LYS C 138 -40.67 5.76 34.12
C LYS C 138 -40.45 6.66 35.35
N LYS C 139 -39.45 7.54 35.29
CA LYS C 139 -39.12 8.37 36.46
C LYS C 139 -38.07 9.44 36.23
N LYS C 140 -38.35 10.64 36.75
CA LYS C 140 -37.36 11.70 36.92
C LYS C 140 -36.46 11.35 38.10
N VAL C 141 -35.45 10.52 37.85
CA VAL C 141 -34.63 9.93 38.90
C VAL C 141 -33.82 10.98 39.70
N SER C 142 -33.26 11.95 39.00
CA SER C 142 -32.52 12.99 39.68
C SER C 142 -33.38 14.23 39.70
N ILE C 143 -33.27 14.99 40.78
CA ILE C 143 -33.88 16.32 40.83
C ILE C 143 -33.48 17.13 39.59
N THR C 144 -32.29 16.86 39.05
CA THR C 144 -31.77 17.64 37.90
C THR C 144 -32.53 17.37 36.61
N SER C 145 -33.46 16.42 36.64
CA SER C 145 -34.32 16.16 35.48
C SER C 145 -35.78 16.51 35.76
N ASP C 146 -36.06 16.90 37.01
CA ASP C 146 -37.42 17.25 37.39
C ASP C 146 -37.60 18.75 37.61
N MET C 147 -36.61 19.38 38.24
CA MET C 147 -36.68 20.81 38.44
C MET C 147 -36.17 21.53 37.21
N PHE C 148 -35.45 20.79 36.37
CA PHE C 148 -34.94 21.27 35.08
C PHE C 148 -35.47 20.36 33.99
N GLU C 149 -35.41 20.85 32.75
CA GLU C 149 -35.71 20.02 31.58
C GLU C 149 -34.38 19.55 31.03
N SER C 150 -34.22 18.23 30.90
CA SER C 150 -32.91 17.70 30.52
C SER C 150 -32.93 16.70 29.37
N LYS C 151 -31.85 16.73 28.60
CA LYS C 151 -31.63 15.85 27.46
C LYS C 151 -30.28 15.19 27.68
N LEU C 152 -30.20 13.90 27.43
CA LEU C 152 -28.98 13.13 27.72
C LEU C 152 -28.29 12.65 26.45
N TYR C 153 -27.03 13.04 26.26
CA TYR C 153 -26.23 12.50 25.16
C TYR C 153 -25.49 11.21 25.54
N LYS C 154 -25.46 10.25 24.61
CA LYS C 154 -24.77 8.97 24.80
C LYS C 154 -23.34 9.02 24.24
N CYS C 155 -22.50 8.08 24.67
CA CYS C 155 -21.19 7.86 24.04
C CYS C 155 -21.41 6.95 22.82
N ASN C 156 -20.45 6.90 21.90
CA ASN C 156 -20.57 5.98 20.75
C ASN C 156 -20.30 4.53 21.15
N SER C 157 -20.40 3.60 20.20
CA SER C 157 -20.21 2.16 20.48
C SER C 157 -18.78 1.78 20.85
N GLN C 158 -17.83 2.68 20.59
CA GLN C 158 -16.45 2.51 20.97
C GLN C 158 -16.21 3.05 22.37
N GLY C 159 -17.25 3.60 23.00
CA GLY C 159 -17.14 4.22 24.33
C GLY C 159 -16.61 5.65 24.43
N TYR C 160 -16.45 6.34 23.31
CA TYR C 160 -16.05 7.77 23.31
C TYR C 160 -17.27 8.69 23.24
N VAL C 161 -17.13 9.91 23.77
CA VAL C 161 -18.19 10.92 23.66
C VAL C 161 -18.34 11.34 22.21
N ASP C 162 -19.53 11.15 21.67
CA ASP C 162 -19.81 11.39 20.25
C ASP C 162 -20.20 12.84 20.05
N LEU C 163 -19.22 13.69 19.76
CA LEU C 163 -19.43 15.14 19.60
C LEU C 163 -20.38 15.52 18.47
N ASP C 164 -20.59 14.61 17.52
CA ASP C 164 -21.51 14.87 16.43
C ASP C 164 -22.94 14.74 16.92
N ALA C 165 -23.19 13.74 17.75
CA ALA C 165 -24.49 13.59 18.40
C ALA C 165 -24.78 14.80 19.29
N VAL C 166 -23.77 15.22 20.05
CA VAL C 166 -23.92 16.35 20.96
C VAL C 166 -24.35 17.60 20.18
N ARG C 167 -23.73 17.84 19.02
CA ARG C 167 -24.12 18.98 18.19
C ARG C 167 -25.55 18.85 17.69
N GLU C 168 -25.90 17.70 17.10
CA GLU C 168 -27.24 17.51 16.50
C GLU C 168 -28.38 17.60 17.53
N MET C 169 -28.05 17.31 18.78
CA MET C 169 -29.00 17.36 19.88
C MET C 169 -29.08 18.78 20.42
N ALA C 170 -27.92 19.43 20.55
CA ALA C 170 -27.83 20.79 21.08
C ALA C 170 -28.54 21.86 20.22
N LEU C 171 -28.55 21.65 18.90
CA LEU C 171 -29.18 22.57 17.98
C LEU C 171 -30.70 22.36 17.97
N SER C 172 -31.10 21.10 18.07
CA SER C 172 -32.50 20.73 18.10
C SER C 172 -33.20 20.98 19.44
N PHE C 173 -32.43 21.07 20.53
CA PHE C 173 -32.99 21.17 21.88
C PHE C 173 -32.71 22.54 22.52
N LYS C 174 -31.63 23.18 22.10
CA LYS C 174 -31.32 24.58 22.44
C LYS C 174 -31.19 24.81 23.95
N PRO C 175 -30.22 24.15 24.60
CA PRO C 175 -30.07 24.24 26.06
C PRO C 175 -29.30 25.46 26.52
N LYS C 176 -29.49 25.83 27.78
CA LYS C 176 -28.78 26.97 28.36
C LYS C 176 -27.47 26.52 29.01
N VAL C 177 -27.39 25.24 29.36
CA VAL C 177 -26.16 24.64 29.90
C VAL C 177 -25.90 23.29 29.25
N ILE C 178 -24.63 23.02 28.93
CA ILE C 178 -24.19 21.67 28.55
C ILE C 178 -23.12 21.22 29.54
N ILE C 179 -23.34 20.05 30.15
CA ILE C 179 -22.41 19.54 31.15
C ILE C 179 -21.51 18.49 30.50
N CYS C 180 -20.21 18.58 30.77
CA CYS C 180 -19.26 17.52 30.45
C CYS C 180 -18.40 17.33 31.68
N GLY C 181 -17.56 16.30 31.66
CA GLY C 181 -16.85 15.90 32.88
C GLY C 181 -17.75 14.83 33.51
N TYR C 182 -17.15 13.69 33.87
CA TYR C 182 -17.95 12.47 34.02
C TYR C 182 -17.59 11.60 35.21
N THR C 183 -18.47 10.65 35.49
CA THR C 183 -18.32 9.76 36.63
C THR C 183 -17.47 8.56 36.21
N SER C 184 -17.68 8.08 35.00
CA SER C 184 -17.01 6.88 34.54
C SER C 184 -16.60 7.02 33.10
N TYR C 185 -15.46 7.66 32.87
CA TYR C 185 -14.98 7.94 31.54
C TYR C 185 -13.48 7.85 31.58
N PRO C 186 -12.92 6.85 30.88
CA PRO C 186 -11.48 6.54 30.89
C PRO C 186 -10.62 7.44 30.00
N ARG C 187 -11.23 8.34 29.23
CA ARG C 187 -10.46 9.20 28.34
C ARG C 187 -10.57 10.69 28.68
N ASP C 188 -9.57 11.48 28.29
CA ASP C 188 -9.62 12.93 28.50
C ASP C 188 -10.78 13.56 27.71
N ILE C 189 -11.05 14.84 27.95
CA ILE C 189 -12.19 15.51 27.31
C ILE C 189 -11.75 16.63 26.36
N ASP C 190 -12.50 16.80 25.27
CA ASP C 190 -12.25 17.88 24.32
C ASP C 190 -13.11 19.10 24.68
N TYR C 191 -12.66 19.87 25.67
CA TYR C 191 -13.44 21.01 26.16
C TYR C 191 -13.56 22.08 25.08
N GLN C 192 -12.48 22.27 24.30
CA GLN C 192 -12.48 23.19 23.16
C GLN C 192 -13.70 22.93 22.30
N GLN C 193 -13.94 21.67 21.95
CA GLN C 193 -15.07 21.30 21.10
C GLN C 193 -16.40 21.47 21.81
N PHE C 194 -16.42 21.31 23.13
CA PHE C 194 -17.63 21.60 23.91
C PHE C 194 -17.93 23.11 23.94
N ARG C 195 -16.87 23.90 24.15
CA ARG C 195 -16.92 25.37 24.05
C ARG C 195 -17.46 25.83 22.69
N GLN C 196 -16.88 25.32 21.62
CA GLN C 196 -17.33 25.58 20.26
C GLN C 196 -18.81 25.24 20.07
N ILE C 197 -19.27 24.13 20.64
CA ILE C 197 -20.69 23.74 20.49
C ILE C 197 -21.60 24.64 21.34
N CYS C 198 -21.12 25.08 22.49
CA CYS C 198 -21.93 25.89 23.39
C CYS C 198 -22.21 27.25 22.75
N ASP C 199 -21.14 27.84 22.22
CA ASP C 199 -21.19 29.11 21.48
C ASP C 199 -22.21 29.10 20.32
N GLU C 200 -22.18 28.05 19.50
CA GLU C 200 -23.10 27.93 18.34
C GLU C 200 -24.54 28.11 18.74
N VAL C 201 -24.80 28.02 20.05
CA VAL C 201 -26.15 27.85 20.56
C VAL C 201 -26.41 28.79 21.75
N ASN C 202 -25.34 29.44 22.22
CA ASN C 202 -25.41 30.41 23.31
C ASN C 202 -25.75 29.72 24.64
N ALA C 203 -24.99 28.67 24.96
CA ALA C 203 -25.14 27.97 26.23
C ALA C 203 -23.92 28.19 27.08
N TYR C 204 -24.06 27.96 28.38
CA TYR C 204 -22.90 27.92 29.27
C TYR C 204 -22.19 26.58 29.16
N LEU C 205 -20.89 26.56 29.45
CA LEU C 205 -20.14 25.31 29.49
C LEU C 205 -19.87 24.92 30.93
N PHE C 206 -20.40 23.75 31.28
CA PHE C 206 -20.31 23.22 32.63
C PHE C 206 -19.35 22.04 32.64
N ALA C 207 -18.26 22.19 33.37
CA ALA C 207 -17.29 21.14 33.55
C ALA C 207 -17.27 20.56 34.97
N ASP C 208 -17.72 19.31 35.10
CA ASP C 208 -17.63 18.57 36.37
C ASP C 208 -16.42 17.63 36.35
N ILE C 209 -15.35 18.04 37.04
CA ILE C 209 -14.05 17.37 36.99
C ILE C 209 -13.73 16.62 38.29
N SER C 210 -14.77 16.24 39.02
CA SER C 210 -14.67 15.46 40.26
C SER C 210 -13.75 14.24 40.21
N HIS C 211 -13.79 13.48 39.12
CA HIS C 211 -12.93 12.30 39.02
C HIS C 211 -11.51 12.59 38.61
N ILE C 212 -11.32 13.72 37.92
CA ILE C 212 -10.03 13.97 37.32
C ILE C 212 -9.40 15.26 37.86
N SER C 213 -9.99 15.78 38.93
CA SER C 213 -9.61 17.10 39.48
C SER C 213 -8.09 17.27 39.58
N SER C 214 -7.41 16.30 40.16
CA SER C 214 -5.96 16.34 40.37
C SER C 214 -5.15 16.46 39.09
N PHE C 215 -5.60 15.78 38.02
CA PHE C 215 -4.96 15.89 36.71
C PHE C 215 -5.07 17.32 36.18
N VAL C 216 -6.23 17.94 36.38
CA VAL C 216 -6.46 19.28 35.88
C VAL C 216 -5.51 20.24 36.57
N ALA C 217 -5.43 20.12 37.89
CA ALA C 217 -4.60 20.99 38.71
C ALA C 217 -3.10 20.88 38.44
N CYS C 218 -2.66 19.76 37.88
CA CYS C 218 -1.24 19.39 37.86
C CYS C 218 -0.63 19.48 36.47
N ASN C 219 -1.45 19.95 35.54
CA ASN C 219 -1.16 20.04 34.10
C ASN C 219 -0.77 18.73 33.41
N ILE C 220 -1.48 17.68 33.81
CA ILE C 220 -1.34 16.36 33.22
C ILE C 220 -2.44 16.17 32.18
N LEU C 221 -3.65 16.64 32.46
CA LEU C 221 -4.74 16.53 31.49
C LEU C 221 -5.22 17.89 31.01
N ASN C 222 -6.09 17.90 30.01
CA ASN C 222 -6.63 19.13 29.45
C ASN C 222 -7.23 20.05 30.51
N ASN C 223 -6.93 21.34 30.38
CA ASN C 223 -7.41 22.35 31.31
C ASN C 223 -8.77 22.91 30.95
N PRO C 224 -9.80 22.54 31.72
CA PRO C 224 -11.16 22.97 31.40
C PRO C 224 -11.37 24.45 31.73
N PHE C 225 -10.56 25.01 32.63
CA PHE C 225 -10.70 26.42 33.00
C PHE C 225 -10.50 27.39 31.83
N LEU C 226 -9.76 26.95 30.80
CA LEU C 226 -9.49 27.78 29.64
C LEU C 226 -10.73 27.99 28.78
N HIS C 227 -11.73 27.12 28.94
CA HIS C 227 -12.98 27.20 28.14
C HIS C 227 -14.26 27.32 28.94
N ALA C 228 -14.25 26.85 30.19
CA ALA C 228 -15.51 26.72 30.92
C ALA C 228 -15.97 28.00 31.59
N ASP C 229 -17.29 28.18 31.58
CA ASP C 229 -17.97 29.13 32.44
C ASP C 229 -17.99 28.69 33.89
N VAL C 230 -18.44 27.44 34.13
CA VAL C 230 -18.44 26.89 35.50
C VAL C 230 -17.68 25.58 35.56
N VAL C 231 -16.86 25.44 36.58
CA VAL C 231 -16.26 24.15 36.86
C VAL C 231 -16.63 23.71 38.27
N THR C 232 -17.14 22.49 38.39
CA THR C 232 -17.34 21.89 39.74
C THR C 232 -16.38 20.72 39.98
N THR C 233 -16.08 20.50 41.24
CA THR C 233 -15.34 19.34 41.67
C THR C 233 -15.63 18.97 43.14
N THR C 234 -15.78 17.66 43.40
CA THR C 234 -15.79 17.17 44.76
C THR C 234 -14.38 17.33 45.27
N THR C 235 -14.21 17.26 46.57
CA THR C 235 -12.89 17.40 47.14
C THR C 235 -12.31 16.05 47.57
N HIS C 236 -13.12 14.98 47.53
CA HIS C 236 -12.81 13.70 48.23
C HIS C 236 -12.30 12.52 47.43
N LYS C 237 -12.34 12.62 46.11
CA LYS C 237 -11.90 11.51 45.29
C LYS C 237 -10.39 11.62 45.07
N ILE C 238 -9.99 11.78 43.81
CA ILE C 238 -8.57 11.89 43.45
C ILE C 238 -7.88 13.05 44.17
N LEU C 239 -8.64 14.10 44.50
CA LEU C 239 -8.10 15.25 45.22
C LEU C 239 -7.73 14.90 46.65
N ARG C 240 -8.35 13.84 47.16
CA ARG C 240 -7.94 13.22 48.42
C ARG C 240 -8.26 14.14 49.60
N GLY C 241 -9.34 14.90 49.47
CA GLY C 241 -9.77 15.83 50.52
C GLY C 241 -10.90 15.25 51.33
N PRO C 242 -11.59 16.07 52.12
CA PRO C 242 -12.77 15.59 52.81
C PRO C 242 -13.91 15.48 51.82
N ARG C 243 -15.07 15.07 52.32
CA ARG C 243 -16.23 15.00 51.49
C ARG C 243 -16.81 16.41 51.50
N SER C 244 -16.73 17.06 50.34
CA SER C 244 -17.19 18.43 50.17
C SER C 244 -17.06 18.76 48.71
N ALA C 245 -17.45 19.97 48.34
CA ALA C 245 -17.29 20.34 46.95
C ALA C 245 -16.95 21.84 46.72
N LEU C 246 -16.64 22.17 45.47
CA LEU C 246 -16.19 23.52 45.07
C LEU C 246 -16.91 23.91 43.79
N ILE C 247 -17.37 25.15 43.72
CA ILE C 247 -17.92 25.70 42.48
C ILE C 247 -17.02 26.85 42.05
N PHE C 248 -16.46 26.72 40.86
CA PHE C 248 -15.65 27.77 40.25
C PHE C 248 -16.48 28.45 39.18
N PHE C 249 -16.35 29.76 39.06
CA PHE C 249 -17.08 30.50 38.02
C PHE C 249 -16.19 31.56 37.36
N ASN C 250 -16.29 31.64 36.04
CA ASN C 250 -15.52 32.63 35.27
C ASN C 250 -16.22 33.99 35.28
N LYS C 251 -15.75 34.89 36.14
CA LYS C 251 -16.38 36.21 36.25
C LYS C 251 -15.97 37.14 35.11
N LYS C 252 -14.81 36.87 34.51
CA LYS C 252 -14.37 37.56 33.29
C LYS C 252 -15.30 37.25 32.11
N ARG C 253 -15.71 35.99 31.98
CA ARG C 253 -16.58 35.61 30.86
C ARG C 253 -18.04 35.95 31.13
N ASN C 254 -18.41 36.03 32.41
CA ASN C 254 -19.79 36.34 32.80
C ASN C 254 -19.87 37.12 34.11
N PRO C 255 -19.65 38.44 34.06
CA PRO C 255 -19.85 39.25 35.28
C PRO C 255 -21.30 39.14 35.78
N GLY C 256 -21.47 39.28 37.08
CA GLY C 256 -22.78 39.04 37.70
C GLY C 256 -23.14 37.56 37.81
N ILE C 257 -22.18 36.68 37.53
CA ILE C 257 -22.34 35.27 37.83
C ILE C 257 -21.95 34.99 39.28
N GLU C 258 -21.02 35.80 39.81
CA GLU C 258 -20.56 35.63 41.18
C GLU C 258 -21.70 35.70 42.18
N GLN C 259 -22.61 36.66 41.95
CA GLN C 259 -23.78 36.81 42.81
C GLN C 259 -24.75 35.64 42.62
N LYS C 260 -24.99 35.25 41.38
CA LYS C 260 -25.94 34.16 41.08
C LYS C 260 -25.52 32.80 41.71
N ILE C 261 -24.21 32.52 41.70
CA ILE C 261 -23.68 31.31 42.30
C ILE C 261 -23.65 31.39 43.83
N ASN C 262 -23.19 32.52 44.36
CA ASN C 262 -23.07 32.64 45.80
C ASN C 262 -24.43 32.62 46.51
N SER C 263 -25.48 33.01 45.81
CA SER C 263 -26.79 33.11 46.43
C SER C 263 -27.64 31.85 46.22
N ALA C 264 -27.32 31.10 45.17
CA ALA C 264 -27.85 29.76 44.97
C ALA C 264 -27.39 28.77 46.06
N VAL C 265 -26.16 28.91 46.53
CA VAL C 265 -25.64 28.08 47.61
C VAL C 265 -26.34 28.51 48.90
N PHE C 266 -26.24 29.80 49.20
CA PHE C 266 -26.98 30.40 50.30
C PHE C 266 -27.50 31.74 49.84
N PRO C 267 -28.76 32.03 50.10
CA PRO C 267 -29.73 31.28 50.90
C PRO C 267 -30.71 30.46 50.08
N SER C 268 -30.45 30.27 48.79
CA SER C 268 -31.32 29.42 48.02
C SER C 268 -31.41 27.95 48.52
N PHE C 269 -30.27 27.31 48.80
CA PHE C 269 -30.26 25.85 49.05
C PHE C 269 -29.81 25.45 50.44
N GLN C 270 -28.68 25.99 50.89
CA GLN C 270 -28.09 25.61 52.16
C GLN C 270 -28.35 26.69 53.19
N GLY C 271 -28.10 26.36 54.46
CA GLY C 271 -28.03 27.36 55.51
C GLY C 271 -26.60 27.45 56.04
N GLY C 272 -26.43 27.16 57.33
CA GLY C 272 -25.11 27.25 57.95
C GLY C 272 -24.10 26.40 57.19
N PRO C 273 -22.96 26.99 56.81
CA PRO C 273 -21.87 26.18 56.20
C PRO C 273 -21.24 25.26 57.24
N HIS C 274 -20.67 24.14 56.78
CA HIS C 274 -19.96 23.22 57.67
C HIS C 274 -18.51 23.59 57.75
N ASN C 275 -18.14 24.26 58.84
CA ASN C 275 -16.84 24.90 58.92
C ASN C 275 -15.67 23.94 59.11
N ASN C 276 -15.91 22.82 59.75
CA ASN C 276 -14.91 21.73 59.83
C ASN C 276 -14.54 21.21 58.44
N LYS C 277 -15.51 21.17 57.53
CA LYS C 277 -15.28 20.81 56.14
C LYS C 277 -14.41 21.83 55.40
N ILE C 278 -14.74 23.10 55.58
CA ILE C 278 -13.97 24.19 54.99
C ILE C 278 -12.51 24.14 55.50
N ALA C 279 -12.33 23.99 56.81
CA ALA C 279 -11.00 23.78 57.38
C ALA C 279 -10.29 22.60 56.70
N ALA C 280 -10.98 21.46 56.57
CA ALA C 280 -10.36 20.29 55.95
C ALA C 280 -10.00 20.53 54.49
N VAL C 281 -10.86 21.20 53.76
CA VAL C 281 -10.56 21.54 52.36
C VAL C 281 -9.32 22.42 52.26
N ALA C 282 -9.24 23.46 53.10
CA ALA C 282 -8.04 24.30 53.20
C ALA C 282 -6.79 23.46 53.37
N CYS C 283 -6.82 22.55 54.33
CA CYS C 283 -5.66 21.70 54.67
C CYS C 283 -5.20 20.80 53.52
N GLN C 284 -6.14 20.35 52.69
CA GLN C 284 -5.77 19.51 51.56
C GLN C 284 -5.30 20.33 50.39
N LEU C 285 -5.92 21.50 50.18
CA LEU C 285 -5.59 22.36 49.05
C LEU C 285 -4.18 22.94 49.15
N LYS C 286 -3.67 23.06 50.38
CA LYS C 286 -2.27 23.38 50.58
C LYS C 286 -1.43 22.25 50.00
N GLU C 287 -1.70 21.02 50.46
CA GLU C 287 -1.00 19.82 50.00
C GLU C 287 -1.07 19.64 48.48
N VAL C 288 -2.24 19.86 47.90
CA VAL C 288 -2.43 19.71 46.46
C VAL C 288 -1.43 20.57 45.69
N HIS C 289 -1.07 21.72 46.24
CA HIS C 289 -0.18 22.65 45.52
C HIS C 289 1.29 22.28 45.55
N SER C 290 1.69 21.46 46.54
CA SER C 290 3.07 20.99 46.70
C SER C 290 3.55 20.13 45.53
N PRO C 291 4.88 20.01 45.37
CA PRO C 291 5.41 19.20 44.26
C PRO C 291 5.23 17.70 44.53
N ALA C 292 5.25 17.31 45.80
CA ALA C 292 5.00 15.93 46.24
C ALA C 292 3.64 15.36 45.81
N PHE C 293 2.66 16.24 45.66
CA PHE C 293 1.32 15.82 45.32
C PHE C 293 1.18 15.59 43.82
N LYS C 294 1.89 16.39 43.03
CA LYS C 294 1.91 16.18 41.58
C LYS C 294 2.63 14.85 41.30
N GLU C 295 3.70 14.60 42.04
CA GLU C 295 4.36 13.30 41.98
C GLU C 295 3.33 12.19 42.21
N TYR C 296 2.56 12.30 43.30
CA TYR C 296 1.46 11.36 43.57
C TYR C 296 0.50 11.24 42.39
N THR C 297 -0.01 12.37 41.89
CA THR C 297 -0.92 12.36 40.73
C THR C 297 -0.29 11.68 39.51
N GLN C 298 1.01 11.89 39.32
CA GLN C 298 1.78 11.19 38.27
C GLN C 298 1.78 9.70 38.51
N GLN C 299 1.99 9.28 39.76
CA GLN C 299 2.00 7.86 40.10
C GLN C 299 0.65 7.22 39.79
N VAL C 300 -0.44 7.96 40.04
CA VAL C 300 -1.81 7.53 39.73
C VAL C 300 -1.97 7.21 38.25
N LEU C 301 -1.44 8.06 37.39
CA LEU C 301 -1.52 7.82 35.94
C LEU C 301 -0.62 6.65 35.52
N LEU C 302 0.59 6.63 36.03
CA LEU C 302 1.52 5.57 35.69
C LEU C 302 0.95 4.22 36.09
N ASN C 303 0.39 4.12 37.30
CA ASN C 303 -0.21 2.87 37.77
C ASN C 303 -1.39 2.46 36.93
N SER C 304 -2.17 3.45 36.52
CA SER C 304 -3.33 3.23 35.67
C SER C 304 -2.96 2.66 34.28
N LYS C 305 -1.95 3.26 33.63
CA LYS C 305 -1.35 2.74 32.40
C LYS C 305 -0.79 1.31 32.59
N ALA C 306 0.00 1.10 33.66
CA ALA C 306 0.55 -0.22 33.91
C ALA C 306 -0.55 -1.27 34.08
N LEU C 307 -1.63 -0.90 34.77
CA LEU C 307 -2.74 -1.83 35.05
C LEU C 307 -3.52 -2.16 33.79
N ALA C 308 -3.73 -1.14 32.96
CA ALA C 308 -4.36 -1.30 31.66
C ALA C 308 -3.54 -2.26 30.76
N LYS C 309 -2.25 -1.99 30.66
CA LYS C 309 -1.32 -2.77 29.85
C LYS C 309 -1.26 -4.21 30.37
N ALA C 310 -1.18 -4.38 31.70
CA ALA C 310 -1.16 -5.71 32.32
C ALA C 310 -2.46 -6.49 32.07
N LEU C 311 -3.58 -5.79 32.12
CA LEU C 311 -4.87 -6.38 31.79
C LEU C 311 -4.97 -6.79 30.33
N ILE C 312 -4.37 -6.00 29.44
CA ILE C 312 -4.39 -6.31 28.02
C ILE C 312 -3.54 -7.53 27.80
N SER C 313 -2.35 -7.55 28.41
CA SER C 313 -1.43 -8.68 28.32
C SER C 313 -2.07 -10.03 28.71
N LYS C 314 -3.06 -10.00 29.61
CA LYS C 314 -3.76 -11.22 30.04
C LYS C 314 -5.04 -11.41 29.26
N GLN C 315 -5.20 -10.64 28.16
CA GLN C 315 -6.31 -10.74 27.20
C GLN C 315 -7.65 -10.31 27.74
N ILE C 316 -7.63 -9.27 28.57
CA ILE C 316 -8.87 -8.65 29.03
C ILE C 316 -9.11 -7.36 28.21
N ASP C 317 -10.36 -7.23 27.72
CA ASP C 317 -10.81 -6.05 26.98
C ASP C 317 -11.17 -4.84 27.86
N LEU C 318 -10.71 -3.66 27.43
CA LEU C 318 -11.03 -2.41 28.08
C LEU C 318 -11.80 -1.52 27.12
N VAL C 319 -12.80 -0.80 27.62
CA VAL C 319 -13.57 0.12 26.78
C VAL C 319 -12.70 1.29 26.39
N THR C 320 -12.68 1.59 25.09
CA THR C 320 -11.72 2.53 24.45
C THR C 320 -10.31 1.94 24.39
N ASN C 321 -10.20 0.64 24.69
CA ASN C 321 -8.92 -0.11 24.70
C ASN C 321 -7.76 0.49 25.50
N GLY C 322 -8.08 1.31 26.49
CA GLY C 322 -7.09 1.88 27.43
C GLY C 322 -7.64 3.05 28.24
N THR C 323 -6.73 3.81 28.84
CA THR C 323 -7.09 4.92 29.70
C THR C 323 -6.15 6.14 29.52
N ASP C 324 -6.68 7.35 29.68
CA ASP C 324 -5.85 8.56 29.76
C ASP C 324 -5.71 9.03 31.20
N ASN C 325 -6.54 8.46 32.07
CA ASN C 325 -6.67 8.97 33.41
C ASN C 325 -6.48 7.86 34.41
N HIS C 326 -7.25 7.95 35.49
CA HIS C 326 -7.11 7.11 36.68
C HIS C 326 -8.00 5.88 36.60
N LEU C 327 -8.84 5.78 35.56
CA LEU C 327 -9.80 4.68 35.51
C LEU C 327 -9.91 3.89 34.21
N ILE C 328 -10.25 2.63 34.41
CA ILE C 328 -10.27 1.65 33.39
C ILE C 328 -11.65 1.08 33.54
N VAL C 329 -12.35 0.85 32.42
CA VAL C 329 -13.61 0.13 32.46
C VAL C 329 -13.37 -1.16 31.70
N VAL C 330 -13.60 -2.30 32.35
CA VAL C 330 -13.37 -3.61 31.74
C VAL C 330 -14.64 -4.09 31.07
N ASP C 331 -14.51 -4.45 29.79
CA ASP C 331 -15.57 -5.08 28.99
C ASP C 331 -15.50 -6.60 29.11
N LEU C 332 -16.52 -7.19 29.72
CA LEU C 332 -16.48 -8.62 30.05
C LEU C 332 -17.27 -9.54 29.11
N ARG C 333 -17.88 -9.01 28.05
CA ARG C 333 -18.64 -9.83 27.07
C ARG C 333 -17.88 -11.15 26.75
N LYS C 334 -16.59 -11.03 26.48
CA LYS C 334 -15.68 -12.15 26.19
C LYS C 334 -15.88 -13.40 27.07
N PHE C 335 -16.26 -13.19 28.33
CA PHE C 335 -16.31 -14.29 29.27
C PHE C 335 -17.75 -14.69 29.60
N SER C 336 -18.71 -14.04 28.95
CA SER C 336 -20.13 -14.29 29.19
C SER C 336 -20.50 -14.22 30.67
N ILE C 337 -19.92 -13.24 31.37
CA ILE C 337 -20.26 -12.94 32.77
C ILE C 337 -20.58 -11.45 32.89
N THR C 338 -21.44 -11.09 33.84
CA THR C 338 -21.79 -9.68 34.05
C THR C 338 -20.88 -9.03 35.06
N GLY C 339 -20.94 -7.70 35.11
CA GLY C 339 -20.22 -6.94 36.13
C GLY C 339 -20.76 -7.18 37.52
N SER C 340 -22.09 -7.33 37.62
CA SER C 340 -22.73 -7.69 38.89
C SER C 340 -22.09 -8.91 39.53
N LYS C 341 -21.92 -9.98 38.75
CA LYS C 341 -21.22 -11.18 39.23
C LYS C 341 -19.78 -10.93 39.69
N LEU C 342 -18.98 -10.25 38.87
CA LEU C 342 -17.55 -10.01 39.21
C LEU C 342 -17.38 -9.18 40.49
N GLN C 343 -18.26 -8.20 40.69
CA GLN C 343 -18.29 -7.38 41.92
C GLN C 343 -18.43 -8.28 43.15
N GLU C 344 -19.42 -9.16 43.11
CA GLU C 344 -19.65 -10.12 44.20
C GLU C 344 -18.44 -11.03 44.42
N THR C 345 -17.86 -11.57 43.33
CA THR C 345 -16.66 -12.38 43.46
C THR C 345 -15.49 -11.62 44.12
N CYS C 346 -15.32 -10.36 43.77
CA CYS C 346 -14.21 -9.55 44.27
C CYS C 346 -14.42 -9.16 45.73
N ASN C 347 -15.67 -8.95 46.12
CA ASN C 347 -15.97 -8.74 47.54
C ASN C 347 -15.55 -9.94 48.37
N ALA C 348 -15.92 -11.14 47.92
CA ALA C 348 -15.46 -12.37 48.57
C ALA C 348 -13.94 -12.42 48.75
N ILE C 349 -13.18 -11.65 47.94
CA ILE C 349 -11.73 -11.64 48.08
C ILE C 349 -11.10 -10.32 48.53
N ASN C 350 -11.93 -9.44 49.12
CA ASN C 350 -11.46 -8.16 49.64
C ASN C 350 -10.91 -7.22 48.56
N VAL C 351 -11.54 -7.28 47.39
CA VAL C 351 -11.24 -6.39 46.30
C VAL C 351 -12.50 -5.59 46.03
N SER C 352 -12.44 -4.28 46.26
CA SER C 352 -13.55 -3.39 46.00
C SER C 352 -13.44 -2.80 44.61
N LEU C 353 -14.45 -3.11 43.80
CA LEU C 353 -14.65 -2.46 42.53
C LEU C 353 -16.15 -2.46 42.38
N ASN C 354 -16.66 -1.83 41.34
CA ASN C 354 -18.11 -1.79 41.11
C ASN C 354 -18.43 -2.05 39.66
N LYS C 355 -19.61 -2.63 39.44
CA LYS C 355 -20.09 -2.93 38.13
C LYS C 355 -20.27 -1.63 37.31
N ASN C 356 -20.07 -1.73 36.00
CA ASN C 356 -20.20 -0.57 35.10
C ASN C 356 -20.82 -0.98 33.77
N THR C 357 -21.67 -0.12 33.24
CA THR C 357 -22.21 -0.39 31.92
C THR C 357 -21.17 -0.18 30.80
N ILE C 358 -21.40 -0.84 29.67
CA ILE C 358 -20.61 -0.67 28.47
C ILE C 358 -21.58 -0.27 27.36
N PRO C 359 -21.08 0.33 26.26
CA PRO C 359 -22.01 0.92 25.29
C PRO C 359 -23.10 -0.05 24.75
N SER C 360 -22.74 -1.32 24.59
CA SER C 360 -23.66 -2.35 24.11
C SER C 360 -24.73 -2.79 25.12
N ASP C 361 -24.62 -2.33 26.37
CA ASP C 361 -25.61 -2.66 27.42
C ASP C 361 -26.87 -1.82 27.24
N VAL C 362 -28.03 -2.46 27.39
CA VAL C 362 -29.30 -1.74 27.23
C VAL C 362 -30.01 -1.44 28.55
N ASP C 363 -29.93 -2.36 29.52
CA ASP C 363 -30.50 -2.12 30.86
C ASP C 363 -29.56 -1.25 31.71
N CYS C 364 -29.25 -1.72 32.92
CA CYS C 364 -28.35 -1.06 33.87
C CYS C 364 -28.30 -1.92 35.14
N VAL C 365 -29.23 -2.89 35.22
CA VAL C 365 -29.31 -3.82 36.35
C VAL C 365 -28.20 -4.87 36.27
N SER C 366 -27.95 -5.37 35.06
CA SER C 366 -26.98 -6.43 34.83
C SER C 366 -25.93 -6.04 33.77
N PRO C 367 -25.08 -5.04 34.08
CA PRO C 367 -24.13 -4.48 33.10
C PRO C 367 -23.00 -5.43 32.73
N SER C 368 -22.28 -5.14 31.65
CA SER C 368 -21.23 -6.05 31.18
C SER C 368 -19.78 -5.60 31.50
N GLY C 369 -19.62 -4.65 32.42
CA GLY C 369 -18.29 -4.24 32.84
C GLY C 369 -18.13 -3.97 34.31
N VAL C 370 -16.90 -3.61 34.68
CA VAL C 370 -16.60 -3.14 36.02
C VAL C 370 -15.73 -1.90 35.88
N ARG C 371 -15.86 -0.98 36.81
CA ARG C 371 -14.98 0.16 36.82
C ARG C 371 -13.91 -0.03 37.87
N ILE C 372 -12.66 0.25 37.51
CA ILE C 372 -11.58 0.24 38.46
C ILE C 372 -10.77 1.52 38.33
N GLY C 373 -10.11 1.93 39.41
CA GLY C 373 -9.29 3.12 39.40
C GLY C 373 -8.15 2.98 40.39
N THR C 374 -7.08 3.75 40.16
CA THR C 374 -5.84 3.60 40.92
C THR C 374 -5.52 4.56 42.05
N PRO C 375 -6.38 5.57 42.32
CA PRO C 375 -5.96 6.59 43.32
C PRO C 375 -5.74 6.08 44.73
N ALA C 376 -6.64 5.24 45.20
CA ALA C 376 -6.57 4.73 46.54
C ALA C 376 -5.35 3.82 46.73
N MET C 377 -5.11 2.91 45.79
CA MET C 377 -3.93 2.03 45.91
C MET C 377 -2.62 2.78 45.76
N THR C 378 -2.61 3.79 44.90
CA THR C 378 -1.46 4.67 44.78
C THR C 378 -1.18 5.32 46.13
N THR C 379 -2.23 5.77 46.80
CA THR C 379 -2.06 6.35 48.12
C THR C 379 -1.37 5.36 49.07
N ARG C 380 -1.72 4.08 48.96
CA ARG C 380 -1.17 3.08 49.87
C ARG C 380 0.24 2.59 49.51
N GLY C 381 0.81 3.14 48.44
CA GLY C 381 2.21 2.87 48.11
C GLY C 381 2.47 1.98 46.91
N ALA C 382 1.41 1.52 46.26
CA ALA C 382 1.53 0.65 45.10
C ALA C 382 2.22 1.37 43.92
N LYS C 383 3.16 0.68 43.28
CA LYS C 383 3.94 1.24 42.16
C LYS C 383 3.61 0.52 40.85
N GLU C 384 4.29 0.89 39.76
CA GLU C 384 3.93 0.28 38.47
C GLU C 384 3.97 -1.25 38.53
N LYS C 385 5.03 -1.77 39.16
CA LYS C 385 5.31 -3.20 39.24
C LYS C 385 4.27 -3.97 40.06
N ASP C 386 3.58 -3.26 40.94
CA ASP C 386 2.54 -3.83 41.81
C ASP C 386 1.23 -4.03 41.06
N MET C 387 1.12 -3.43 39.88
CA MET C 387 -0.09 -3.53 39.07
C MET C 387 -0.26 -4.91 38.46
N GLU C 388 0.87 -5.54 38.11
CA GLU C 388 0.86 -6.90 37.58
C GLU C 388 0.10 -7.86 38.51
N PHE C 389 0.46 -7.84 39.80
CA PHE C 389 -0.22 -8.59 40.86
C PHE C 389 -1.73 -8.33 40.92
N ILE C 390 -2.13 -7.05 40.83
CA ILE C 390 -3.54 -6.66 40.86
C ILE C 390 -4.28 -7.15 39.61
N ALA C 391 -3.61 -6.99 38.47
CA ALA C 391 -4.07 -7.56 37.22
C ALA C 391 -4.26 -9.08 37.38
N ASP C 392 -3.22 -9.74 37.88
CA ASP C 392 -3.23 -11.19 38.17
C ASP C 392 -4.41 -11.57 39.08
N VAL C 393 -4.59 -10.86 40.19
CA VAL C 393 -5.73 -11.13 41.08
C VAL C 393 -7.08 -11.01 40.37
N LEU C 394 -7.19 -10.02 39.48
CA LEU C 394 -8.46 -9.74 38.80
C LEU C 394 -8.77 -10.80 37.74
N ALA C 395 -7.72 -11.20 37.01
CA ALA C 395 -7.79 -12.31 36.06
C ALA C 395 -8.24 -13.58 36.77
N ARG C 396 -7.58 -13.88 37.90
CA ARG C 396 -7.89 -15.07 38.70
C ARG C 396 -9.35 -15.06 39.14
N ALA C 397 -9.87 -13.87 39.47
CA ALA C 397 -11.26 -13.68 39.90
C ALA C 397 -12.25 -13.75 38.75
N ILE C 398 -11.85 -13.28 37.58
CA ILE C 398 -12.69 -13.41 36.39
C ILE C 398 -12.89 -14.89 36.11
N LYS C 399 -11.82 -15.66 36.25
CA LYS C 399 -11.82 -17.09 36.05
C LYS C 399 -12.76 -17.85 37.03
N ILE C 400 -12.62 -17.56 38.32
CA ILE C 400 -13.49 -18.16 39.34
C ILE C 400 -14.95 -17.87 39.06
N THR C 401 -15.21 -16.67 38.52
CA THR C 401 -16.58 -16.25 38.21
C THR C 401 -17.16 -17.03 37.04
N VAL C 402 -16.32 -17.34 36.05
CA VAL C 402 -16.71 -18.18 34.92
C VAL C 402 -17.06 -19.59 35.42
N ASP C 403 -16.18 -20.15 36.25
CA ASP C 403 -16.34 -21.50 36.83
C ASP C 403 -17.58 -21.63 37.72
N LEU C 404 -17.81 -20.64 38.58
CA LEU C 404 -18.95 -20.63 39.47
C LEU C 404 -20.25 -20.45 38.71
N GLN C 405 -20.21 -19.71 37.61
CA GLN C 405 -21.38 -19.54 36.78
C GLN C 405 -21.75 -20.84 36.03
N GLU C 406 -20.74 -21.62 35.61
CA GLU C 406 -20.99 -22.89 34.96
C GLU C 406 -21.59 -23.91 35.96
N GLN C 407 -21.13 -23.80 37.20
CA GLN C 407 -21.56 -24.69 38.27
C GLN C 407 -22.97 -24.40 38.81
N TYR C 408 -23.37 -23.12 38.84
CA TYR C 408 -24.61 -22.68 39.52
C TYR C 408 -25.64 -21.95 38.64
N GLY C 409 -25.23 -21.43 37.48
CA GLY C 409 -26.17 -20.78 36.56
C GLY C 409 -26.03 -19.26 36.42
N LYS C 410 -26.81 -18.67 35.52
CA LYS C 410 -26.67 -17.26 35.13
C LYS C 410 -27.51 -16.28 35.94
N LYS C 411 -28.23 -16.79 36.93
CA LYS C 411 -29.05 -15.92 37.76
C LYS C 411 -28.29 -15.57 39.03
N LEU C 412 -28.25 -14.28 39.34
CA LEU C 412 -27.39 -13.77 40.41
C LEU C 412 -27.70 -14.40 41.77
N VAL C 413 -28.99 -14.65 42.02
CA VAL C 413 -29.44 -15.33 43.24
C VAL C 413 -28.62 -16.61 43.43
N ASP C 414 -28.71 -17.49 42.44
CA ASP C 414 -28.05 -18.78 42.47
C ASP C 414 -26.54 -18.61 42.58
N PHE C 415 -25.96 -17.77 41.71
CA PHE C 415 -24.53 -17.51 41.67
C PHE C 415 -23.92 -17.24 43.05
N LYS C 416 -24.52 -16.36 43.84
CA LYS C 416 -23.95 -15.94 45.14
C LYS C 416 -23.78 -17.11 46.12
N LYS C 417 -24.60 -18.14 45.96
CA LYS C 417 -24.53 -19.34 46.80
C LYS C 417 -23.21 -20.09 46.63
N GLY C 418 -22.56 -19.89 45.47
CA GLY C 418 -21.26 -20.48 45.20
C GLY C 418 -20.12 -19.86 45.99
N LEU C 419 -20.26 -18.58 46.35
CA LEU C 419 -19.16 -17.79 46.92
C LEU C 419 -18.66 -18.25 48.29
N PRO C 420 -19.58 -18.49 49.25
CA PRO C 420 -19.13 -18.89 50.58
C PRO C 420 -18.56 -20.29 50.55
N GLY C 421 -17.41 -20.48 51.20
CA GLY C 421 -16.80 -21.81 51.30
C GLY C 421 -15.78 -22.15 50.23
N ASN C 422 -15.97 -21.61 49.01
CA ASN C 422 -15.07 -21.87 47.88
C ASN C 422 -13.60 -21.75 48.27
N ALA C 423 -12.90 -22.88 48.19
CA ALA C 423 -11.47 -23.00 48.53
C ALA C 423 -10.58 -21.96 47.85
N GLN C 424 -10.81 -21.75 46.56
CA GLN C 424 -9.99 -20.84 45.75
C GLN C 424 -10.12 -19.36 46.17
N LEU C 425 -11.36 -18.91 46.39
CA LEU C 425 -11.58 -17.55 46.90
C LEU C 425 -10.91 -17.29 48.24
N GLN C 426 -10.89 -18.29 49.11
CA GLN C 426 -10.27 -18.18 50.45
C GLN C 426 -8.75 -18.17 50.34
N GLN C 427 -8.25 -18.88 49.34
CA GLN C 427 -6.82 -18.84 49.03
C GLN C 427 -6.49 -17.44 48.49
N LEU C 428 -7.38 -16.90 47.64
CA LEU C 428 -7.11 -15.63 46.98
C LEU C 428 -7.30 -14.45 47.93
N LYS C 429 -8.40 -14.46 48.68
CA LYS C 429 -8.59 -13.51 49.79
C LYS C 429 -7.32 -13.38 50.65
N GLN C 430 -6.74 -14.50 51.05
CA GLN C 430 -5.58 -14.52 51.95
C GLN C 430 -4.33 -13.92 51.34
N GLU C 431 -4.16 -14.08 50.03
CA GLU C 431 -3.03 -13.45 49.35
C GLU C 431 -3.26 -11.94 49.37
N VAL C 432 -4.49 -11.53 49.06
CA VAL C 432 -4.89 -10.13 49.05
C VAL C 432 -4.66 -9.49 50.42
N VAL C 433 -5.31 -10.06 51.44
CA VAL C 433 -5.25 -9.58 52.83
C VAL C 433 -3.80 -9.42 53.31
N THR C 434 -2.92 -10.33 52.90
CA THR C 434 -1.53 -10.33 53.32
C THR C 434 -0.73 -9.25 52.61
N TRP C 435 -0.99 -9.04 51.32
CA TRP C 435 -0.32 -7.94 50.62
C TRP C 435 -0.89 -6.61 50.99
N ALA C 436 -2.21 -6.52 51.08
CA ALA C 436 -2.89 -5.25 51.47
C ALA C 436 -2.62 -4.81 52.90
N GLY C 437 -2.81 -5.75 53.82
CA GLY C 437 -2.62 -5.49 55.27
C GLY C 437 -1.33 -4.77 55.64
N ALA C 438 -0.29 -4.95 54.84
CA ALA C 438 1.04 -4.44 55.17
C ALA C 438 1.47 -3.21 54.38
N LEU C 439 0.60 -2.74 53.49
CA LEU C 439 0.85 -1.48 52.78
C LEU C 439 0.61 -0.24 53.67
N PRO C 440 1.41 0.82 53.49
CA PRO C 440 1.23 2.10 54.16
C PRO C 440 -0.24 2.51 54.22
N PHE C 441 -0.66 3.01 55.38
CA PHE C 441 -2.08 3.25 55.67
C PHE C 441 -2.29 4.50 56.54
N PRO C 442 -2.87 5.56 55.96
CA PRO C 442 -3.25 6.70 56.79
C PRO C 442 -4.65 6.50 57.39
C 1W9 D . 15.16 -13.18 -33.47
N 1W9 D . 16.18 -11.89 -31.52
O 1W9 D . 15.94 -14.14 -33.32
P 1W9 D . 13.22 -9.69 -27.12
N1 1W9 D . 18.77 -12.09 -27.29
C2 1W9 D . 18.86 -12.90 -28.27
C3 1W9 D . 17.89 -12.93 -29.26
O3 1W9 D . 18.07 -13.81 -30.26
C4 1W9 D . 16.81 -12.07 -29.23
C5 1W9 D . 16.76 -11.23 -28.13
C6 1W9 D . 17.79 -11.29 -27.19
CA 1W9 D . 15.47 -11.85 -32.82
CB 1W9 D . 14.21 -11.06 -32.62
OG 1W9 D . 14.45 -9.87 -31.88
O1P 1W9 D . 12.36 -10.48 -26.14
C2A 1W9 D . 20.04 -13.87 -28.36
O2P 1W9 D . 13.74 -8.39 -26.57
O3P 1W9 D . 12.67 -9.61 -28.52
C4A 1W9 D . 15.78 -12.12 -30.33
O4P 1W9 D . 14.48 -10.68 -27.29
C5A 1W9 D . 15.67 -10.19 -27.90
OXT 1W9 D . 14.37 -13.18 -34.45
N1 FON E . 19.59 -11.02 -36.61
C2 FON E . 20.58 -10.89 -35.73
NA2 FON E . 21.69 -11.66 -35.89
N3 FON E . 20.53 -10.04 -34.66
C4 FON E . 19.47 -9.24 -34.40
O4 FON E . 19.45 -8.45 -33.41
C4A FON E . 18.34 -9.37 -35.35
N5 FON E . 17.17 -8.64 -35.35
C6 FON E . 16.98 -8.18 -36.75
C7 FON E . 16.39 -9.39 -37.47
N8 FON E . 17.44 -10.41 -37.38
C8A FON E . 18.48 -10.30 -36.49
C9 FON E . 16.26 -6.85 -36.86
N10 FON E . 17.19 -5.96 -36.21
C11 FON E . 19.44 -2.86 -37.77
C12 FON E . 19.53 -4.13 -38.37
C13 FON E . 18.79 -5.20 -37.87
C14 FON E . 17.94 -4.99 -36.79
C15 FON E . 17.87 -3.74 -36.19
C16 FON E . 18.61 -2.67 -36.69
C FON E . 20.23 -1.68 -38.26
O FON E . 21.18 -1.85 -39.00
N FON E . 19.83 -0.47 -37.83
CA FON E . 20.02 0.80 -38.51
CB FON E . 19.33 0.83 -39.87
CG FON E . 20.18 1.56 -40.91
CD FON E . 19.88 1.03 -42.31
OE1 FON E . 18.85 0.31 -42.47
OE2 FON E . 20.67 1.32 -43.23
CT FON E . 19.47 1.93 -37.68
O1 FON E . 18.48 1.70 -36.94
O2 FON E . 20.02 3.06 -37.75
CP1 FON E . 16.42 -8.48 -34.33
O3 FON E . 16.29 -7.42 -33.73
C1 GOL F . 25.58 -17.10 -41.09
O1 GOL F . 25.64 -16.48 -42.38
C2 GOL F . 26.90 -16.86 -40.36
O2 GOL F . 26.94 -15.54 -39.83
C3 GOL F . 27.03 -17.89 -39.24
O3 GOL F . 27.03 -17.14 -38.01
C1 GOL G . 21.43 -10.57 -40.38
O1 GOL G . 21.42 -12.01 -40.28
C2 GOL G . 20.16 -10.09 -41.06
O2 GOL G . 19.02 -10.66 -40.42
C3 GOL G . 20.09 -8.57 -40.99
O3 GOL G . 18.75 -8.13 -41.29
C 1W9 H . 2.47 3.65 -8.39
N 1W9 H . 4.25 4.25 -10.07
O 1W9 H . 2.11 2.92 -7.44
P 1W9 H . 5.49 0.77 -14.68
N1 1W9 H . 5.34 6.79 -14.10
C2 1W9 H . 4.59 7.17 -13.15
C3 1W9 H . 4.12 6.25 -12.21
O3 1W9 H . 3.31 6.64 -11.19
C4 1W9 H . 4.49 4.91 -12.32
C5 1W9 H . 5.32 4.56 -13.39
C6 1W9 H . 5.72 5.58 -14.26
CA 1W9 H . 3.90 3.52 -8.84
CB 1W9 H . 4.22 2.07 -9.13
OG 1W9 H . 5.61 1.91 -8.90
O1P 1W9 H . 5.18 0.24 -13.28
C2A 1W9 H . 4.19 8.63 -13.02
O2P 1W9 H . 4.50 0.35 -15.74
O3P 1W9 H . 6.94 0.62 -15.06
C4A 1W9 H . 4.00 3.93 -11.29
O4P 1W9 H . 5.19 2.34 -14.58
C5A 1W9 H . 5.85 3.14 -13.59
OXT 1W9 H . 1.81 4.67 -8.71
N1 FON I . 5.93 6.58 -4.61
C2 FON I . 6.45 7.56 -5.36
NA2 FON I . 6.09 8.84 -5.13
N3 FON I . 7.31 7.32 -6.38
C4 FON I . 7.75 6.08 -6.73
O4 FON I . 8.56 5.89 -7.66
C4A FON I . 7.18 4.97 -5.93
N5 FON I . 7.48 3.61 -6.03
C6 FON I . 7.76 3.15 -4.66
C7 FON I . 6.36 2.97 -4.07
N8 FON I . 5.73 4.29 -4.08
C8A FON I . 6.24 5.31 -4.83
C9 FON I . 8.70 1.96 -4.55
N10 FON I . 9.97 2.44 -5.04
C11 FON I . 13.46 3.45 -3.00
C12 FON I . 12.22 3.92 -2.52
C13 FON I . 11.02 3.60 -3.17
C14 FON I . 11.06 2.79 -4.30
C15 FON I . 12.29 2.34 -4.79
C16 FON I . 13.49 2.66 -4.14
C FON I . 14.78 3.77 -2.33
O FON I . 14.84 4.66 -1.50
N FON I . 15.86 3.09 -2.73
CA FON I . 16.87 2.45 -1.88
CB FON I . 16.23 1.42 -0.94
CG FON I . 16.36 1.80 0.54
CD FON I . 17.05 0.68 1.28
OE1 FON I . 16.47 -0.44 1.36
OE2 FON I . 18.18 0.90 1.80
CT FON I . 17.92 1.76 -2.74
O1 FON I . 17.54 1.09 -3.74
O2 FON I . 19.13 1.89 -2.43
CP1 FON I . 7.42 2.94 -7.11
O3 FON I . 8.35 2.30 -7.60
C1 GOL J . 14.30 -2.65 -22.83
O1 GOL J . 15.50 -2.36 -22.09
C2 GOL J . 13.14 -1.72 -22.41
O2 GOL J . 13.59 -0.61 -21.62
C3 GOL J . 12.09 -2.53 -21.65
O3 GOL J . 11.35 -3.46 -22.47
C 1W9 K . -18.39 7.86 42.04
N 1W9 K . -19.75 10.05 41.73
O 1W9 K . -17.65 8.02 41.03
P 1W9 K . -21.13 13.46 46.05
N1 1W9 K . -20.12 14.60 40.12
C2 1W9 K . -19.43 13.64 39.68
C3 1W9 K . -19.26 12.47 40.43
O3 1W9 K . -18.50 11.46 39.90
C4 1W9 K . -19.86 12.35 41.67
C5 1W9 K . -20.64 13.44 42.10
C6 1W9 K . -20.70 14.56 41.26
CA 1W9 K . -19.70 8.61 42.01
CB 1W9 K . -20.54 8.40 43.26
OG 1W9 K . -21.55 7.53 42.76
O1P 1W9 K . -20.11 14.23 46.87
C2A 1W9 K . -18.75 13.74 38.33
O2P 1W9 K . -22.53 14.03 46.04
O3P 1W9 K . -21.14 11.97 46.25
C4A 1W9 K . -19.73 11.09 42.46
O4P 1W9 K . -20.55 13.56 44.57
C5A 1W9 K . -21.39 13.50 43.41
OXT 1W9 K . -18.42 6.72 42.57
N1 FON L . -21.86 5.59 37.66
C2 FON L . -22.10 6.64 36.87
NA2 FON L . -21.56 6.69 35.63
N3 FON L . -22.88 7.68 37.26
C4 FON L . -23.47 7.74 38.47
O4 FON L . -24.19 8.73 38.78
C4A FON L . -23.21 6.61 39.39
N5 FON L . -23.76 6.45 40.66
C6 FON L . -24.16 5.02 40.74
C7 FON L . -22.86 4.25 40.96
N8 FON L . -22.12 4.43 39.71
C8A FON L . -22.36 5.50 38.89
C9 FON L . -25.34 4.73 41.66
N10 FON L . -26.41 5.54 41.14
C11 FON L . -29.94 4.41 39.25
C12 FON L . -28.72 3.84 38.81
C13 FON L . -27.51 4.20 39.43
C14 FON L . -27.52 5.11 40.49
C15 FON L . -28.73 5.67 40.90
C16 FON L . -29.93 5.31 40.31
C FON L . -31.28 4.08 38.66
O FON L . -31.37 3.55 37.54
N FON L . -32.36 4.39 39.39
CA FON L . -33.69 3.81 39.28
CB FON L . -33.70 2.35 39.71
CG FON L . -34.39 1.48 38.65
CD FON L . -34.49 0.06 39.14
OE1 FON L . -34.31 -0.17 40.35
OE2 FON L . -34.76 -0.84 38.31
CT FON L . -34.74 4.57 40.08
O1 FON L . -34.38 5.15 41.14
O2 FON L . -35.92 4.58 39.65
CP1 FON L . -23.90 7.40 41.50
O3 FON L . -24.18 7.28 42.69
C TRS M . -18.38 4.19 29.31
C1 TRS M . -17.71 2.88 28.93
C2 TRS M . -17.70 5.39 28.66
C3 TRS M . -18.32 4.34 30.84
N TRS M . -19.76 4.12 28.78
O1 TRS M . -18.30 1.78 29.63
O2 TRS M . -16.36 5.09 28.19
O3 TRS M . -19.56 4.11 31.54
C1 ETF N . -14.51 34.51 45.61
C2 ETF N . -15.98 34.17 45.40
O ETF N . -16.82 35.08 46.15
F1 ETF N . -13.75 33.55 45.12
F2 ETF N . -14.26 35.67 45.01
F3 ETF N . -14.25 34.61 46.90
#